data_8E3J
#
_entry.id   8E3J
#
_cell.length_a   135.207
_cell.length_b   179.208
_cell.length_c   180.590
_cell.angle_alpha   90.000
_cell.angle_beta   90.000
_cell.angle_gamma   90.000
#
_symmetry.space_group_name_H-M   'I 2 2 2'
#
loop_
_entity.id
_entity.type
_entity.pdbx_description
1 polymer 'Chaetomium alpha glucosidase'
2 non-polymer GLYCEROL
3 non-polymer (2R,3R,4R,5S)-2-(hydroxymethyl)-1-{6-[2-nitro-4-(pyrimidin-2-yl)anilino]hexyl}piperidine-3,4,5-triol
4 non-polymer 'SULFATE ION'
5 non-polymer 2-acetamido-2-deoxy-beta-D-glucopyranose
6 water water
#
_entity_poly.entity_id   1
_entity_poly.type   'polypeptide(L)'
_entity_poly.pdbx_seq_one_letter_code
;MGILPSPGMPALLSLVSLLSVLLMGCVAETGVEGESILHSEIGRLNNQSLLWGPYRPNIYFGTRPRIGKSLMTGLMWGKI
ESYTDFQHTVRYTCEQNEGMKGYGWDEYDPRRGGIQSIHDIQNGLDITTSFVKIPGGAHGGSWAARIKGTLNDDAPKDQK
TIVVFYVSQEGENSELEAVPSENEFGYEGDVILKGRSEALGNYKLVVTKGKGVIPQSDHDLSRLRGPGQTVVQSLTYPDE
VLWQAKPILFQQLKAGIDWLVENKYDVADPPPPWQVYLLANKPGSGNVHIVQKVFEGDFEFDILFSSESAGKEVTSKDLE
REVKQATEVFGERFARVFDLKAPFQGDNYKKFGKSMFSNLIGGIGYFYGHSLVDRSYAPEYDEENEGFWEDAAEARARHQ
EALEGPYELFTSIPSRPFFPRGFLWDEGFHLLPIADWDIDLALEIIKSWYNLMDEDGWIAREQILGAEARSKVPKEFQTQ
YPHYANPPTLFLVLDNFVERLRKNNASQPVVKDNLSLDETLSTASVDNPEVGLEYLRRLYPLLRRQFDWFRKTQAGDIKS
YDREAYSTKEAYRWRGRTVSHCLTSGLDDYPRPQPPHPGELHVDLMSWVGVMVKSLISIGSLLGATEDVEFYTKVLDAIE
HNLDDLHWSEKEGCYCDATIDEFEEHKLVCHKGYISLFPFLTGLLKPDSPKLGKLLALIGDESELWSPYGLRSLSKKDEF
YGTAENYWRSPVWININYLAIVQLYNIATQDGPYKETARDLYTRLRKNIVETVYRNWEETGFAWEQYNPETGKGQRTQHF
TGWTSLVVKIMSGHHHHHH
;
_entity_poly.pdbx_strand_id   A,B
#
loop_
_chem_comp.id
_chem_comp.type
_chem_comp.name
_chem_comp.formula
GOL non-polymer GLYCEROL 'C3 H8 O3'
NAG D-saccharide, beta linking 2-acetamido-2-deoxy-beta-D-glucopyranose 'C8 H15 N O6'
SO4 non-polymer 'SULFATE ION' 'O4 S -2'
UGO non-polymer (2R,3R,4R,5S)-2-(hydroxymethyl)-1-{6-[2-nitro-4-(pyrimidin-2-yl)anilino]hexyl}piperidine-3,4,5-triol 'C22 H32 N5 O6'
#
# COMPACT_ATOMS: atom_id res chain seq x y z
N LEU A 38 -13.69 32.55 0.71
CA LEU A 38 -12.61 33.42 0.15
C LEU A 38 -11.27 32.66 0.10
N HIS A 39 -11.02 31.73 1.04
CA HIS A 39 -9.83 30.82 1.05
C HIS A 39 -9.77 30.04 -0.28
N SER A 40 -10.92 29.52 -0.74
CA SER A 40 -11.14 28.90 -2.07
C SER A 40 -10.66 29.84 -3.19
N GLU A 41 -11.06 31.10 -3.14
CA GLU A 41 -10.75 32.08 -4.22
C GLU A 41 -9.23 32.26 -4.28
N ILE A 42 -8.59 32.50 -3.12
CA ILE A 42 -7.11 32.59 -2.95
C ILE A 42 -6.46 31.30 -3.49
N GLY A 43 -6.98 30.15 -3.04
CA GLY A 43 -6.54 28.81 -3.49
C GLY A 43 -6.58 28.69 -5.01
N ARG A 44 -7.69 29.08 -5.63
CA ARG A 44 -7.92 28.96 -7.10
C ARG A 44 -6.82 29.77 -7.80
N LEU A 45 -6.62 31.02 -7.39
CA LEU A 45 -5.67 31.96 -8.04
C LEU A 45 -4.26 31.39 -7.99
N ASN A 46 -3.89 30.75 -6.87
CA ASN A 46 -2.52 30.21 -6.60
C ASN A 46 -2.26 29.04 -7.54
N ASN A 47 -3.20 28.09 -7.67
CA ASN A 47 -3.12 26.97 -8.66
C ASN A 47 -2.71 27.56 -10.01
N GLN A 48 -3.46 28.57 -10.45
CA GLN A 48 -3.36 29.18 -11.80
C GLN A 48 -2.05 29.96 -11.96
N SER A 49 -1.52 30.50 -10.86
CA SER A 49 -0.22 31.23 -10.85
C SER A 49 0.96 30.24 -10.93
N LEU A 50 0.89 29.08 -10.27
CA LEU A 50 2.06 28.16 -10.14
C LEU A 50 2.01 27.06 -11.19
N LEU A 51 0.97 27.01 -12.03
CA LEU A 51 0.69 25.82 -12.87
C LEU A 51 1.90 25.55 -13.77
N TRP A 52 2.39 26.59 -14.45
CA TRP A 52 3.53 26.44 -15.39
C TRP A 52 4.84 26.75 -14.67
N GLY A 53 5.86 25.94 -14.91
CA GLY A 53 7.24 26.23 -14.53
C GLY A 53 8.20 25.39 -15.36
N PRO A 54 9.52 25.58 -15.19
CA PRO A 54 10.50 24.63 -15.68
C PRO A 54 10.73 23.64 -14.54
N TYR A 55 9.67 22.92 -14.16
CA TYR A 55 9.64 22.03 -12.96
C TYR A 55 10.24 20.67 -13.30
N ARG A 56 11.32 20.64 -14.07
CA ARG A 56 12.05 19.41 -14.49
C ARG A 56 13.51 19.56 -14.09
N PRO A 57 13.78 19.80 -12.79
CA PRO A 57 15.13 20.10 -12.34
C PRO A 57 16.14 18.95 -12.57
N ASN A 58 15.67 17.76 -12.96
CA ASN A 58 16.57 16.59 -13.21
C ASN A 58 17.30 16.74 -14.55
N ILE A 59 16.87 17.70 -15.39
CA ILE A 59 17.49 18.00 -16.71
C ILE A 59 17.91 19.47 -16.76
N TYR A 60 18.84 19.78 -17.66
CA TYR A 60 19.47 21.12 -17.73
C TYR A 60 18.34 22.13 -17.94
N PHE A 61 17.44 21.90 -18.90
CA PHE A 61 16.26 22.77 -19.10
C PHE A 61 15.09 22.03 -19.77
N GLY A 62 13.90 22.26 -19.20
CA GLY A 62 12.64 21.60 -19.57
C GLY A 62 11.45 22.23 -18.86
N THR A 63 10.26 22.08 -19.41
CA THR A 63 9.00 22.59 -18.82
C THR A 63 8.02 21.42 -18.64
N ARG A 64 7.18 21.53 -17.62
CA ARG A 64 5.99 20.70 -17.42
C ARG A 64 5.09 21.48 -16.50
N PRO A 65 3.76 21.32 -16.58
CA PRO A 65 2.86 21.91 -15.60
C PRO A 65 2.61 20.95 -14.42
N ARG A 66 1.93 21.43 -13.38
CA ARG A 66 1.53 20.64 -12.18
C ARG A 66 0.32 19.75 -12.51
N ILE A 67 0.45 18.89 -13.53
CA ILE A 67 -0.50 17.82 -13.97
C ILE A 67 0.35 16.60 -14.35
N GLY A 68 -0.03 15.41 -13.90
CA GLY A 68 0.81 14.21 -13.97
C GLY A 68 1.00 13.70 -15.39
N LYS A 69 -0.09 13.67 -16.16
CA LYS A 69 -0.09 13.29 -17.59
C LYS A 69 -0.46 14.54 -18.39
N SER A 70 0.50 15.11 -19.09
CA SER A 70 0.32 16.35 -19.86
C SER A 70 1.49 16.57 -20.81
N LEU A 71 1.76 17.84 -21.12
CA LEU A 71 2.74 18.28 -22.14
C LEU A 71 4.04 18.58 -21.39
N MET A 72 5.16 18.04 -21.86
CA MET A 72 6.52 18.31 -21.31
C MET A 72 7.45 18.68 -22.46
N THR A 73 8.47 19.49 -22.20
CA THR A 73 9.52 19.87 -23.16
C THR A 73 10.90 19.60 -22.57
N GLY A 74 11.93 19.49 -23.42
CA GLY A 74 13.32 19.21 -23.02
C GLY A 74 14.34 19.74 -24.00
N LEU A 75 15.45 20.28 -23.49
CA LEU A 75 16.60 20.74 -24.31
C LEU A 75 17.71 19.69 -24.32
N MET A 76 18.22 19.40 -25.50
CA MET A 76 19.41 18.53 -25.74
C MET A 76 20.36 19.28 -26.69
N TRP A 77 21.66 19.28 -26.41
CA TRP A 77 22.65 19.85 -27.35
C TRP A 77 23.93 19.05 -27.30
N GLY A 78 24.70 19.14 -28.37
CA GLY A 78 25.95 18.39 -28.54
C GLY A 78 26.73 18.90 -29.72
N LYS A 79 28.02 19.16 -29.53
CA LYS A 79 28.97 19.38 -30.66
C LYS A 79 29.08 18.07 -31.43
N ILE A 80 29.23 18.15 -32.76
CA ILE A 80 29.47 16.98 -33.65
C ILE A 80 30.71 17.24 -34.52
N GLU A 81 31.77 16.48 -34.27
CA GLU A 81 33.06 16.60 -34.97
C GLU A 81 33.39 15.32 -35.74
N SER A 82 32.75 14.19 -35.42
CA SER A 82 33.05 12.86 -36.02
C SER A 82 31.78 12.04 -36.22
N TYR A 83 31.96 10.82 -36.72
CA TYR A 83 30.88 9.90 -37.10
C TYR A 83 30.37 9.13 -35.85
N THR A 84 31.01 9.25 -34.68
CA THR A 84 30.65 8.49 -33.44
C THR A 84 30.50 9.38 -32.22
N ASP A 85 30.87 10.66 -32.30
CA ASP A 85 31.17 11.49 -31.10
C ASP A 85 29.88 11.98 -30.44
N PHE A 86 28.80 12.27 -31.18
CA PHE A 86 27.56 12.93 -30.66
C PHE A 86 26.97 12.16 -29.46
N GLN A 87 26.99 10.82 -29.47
CA GLN A 87 26.44 9.97 -28.37
C GLN A 87 27.17 10.24 -27.04
N HIS A 88 28.42 10.71 -27.07
CA HIS A 88 29.27 10.98 -25.89
C HIS A 88 29.17 12.48 -25.53
N THR A 89 28.70 13.33 -26.43
CA THR A 89 28.74 14.80 -26.26
C THR A 89 27.36 15.34 -25.92
N VAL A 90 26.30 14.75 -26.46
CA VAL A 90 24.91 15.21 -26.22
C VAL A 90 24.70 15.40 -24.72
N ARG A 91 23.96 16.44 -24.37
CA ARG A 91 23.60 16.78 -22.97
C ARG A 91 22.10 16.65 -22.85
N TYR A 92 21.60 16.14 -21.72
CA TYR A 92 20.15 16.15 -21.40
C TYR A 92 19.95 16.12 -19.88
N THR A 93 20.30 15.01 -19.22
CA THR A 93 20.11 14.92 -17.75
C THR A 93 21.34 15.52 -17.07
N CYS A 94 21.15 16.09 -15.88
CA CYS A 94 22.17 16.85 -15.10
C CYS A 94 23.28 15.92 -14.60
N GLU A 95 24.52 16.35 -14.78
CA GLU A 95 25.76 15.69 -14.27
C GLU A 95 26.69 16.76 -13.67
N GLN A 96 27.85 16.31 -13.16
CA GLN A 96 28.97 17.19 -12.72
C GLN A 96 30.28 16.40 -12.74
N ASN A 97 31.11 16.63 -13.78
CA ASN A 97 32.42 15.98 -14.05
C ASN A 97 33.39 17.06 -14.55
N GLU A 98 34.62 16.68 -14.94
CA GLU A 98 35.67 17.58 -15.51
C GLU A 98 35.14 18.31 -16.76
N GLY A 99 34.21 17.71 -17.51
CA GLY A 99 33.64 18.26 -18.75
C GLY A 99 32.71 19.45 -18.55
N MET A 100 32.19 19.66 -17.32
CA MET A 100 31.15 20.68 -17.03
C MET A 100 31.67 21.61 -15.95
N LYS A 101 31.87 22.89 -16.25
CA LYS A 101 32.50 23.87 -15.31
C LYS A 101 31.50 24.25 -14.22
N GLY A 102 30.32 24.69 -14.61
CA GLY A 102 29.24 25.03 -13.67
C GLY A 102 27.96 25.23 -14.43
N TYR A 103 26.86 25.38 -13.70
CA TYR A 103 25.52 25.77 -14.23
C TYR A 103 24.61 26.09 -13.04
N GLY A 104 23.64 26.96 -13.25
CA GLY A 104 22.64 27.28 -12.22
C GLY A 104 21.81 28.48 -12.61
N TRP A 105 20.88 28.87 -11.75
CA TRP A 105 19.92 29.96 -12.00
C TRP A 105 20.53 31.25 -11.45
N ASP A 106 20.57 32.31 -12.25
CA ASP A 106 21.12 33.64 -11.84
C ASP A 106 20.01 34.43 -11.17
N GLU A 107 18.79 34.28 -11.66
CA GLU A 107 17.54 34.88 -11.13
C GLU A 107 16.44 33.82 -11.29
N TYR A 108 15.60 33.62 -10.28
CA TYR A 108 14.42 32.75 -10.45
C TYR A 108 13.31 33.09 -9.45
N ASP A 109 12.09 33.12 -9.97
CA ASP A 109 10.81 33.12 -9.21
C ASP A 109 9.85 32.18 -9.94
N PRO A 110 9.28 31.17 -9.26
CA PRO A 110 8.39 30.21 -9.91
C PRO A 110 7.11 30.83 -10.50
N ARG A 111 6.64 31.97 -9.97
CA ARG A 111 5.49 32.76 -10.47
C ARG A 111 5.78 33.50 -11.79
N ARG A 112 7.01 33.99 -11.99
CA ARG A 112 7.41 34.87 -13.11
C ARG A 112 8.36 34.15 -14.08
N GLY A 113 9.35 33.44 -13.52
CA GLY A 113 10.42 32.75 -14.28
C GLY A 113 11.79 33.27 -13.90
N GLY A 114 12.78 33.13 -14.77
CA GLY A 114 14.18 33.42 -14.42
C GLY A 114 15.10 33.23 -15.58
N ILE A 115 16.42 33.14 -15.30
CA ILE A 115 17.52 32.94 -16.30
C ILE A 115 18.55 31.95 -15.74
N GLN A 116 18.96 30.98 -16.56
CA GLN A 116 19.93 29.92 -16.17
C GLN A 116 21.17 30.11 -17.07
N SER A 117 22.35 29.92 -16.48
CA SER A 117 23.67 29.93 -17.15
C SER A 117 24.23 28.52 -17.06
N ILE A 118 24.76 28.02 -18.18
CA ILE A 118 25.41 26.68 -18.30
C ILE A 118 26.77 26.87 -18.96
N HIS A 119 27.82 26.48 -18.26
CA HIS A 119 29.22 26.61 -18.74
C HIS A 119 29.71 25.21 -19.07
N ASP A 120 29.69 24.86 -20.36
CA ASP A 120 30.00 23.50 -20.88
C ASP A 120 31.40 23.49 -21.51
N ILE A 121 32.39 22.96 -20.78
CA ILE A 121 33.77 22.76 -21.29
C ILE A 121 33.75 21.81 -22.49
N GLN A 122 33.19 20.61 -22.30
CA GLN A 122 33.22 19.52 -23.29
C GLN A 122 32.73 20.01 -24.63
N ASN A 123 31.64 20.77 -24.67
CA ASN A 123 31.00 21.21 -25.95
C ASN A 123 31.44 22.64 -26.30
N GLY A 124 32.35 23.22 -25.51
CA GLY A 124 32.95 24.55 -25.76
C GLY A 124 31.90 25.63 -25.88
N LEU A 125 30.89 25.61 -25.03
CA LEU A 125 29.68 26.48 -25.14
C LEU A 125 29.38 27.12 -23.80
N ASP A 126 28.94 28.38 -23.86
CA ASP A 126 28.23 29.08 -22.77
C ASP A 126 26.77 29.25 -23.19
N ILE A 127 25.85 28.79 -22.36
CA ILE A 127 24.40 28.74 -22.73
C ILE A 127 23.58 29.49 -21.69
N THR A 128 22.57 30.22 -22.18
CA THR A 128 21.60 31.01 -21.40
C THR A 128 20.21 30.50 -21.75
N THR A 129 19.42 30.12 -20.75
CA THR A 129 17.99 29.77 -20.91
C THR A 129 17.15 30.78 -20.12
N SER A 130 16.52 31.70 -20.82
CA SER A 130 15.66 32.75 -20.22
C SER A 130 14.22 32.26 -20.34
N PHE A 131 13.54 32.01 -19.22
CA PHE A 131 12.14 31.51 -19.17
C PHE A 131 11.28 32.56 -18.46
N VAL A 132 10.11 32.87 -19.05
CA VAL A 132 9.14 33.86 -18.49
C VAL A 132 7.70 33.43 -18.73
N LYS A 133 6.82 33.73 -17.76
CA LYS A 133 5.41 33.25 -17.76
C LYS A 133 4.51 34.45 -18.07
N ILE A 134 3.49 34.28 -18.93
CA ILE A 134 2.56 35.40 -19.30
C ILE A 134 1.13 35.02 -18.93
N PRO A 135 0.65 35.55 -17.79
CA PRO A 135 -0.71 35.33 -17.33
C PRO A 135 -1.77 35.59 -18.42
N GLY A 136 -2.86 34.83 -18.37
CA GLY A 136 -4.11 35.08 -19.12
C GLY A 136 -4.87 33.79 -19.40
N GLY A 137 -6.16 33.91 -19.73
CA GLY A 137 -7.03 32.77 -20.08
C GLY A 137 -7.41 31.99 -18.84
N ALA A 138 -7.91 30.76 -19.01
CA ALA A 138 -8.46 29.92 -17.91
C ALA A 138 -7.54 28.73 -17.59
N HIS A 139 -6.45 28.50 -18.35
CA HIS A 139 -5.68 27.23 -18.36
C HIS A 139 -4.28 27.37 -17.73
N GLY A 140 -4.02 28.46 -17.00
CA GLY A 140 -2.76 28.68 -16.27
C GLY A 140 -1.72 29.39 -17.11
N GLY A 141 -2.15 30.28 -17.99
CA GLY A 141 -1.29 31.28 -18.65
C GLY A 141 -0.59 30.71 -19.86
N SER A 142 0.22 31.56 -20.49
CA SER A 142 1.22 31.22 -21.54
C SER A 142 2.63 31.32 -20.93
N TRP A 143 3.66 31.04 -21.75
CA TRP A 143 5.10 31.12 -21.37
C TRP A 143 5.96 31.17 -22.64
N ALA A 144 7.24 31.50 -22.46
CA ALA A 144 8.25 31.59 -23.54
C ALA A 144 9.67 31.37 -22.99
N ALA A 145 10.61 31.07 -23.87
CA ALA A 145 12.02 30.77 -23.51
C ALA A 145 12.95 31.17 -24.64
N ARG A 146 14.04 31.87 -24.32
CA ARG A 146 15.14 32.06 -25.28
C ARG A 146 16.28 31.11 -24.93
N ILE A 147 16.87 30.51 -25.94
CA ILE A 147 18.06 29.62 -25.82
C ILE A 147 19.20 30.34 -26.58
N LYS A 148 20.12 30.99 -25.85
CA LYS A 148 21.34 31.62 -26.46
C LYS A 148 22.52 30.67 -26.24
N GLY A 149 23.06 30.12 -27.32
CA GLY A 149 24.40 29.50 -27.36
C GLY A 149 25.48 30.50 -27.77
N THR A 150 26.62 30.49 -27.05
CA THR A 150 27.86 31.23 -27.40
C THR A 150 29.06 30.29 -27.36
N LEU A 151 29.81 30.14 -28.46
CA LEU A 151 31.11 29.43 -28.43
C LEU A 151 32.03 30.16 -27.44
N ASN A 152 32.81 29.40 -26.68
CA ASN A 152 33.89 29.94 -25.81
C ASN A 152 35.15 30.00 -26.67
N ASP A 153 36.24 30.53 -26.11
CA ASP A 153 37.48 30.90 -26.84
C ASP A 153 38.21 29.64 -27.32
N ASP A 154 38.07 28.53 -26.60
CA ASP A 154 38.78 27.26 -26.94
C ASP A 154 38.14 26.61 -28.16
N ALA A 155 36.82 26.76 -28.33
CA ALA A 155 36.04 26.03 -29.35
C ALA A 155 36.49 26.48 -30.73
N PRO A 156 36.58 25.57 -31.72
CA PRO A 156 36.76 25.93 -33.12
C PRO A 156 35.67 26.91 -33.55
N LYS A 157 36.02 27.99 -34.28
CA LYS A 157 35.06 29.08 -34.61
C LYS A 157 33.91 28.54 -35.49
N ASP A 158 34.12 27.36 -36.09
CA ASP A 158 33.26 26.72 -37.13
C ASP A 158 32.66 25.40 -36.59
N GLN A 159 32.69 25.18 -35.27
CA GLN A 159 32.11 23.98 -34.61
C GLN A 159 30.66 23.79 -35.04
N LYS A 160 30.30 22.55 -35.33
CA LYS A 160 28.88 22.18 -35.61
C LYS A 160 28.24 21.74 -34.29
N THR A 161 27.20 22.47 -33.89
CA THR A 161 26.44 22.25 -32.64
C THR A 161 25.04 21.71 -33.03
N ILE A 162 24.70 20.48 -32.66
CA ILE A 162 23.32 19.95 -32.85
C ILE A 162 22.48 20.37 -31.66
N VAL A 163 21.31 20.96 -31.92
CA VAL A 163 20.35 21.35 -30.86
C VAL A 163 19.02 20.67 -31.11
N VAL A 164 18.40 20.16 -30.06
CA VAL A 164 17.08 19.48 -30.13
C VAL A 164 16.12 20.12 -29.11
N PHE A 165 14.89 20.35 -29.52
CA PHE A 165 13.75 20.61 -28.61
C PHE A 165 12.80 19.42 -28.73
N TYR A 166 12.56 18.72 -27.63
CA TYR A 166 11.77 17.45 -27.53
C TYR A 166 10.45 17.79 -26.81
N VAL A 167 9.33 17.31 -27.34
CA VAL A 167 7.95 17.67 -26.88
C VAL A 167 7.10 16.40 -26.83
N SER A 168 6.46 16.11 -25.69
CA SER A 168 5.61 14.91 -25.51
C SER A 168 4.28 15.29 -24.85
N GLN A 169 3.22 14.53 -25.15
CA GLN A 169 1.88 14.66 -24.51
C GLN A 169 1.31 13.30 -24.11
N GLU A 170 0.86 13.23 -22.86
CA GLU A 170 0.12 12.09 -22.26
C GLU A 170 -1.33 12.51 -21.97
N GLY A 171 -2.24 11.53 -22.07
CA GLY A 171 -3.70 11.66 -22.11
C GLY A 171 -4.27 10.75 -23.18
N GLU A 172 -5.41 10.09 -22.91
CA GLU A 172 -6.18 9.33 -23.94
C GLU A 172 -7.01 10.32 -24.79
N ASN A 173 -7.47 11.44 -24.22
N ASN A 173 -7.36 11.45 -24.15
CA ASN A 173 -8.31 12.40 -24.97
CA ASN A 173 -8.21 12.58 -24.63
C ASN A 173 -7.47 13.61 -25.43
C ASN A 173 -7.49 13.41 -25.71
N SER A 174 -6.15 13.46 -25.65
CA SER A 174 -5.30 14.59 -26.11
C SER A 174 -4.79 14.41 -27.55
N GLU A 175 -4.54 15.53 -28.25
CA GLU A 175 -4.05 15.55 -29.65
C GLU A 175 -2.97 16.62 -29.76
N LEU A 176 -1.99 16.37 -30.64
CA LEU A 176 -0.84 17.28 -30.91
C LEU A 176 -0.31 16.98 -32.31
N GLU A 177 0.04 18.03 -33.05
CA GLU A 177 0.24 17.98 -34.52
C GLU A 177 1.21 19.08 -34.93
N ALA A 178 2.25 18.70 -35.68
CA ALA A 178 3.19 19.62 -36.37
C ALA A 178 2.60 20.05 -37.70
N VAL A 179 2.28 21.34 -37.85
CA VAL A 179 1.85 21.93 -39.15
C VAL A 179 3.02 21.79 -40.11
N PRO A 180 2.83 21.19 -41.31
CA PRO A 180 3.95 20.99 -42.23
C PRO A 180 4.48 22.27 -42.88
N SER A 181 5.60 22.14 -43.60
CA SER A 181 6.38 23.27 -44.18
C SER A 181 6.01 23.49 -45.65
N GLU A 182 6.11 24.73 -46.15
CA GLU A 182 6.06 25.05 -47.61
C GLU A 182 7.15 24.22 -48.29
N ASN A 183 8.37 24.31 -47.79
CA ASN A 183 9.61 23.83 -48.46
C ASN A 183 9.67 22.30 -48.43
N GLU A 184 10.61 21.74 -49.21
CA GLU A 184 10.66 20.29 -49.57
C GLU A 184 11.12 19.46 -48.35
N PHE A 185 12.31 19.75 -47.81
CA PHE A 185 13.11 18.78 -47.00
C PHE A 185 13.08 19.08 -45.50
N GLY A 186 12.30 20.09 -45.09
CA GLY A 186 12.33 20.71 -43.75
C GLY A 186 11.79 22.13 -43.75
N TYR A 187 12.30 22.98 -42.86
CA TYR A 187 11.79 24.36 -42.57
C TYR A 187 12.87 25.42 -42.81
N GLU A 188 12.51 26.46 -43.58
CA GLU A 188 13.27 27.73 -43.72
C GLU A 188 12.77 28.73 -42.67
N GLY A 189 11.64 28.45 -42.00
CA GLY A 189 11.01 29.36 -41.02
C GLY A 189 10.72 28.70 -39.68
N ASP A 190 9.67 29.16 -38.98
CA ASP A 190 9.23 28.66 -37.66
C ASP A 190 8.56 27.29 -37.81
N VAL A 191 8.55 26.49 -36.72
CA VAL A 191 7.78 25.22 -36.61
C VAL A 191 6.61 25.47 -35.66
N ILE A 192 5.38 25.16 -36.09
CA ILE A 192 4.16 25.40 -35.29
C ILE A 192 3.59 24.03 -34.92
N LEU A 193 3.41 23.78 -33.62
CA LEU A 193 2.64 22.62 -33.12
C LEU A 193 1.29 23.15 -32.59
N LYS A 194 0.19 22.55 -33.06
CA LYS A 194 -1.19 22.84 -32.60
C LYS A 194 -1.68 21.61 -31.84
N GLY A 195 -2.15 21.80 -30.61
CA GLY A 195 -2.54 20.68 -29.72
C GLY A 195 -3.77 20.99 -28.89
N ARG A 196 -4.32 19.96 -28.24
CA ARG A 196 -5.58 20.05 -27.45
C ARG A 196 -5.50 19.02 -26.32
N SER A 197 -6.09 19.34 -25.17
CA SER A 197 -6.22 18.45 -23.99
C SER A 197 -7.26 19.04 -23.03
N GLU A 198 -7.99 18.21 -22.27
CA GLU A 198 -9.02 18.68 -21.29
C GLU A 198 -8.31 19.60 -20.29
N ALA A 199 -7.08 19.23 -19.92
CA ALA A 199 -6.21 19.96 -18.95
C ALA A 199 -5.85 21.36 -19.46
N LEU A 200 -5.31 21.48 -20.69
CA LEU A 200 -4.67 22.74 -21.18
C LEU A 200 -5.53 23.47 -22.22
N GLY A 201 -6.70 22.95 -22.59
CA GLY A 201 -7.50 23.55 -23.68
C GLY A 201 -6.77 23.44 -25.00
N ASN A 202 -6.90 24.46 -25.85
CA ASN A 202 -6.20 24.54 -27.17
C ASN A 202 -4.93 25.38 -26.97
N TYR A 203 -3.85 25.06 -27.70
CA TYR A 203 -2.55 25.80 -27.62
C TYR A 203 -1.79 25.67 -28.94
N LYS A 204 -1.01 26.70 -29.29
CA LYS A 204 0.09 26.66 -30.29
C LYS A 204 1.42 26.82 -29.51
N LEU A 205 2.34 25.87 -29.71
CA LEU A 205 3.74 25.90 -29.20
C LEU A 205 4.66 26.07 -30.41
N VAL A 206 5.43 27.16 -30.46
CA VAL A 206 6.22 27.57 -31.66
C VAL A 206 7.72 27.45 -31.36
N VAL A 207 8.50 26.83 -32.27
CA VAL A 207 10.00 26.88 -32.23
C VAL A 207 10.50 27.71 -33.41
N THR A 208 10.90 28.94 -33.10
CA THR A 208 11.24 29.98 -34.10
C THR A 208 12.48 29.53 -34.90
N LYS A 209 12.67 30.16 -36.07
CA LYS A 209 13.75 29.90 -37.06
C LYS A 209 15.13 30.05 -36.39
N GLY A 210 15.38 31.17 -35.73
CA GLY A 210 16.64 31.48 -35.04
C GLY A 210 17.56 32.40 -35.82
N LYS A 211 18.46 33.09 -35.10
CA LYS A 211 19.75 33.62 -35.63
C LYS A 211 20.79 32.49 -35.53
N GLY A 212 21.58 32.33 -36.59
CA GLY A 212 22.81 31.52 -36.59
C GLY A 212 23.05 30.91 -37.94
N VAL A 213 24.28 30.83 -38.39
CA VAL A 213 24.66 30.09 -39.63
C VAL A 213 24.15 28.66 -39.47
N ILE A 214 23.34 28.17 -40.42
CA ILE A 214 22.99 26.73 -40.56
C ILE A 214 23.81 26.15 -41.71
N PRO A 215 24.71 25.17 -41.46
CA PRO A 215 25.64 24.69 -42.50
C PRO A 215 24.94 24.02 -43.69
N GLN A 216 25.51 24.12 -44.89
CA GLN A 216 24.95 23.57 -46.16
C GLN A 216 25.87 22.44 -46.70
N SER A 217 25.31 21.30 -47.13
CA SER A 217 26.06 20.09 -47.58
C SER A 217 26.08 20.03 -49.11
N ASP A 218 27.26 19.95 -49.69
CA ASP A 218 27.42 19.85 -51.16
C ASP A 218 27.01 18.44 -51.60
N HIS A 219 26.85 17.49 -50.66
CA HIS A 219 26.87 16.04 -50.97
C HIS A 219 25.66 15.64 -51.82
N ASP A 220 25.74 14.50 -52.50
CA ASP A 220 24.62 13.94 -53.30
C ASP A 220 23.38 13.69 -52.42
N LEU A 221 23.60 13.31 -51.17
CA LEU A 221 22.51 13.03 -50.20
C LEU A 221 21.56 14.22 -50.10
N SER A 222 22.01 15.44 -50.45
CA SER A 222 21.22 16.69 -50.31
C SER A 222 20.15 16.79 -51.40
N ARG A 223 20.34 16.08 -52.53
CA ARG A 223 19.28 15.94 -53.58
C ARG A 223 18.03 15.35 -52.94
N LEU A 224 18.20 14.47 -51.94
CA LEU A 224 17.14 13.66 -51.28
C LEU A 224 16.82 14.13 -49.85
N ARG A 225 17.76 14.75 -49.12
CA ARG A 225 17.54 15.19 -47.71
C ARG A 225 17.55 16.72 -47.58
N GLY A 226 17.85 17.44 -48.67
CA GLY A 226 18.13 18.88 -48.63
C GLY A 226 19.58 19.16 -48.20
N PRO A 227 20.08 20.40 -48.43
CA PRO A 227 21.48 20.76 -48.12
C PRO A 227 21.75 20.99 -46.62
N GLY A 228 20.67 21.13 -45.82
CA GLY A 228 20.72 21.37 -44.37
C GLY A 228 19.66 22.39 -44.00
N GLN A 229 18.80 22.04 -43.05
CA GLN A 229 17.68 22.91 -42.62
C GLN A 229 17.15 22.34 -41.31
N THR A 230 16.31 23.13 -40.64
CA THR A 230 15.47 22.67 -39.51
C THR A 230 14.60 21.51 -39.98
N VAL A 231 14.42 20.47 -39.15
CA VAL A 231 13.57 19.29 -39.45
C VAL A 231 12.75 18.90 -38.21
N VAL A 232 11.63 18.19 -38.42
CA VAL A 232 10.69 17.69 -37.38
C VAL A 232 10.33 16.22 -37.67
N GLN A 233 10.38 15.37 -36.65
CA GLN A 233 9.78 14.01 -36.67
C GLN A 233 8.65 14.01 -35.64
N SER A 234 7.50 13.49 -36.04
CA SER A 234 6.28 13.37 -35.20
C SER A 234 6.00 11.88 -35.04
N LEU A 235 6.11 11.34 -33.83
CA LEU A 235 6.10 9.89 -33.56
C LEU A 235 5.03 9.61 -32.52
N THR A 236 4.71 8.33 -32.30
CA THR A 236 3.82 7.86 -31.20
CA THR A 236 3.88 7.93 -31.14
C THR A 236 4.44 6.64 -30.53
N TYR A 237 4.47 6.64 -29.20
CA TYR A 237 4.99 5.56 -28.32
C TYR A 237 3.96 5.41 -27.20
N PRO A 238 3.89 4.23 -26.56
CA PRO A 238 3.13 4.09 -25.30
C PRO A 238 3.45 5.21 -24.31
N ASP A 239 2.42 5.71 -23.62
CA ASP A 239 2.48 6.89 -22.71
C ASP A 239 3.53 6.70 -21.61
N GLU A 240 3.84 5.47 -21.18
CA GLU A 240 4.73 5.26 -20.01
C GLU A 240 6.21 5.44 -20.37
N VAL A 241 6.58 5.56 -21.65
CA VAL A 241 8.01 5.62 -22.08
C VAL A 241 8.36 6.98 -22.69
N LEU A 242 7.43 7.93 -22.75
CA LEU A 242 7.68 9.21 -23.45
C LEU A 242 8.83 9.98 -22.78
N TRP A 243 9.02 9.80 -21.48
CA TRP A 243 10.10 10.47 -20.71
C TRP A 243 11.48 10.07 -21.27
N GLN A 244 11.65 8.85 -21.81
CA GLN A 244 12.98 8.36 -22.27
C GLN A 244 13.39 9.04 -23.59
N ALA A 245 13.70 10.34 -23.56
CA ALA A 245 13.92 11.19 -24.75
C ALA A 245 15.25 10.86 -25.47
N LYS A 246 16.32 10.57 -24.72
CA LYS A 246 17.65 10.25 -25.29
C LYS A 246 17.54 8.99 -26.14
N PRO A 247 17.06 7.84 -25.60
CA PRO A 247 16.92 6.62 -26.41
C PRO A 247 15.94 6.76 -27.59
N ILE A 248 14.81 7.45 -27.40
CA ILE A 248 13.79 7.70 -28.47
C ILE A 248 14.49 8.40 -29.64
N LEU A 249 15.25 9.45 -29.32
CA LEU A 249 16.06 10.22 -30.29
C LEU A 249 17.04 9.27 -31.00
N PHE A 250 17.82 8.50 -30.26
CA PHE A 250 18.88 7.65 -30.84
C PHE A 250 18.28 6.55 -31.74
N GLN A 251 17.11 6.01 -31.42
CA GLN A 251 16.49 4.99 -32.31
C GLN A 251 16.24 5.64 -33.67
N GLN A 252 15.79 6.91 -33.72
CA GLN A 252 15.53 7.66 -34.99
C GLN A 252 16.84 7.96 -35.72
N LEU A 253 17.86 8.38 -34.99
CA LEU A 253 19.21 8.64 -35.54
C LEU A 253 19.70 7.34 -36.16
N LYS A 254 19.62 6.24 -35.43
CA LYS A 254 20.15 4.92 -35.87
C LYS A 254 19.41 4.52 -37.15
N ALA A 255 18.09 4.83 -37.26
CA ALA A 255 17.24 4.47 -38.43
C ALA A 255 17.65 5.30 -39.66
N GLY A 256 17.86 6.61 -39.50
CA GLY A 256 18.47 7.45 -40.53
C GLY A 256 19.77 6.85 -41.04
N ILE A 257 20.66 6.44 -40.14
CA ILE A 257 22.00 5.86 -40.50
C ILE A 257 21.77 4.53 -41.22
N ASP A 258 20.83 3.70 -40.73
CA ASP A 258 20.53 2.38 -41.35
C ASP A 258 20.13 2.63 -42.80
N TRP A 259 19.29 3.64 -43.03
CA TRP A 259 18.77 4.04 -44.37
C TRP A 259 19.92 4.46 -45.30
N LEU A 260 20.93 5.21 -44.83
CA LEU A 260 22.13 5.56 -45.64
C LEU A 260 22.78 4.29 -46.20
N VAL A 261 22.99 3.28 -45.35
CA VAL A 261 23.74 2.03 -45.69
C VAL A 261 22.97 1.25 -46.77
N GLU A 262 21.66 1.04 -46.58
CA GLU A 262 20.76 0.33 -47.55
C GLU A 262 20.80 1.05 -48.91
N ASN A 263 20.95 2.38 -48.93
CA ASN A 263 20.94 3.22 -50.17
C ASN A 263 22.36 3.63 -50.57
N LYS A 264 23.38 2.81 -50.29
CA LYS A 264 24.71 2.81 -50.96
C LYS A 264 25.49 4.11 -50.67
N TYR A 265 25.28 4.74 -49.51
CA TYR A 265 26.15 5.83 -48.97
C TYR A 265 27.18 5.22 -48.02
N ASP A 266 28.45 5.23 -48.42
CA ASP A 266 29.53 4.42 -47.79
C ASP A 266 30.76 5.29 -47.51
N VAL A 267 31.88 4.66 -47.15
CA VAL A 267 33.14 5.32 -46.72
C VAL A 267 33.97 5.64 -47.96
N ALA A 268 33.49 5.22 -49.13
CA ALA A 268 34.05 5.58 -50.44
C ALA A 268 33.99 7.12 -50.65
N ASP A 269 32.90 7.75 -50.20
CA ASP A 269 32.60 9.22 -50.32
C ASP A 269 31.45 9.57 -49.37
N PRO A 270 31.67 9.63 -48.03
CA PRO A 270 30.58 9.79 -47.07
C PRO A 270 30.10 11.23 -46.97
N PRO A 271 28.84 11.49 -46.55
CA PRO A 271 28.38 12.85 -46.29
C PRO A 271 28.97 13.33 -44.97
N PRO A 272 28.89 14.65 -44.71
CA PRO A 272 29.44 15.20 -43.47
C PRO A 272 28.74 14.62 -42.25
N PRO A 273 29.46 14.43 -41.11
CA PRO A 273 28.87 13.86 -39.89
C PRO A 273 27.57 14.56 -39.47
N TRP A 274 27.57 15.89 -39.53
CA TRP A 274 26.41 16.74 -39.13
C TRP A 274 25.18 16.48 -40.01
N GLN A 275 25.37 16.09 -41.28
CA GLN A 275 24.24 15.72 -42.18
C GLN A 275 23.86 14.25 -42.00
N VAL A 276 24.81 13.39 -41.61
CA VAL A 276 24.53 11.98 -41.22
C VAL A 276 23.58 11.95 -40.01
N TYR A 277 23.67 12.90 -39.08
CA TYR A 277 22.86 12.93 -37.83
C TYR A 277 21.74 13.96 -37.94
N LEU A 278 21.50 14.51 -39.14
CA LEU A 278 20.28 15.30 -39.44
C LEU A 278 19.17 14.32 -39.74
N LEU A 279 18.10 14.32 -38.95
CA LEU A 279 16.94 13.43 -39.20
C LEU A 279 16.26 13.84 -40.52
N ALA A 280 15.60 12.89 -41.15
CA ALA A 280 14.72 13.12 -42.31
C ALA A 280 13.45 13.79 -41.80
N ASN A 281 13.03 14.90 -42.42
CA ASN A 281 11.79 15.63 -42.03
C ASN A 281 10.61 14.68 -42.26
N LYS A 282 9.76 14.49 -41.25
CA LYS A 282 8.49 13.70 -41.35
C LYS A 282 7.54 14.20 -40.25
N PRO A 283 7.10 15.49 -40.34
CA PRO A 283 6.12 16.03 -39.41
C PRO A 283 4.74 15.41 -39.62
N GLY A 284 3.91 15.52 -38.59
CA GLY A 284 2.53 15.01 -38.58
C GLY A 284 1.95 15.10 -37.20
N SER A 285 1.07 14.16 -36.85
CA SER A 285 0.49 14.04 -35.50
C SER A 285 1.20 12.88 -34.79
N GLY A 286 1.21 12.92 -33.46
CA GLY A 286 1.73 11.85 -32.60
C GLY A 286 1.91 12.38 -31.20
N ASN A 287 2.35 11.55 -30.25
CA ASN A 287 2.48 11.97 -28.83
C ASN A 287 3.97 12.33 -28.55
N VAL A 288 4.85 12.19 -29.54
CA VAL A 288 6.22 12.78 -29.46
C VAL A 288 6.48 13.62 -30.72
N HIS A 289 7.08 14.81 -30.54
CA HIS A 289 7.57 15.69 -31.64
C HIS A 289 9.04 16.06 -31.39
N ILE A 290 9.94 15.72 -32.33
CA ILE A 290 11.39 16.05 -32.27
C ILE A 290 11.67 17.18 -33.27
N VAL A 291 12.04 18.35 -32.75
CA VAL A 291 12.49 19.53 -33.53
C VAL A 291 14.02 19.61 -33.42
N GLN A 292 14.72 19.53 -34.55
CA GLN A 292 16.21 19.46 -34.64
C GLN A 292 16.72 20.61 -35.51
N LYS A 293 17.76 21.32 -35.04
CA LYS A 293 18.52 22.35 -35.80
C LYS A 293 20.02 22.02 -35.75
N VAL A 294 20.79 22.39 -36.77
CA VAL A 294 22.28 22.34 -36.70
C VAL A 294 22.79 23.76 -36.93
N PHE A 295 23.67 24.23 -36.05
CA PHE A 295 24.27 25.59 -36.08
C PHE A 295 25.77 25.47 -36.22
N GLU A 296 26.34 26.33 -37.06
CA GLU A 296 27.80 26.62 -37.13
C GLU A 296 28.04 27.95 -36.40
N GLY A 297 28.93 27.91 -35.41
CA GLY A 297 29.22 29.06 -34.52
C GLY A 297 28.11 29.28 -33.51
N ASP A 298 27.94 30.54 -33.10
CA ASP A 298 27.00 30.98 -32.05
C ASP A 298 25.58 30.91 -32.63
N PHE A 299 24.57 30.91 -31.76
CA PHE A 299 23.14 30.80 -32.14
C PHE A 299 22.25 31.30 -31.02
N GLU A 300 21.00 31.59 -31.37
CA GLU A 300 19.86 31.60 -30.41
C GLU A 300 18.59 31.21 -31.17
N PHE A 301 17.55 30.82 -30.44
CA PHE A 301 16.16 30.55 -30.94
C PHE A 301 15.18 30.56 -29.76
N ASP A 302 13.88 30.58 -30.04
CA ASP A 302 12.84 30.95 -29.05
C ASP A 302 11.76 29.87 -29.03
N ILE A 303 11.17 29.60 -27.86
CA ILE A 303 10.00 28.71 -27.69
C ILE A 303 8.83 29.54 -27.15
N LEU A 304 7.77 29.66 -27.94
CA LEU A 304 6.55 30.45 -27.62
C LEU A 304 5.34 29.51 -27.52
N PHE A 305 4.84 29.35 -26.30
CA PHE A 305 3.63 28.58 -25.94
C PHE A 305 2.48 29.57 -25.77
N SER A 306 1.45 29.47 -26.60
CA SER A 306 0.31 30.43 -26.61
C SER A 306 -0.99 29.71 -26.24
N SER A 307 -1.44 29.88 -24.99
CA SER A 307 -2.78 29.50 -24.48
C SER A 307 -3.82 30.17 -25.38
N GLU A 308 -4.60 29.41 -26.16
CA GLU A 308 -5.71 29.92 -27.02
C GLU A 308 -6.69 30.73 -26.16
N SER A 309 -7.02 30.17 -24.98
CA SER A 309 -7.98 30.71 -24.00
C SER A 309 -7.54 32.09 -23.48
N ALA A 310 -6.30 32.53 -23.73
CA ALA A 310 -5.79 33.87 -23.35
C ALA A 310 -5.96 34.84 -24.54
N GLY A 311 -5.30 36.01 -24.52
CA GLY A 311 -5.42 37.08 -25.53
C GLY A 311 -4.97 36.64 -26.93
N LYS A 312 -4.35 37.55 -27.68
CA LYS A 312 -3.60 37.22 -28.93
C LYS A 312 -2.39 36.35 -28.54
N GLU A 313 -1.76 35.71 -29.52
CA GLU A 313 -0.61 34.79 -29.29
C GLU A 313 0.59 35.56 -28.73
N VAL A 314 1.52 34.85 -28.10
CA VAL A 314 2.82 35.36 -27.59
C VAL A 314 3.78 35.52 -28.78
N THR A 315 4.59 36.58 -28.78
CA THR A 315 5.58 36.92 -29.85
C THR A 315 6.96 36.95 -29.21
N SER A 316 8.02 37.03 -30.03
CA SER A 316 9.42 37.17 -29.52
C SER A 316 9.54 38.52 -28.82
N LYS A 317 8.80 39.53 -29.31
CA LYS A 317 8.76 40.90 -28.73
C LYS A 317 8.24 40.82 -27.28
N ASP A 318 7.23 39.99 -27.02
CA ASP A 318 6.61 39.76 -25.68
C ASP A 318 7.62 39.12 -24.71
N LEU A 319 8.48 38.23 -25.25
CA LEU A 319 9.48 37.45 -24.48
C LEU A 319 10.56 38.39 -23.91
N GLU A 320 11.12 39.26 -24.76
CA GLU A 320 12.12 40.28 -24.38
C GLU A 320 11.56 41.17 -23.27
N ARG A 321 10.39 41.77 -23.50
CA ARG A 321 9.72 42.70 -22.57
C ARG A 321 9.54 42.02 -21.21
N GLU A 322 8.96 40.82 -21.20
CA GLU A 322 8.58 40.10 -19.96
C GLU A 322 9.89 39.78 -19.19
N VAL A 323 10.94 39.36 -19.89
CA VAL A 323 12.26 39.04 -19.24
C VAL A 323 12.75 40.27 -18.46
N LYS A 324 12.82 41.44 -19.11
CA LYS A 324 13.29 42.71 -18.50
C LYS A 324 12.45 43.00 -17.26
N GLN A 325 11.13 42.87 -17.38
CA GLN A 325 10.17 43.13 -16.29
C GLN A 325 10.41 42.17 -15.10
N ALA A 326 10.77 40.91 -15.40
CA ALA A 326 10.99 39.84 -14.38
C ALA A 326 12.26 40.12 -13.56
N THR A 327 13.34 40.54 -14.20
CA THR A 327 14.57 40.96 -13.49
C THR A 327 14.25 42.10 -12.50
N GLU A 328 13.49 43.12 -12.93
CA GLU A 328 13.26 44.36 -12.13
C GLU A 328 12.47 43.98 -10.88
N VAL A 329 11.48 43.08 -10.99
CA VAL A 329 10.72 42.58 -9.82
C VAL A 329 11.69 41.82 -8.91
N PHE A 330 12.49 40.89 -9.44
CA PHE A 330 13.41 40.01 -8.65
C PHE A 330 14.38 40.88 -7.85
N GLY A 331 15.00 41.86 -8.52
CA GLY A 331 15.93 42.84 -7.92
C GLY A 331 15.31 43.53 -6.72
N GLU A 332 14.09 44.06 -6.90
CA GLU A 332 13.37 44.88 -5.89
C GLU A 332 13.01 43.99 -4.70
N ARG A 333 12.51 42.77 -4.94
CA ARG A 333 12.11 41.81 -3.88
C ARG A 333 13.35 41.40 -3.07
N PHE A 334 14.45 41.07 -3.75
CA PHE A 334 15.66 40.52 -3.08
C PHE A 334 16.07 41.49 -1.99
N ALA A 335 16.09 42.79 -2.31
CA ALA A 335 16.55 43.87 -1.41
C ALA A 335 15.60 44.03 -0.22
N ARG A 336 14.31 43.73 -0.42
CA ARG A 336 13.24 43.91 0.61
C ARG A 336 13.33 42.77 1.63
N VAL A 337 13.47 41.55 1.12
CA VAL A 337 13.28 40.26 1.85
C VAL A 337 14.62 39.79 2.43
N PHE A 338 15.71 39.97 1.67
CA PHE A 338 17.09 39.61 2.04
C PHE A 338 17.95 40.87 2.09
N ASP A 339 17.69 41.68 3.12
CA ASP A 339 18.47 42.87 3.49
C ASP A 339 19.74 42.41 4.21
N LEU A 340 20.81 42.16 3.45
CA LEU A 340 22.09 41.62 3.98
C LEU A 340 22.68 42.60 4.97
N LYS A 341 22.86 42.18 6.22
CA LYS A 341 23.38 43.00 7.33
C LYS A 341 24.91 42.80 7.40
N ALA A 342 25.62 43.67 8.12
CA ALA A 342 27.11 43.76 8.07
C ALA A 342 27.72 42.54 8.75
N PRO A 343 28.94 42.08 8.34
CA PRO A 343 29.77 42.77 7.34
C PRO A 343 29.54 42.35 5.88
N PHE A 344 28.32 41.95 5.51
CA PHE A 344 28.04 41.32 4.20
C PHE A 344 27.17 42.23 3.33
N GLN A 345 27.18 43.53 3.61
CA GLN A 345 26.34 44.55 2.90
C GLN A 345 26.92 44.71 1.49
N GLY A 346 28.17 44.29 1.28
CA GLY A 346 28.90 44.39 0.00
C GLY A 346 28.14 43.77 -1.18
N ASP A 347 28.38 44.30 -2.38
CA ASP A 347 27.82 43.81 -3.67
C ASP A 347 28.33 42.40 -4.04
N ASN A 348 29.55 42.04 -3.61
CA ASN A 348 30.15 40.69 -3.86
C ASN A 348 29.29 39.67 -3.11
N TYR A 349 28.93 40.00 -1.87
CA TYR A 349 28.08 39.18 -0.96
C TYR A 349 26.64 39.16 -1.46
N LYS A 350 26.19 40.24 -2.12
CA LYS A 350 24.84 40.35 -2.72
C LYS A 350 24.76 39.42 -3.94
N LYS A 351 25.79 39.40 -4.81
CA LYS A 351 25.81 38.52 -6.02
C LYS A 351 25.88 37.07 -5.52
N PHE A 352 26.62 36.79 -4.45
CA PHE A 352 26.70 35.45 -3.81
C PHE A 352 25.32 35.07 -3.25
N GLY A 353 24.62 36.01 -2.62
CA GLY A 353 23.29 35.80 -2.03
C GLY A 353 22.27 35.42 -3.08
N LYS A 354 22.21 36.16 -4.20
CA LYS A 354 21.28 35.93 -5.33
C LYS A 354 21.51 34.53 -5.94
N SER A 355 22.76 34.06 -6.02
CA SER A 355 23.09 32.72 -6.62
C SER A 355 22.61 31.58 -5.71
N MET A 356 22.96 31.63 -4.42
CA MET A 356 22.50 30.61 -3.43
C MET A 356 20.96 30.57 -3.43
N PHE A 357 20.29 31.73 -3.42
CA PHE A 357 18.81 31.75 -3.33
C PHE A 357 18.18 31.24 -4.64
N SER A 358 18.63 31.71 -5.80
CA SER A 358 17.98 31.37 -7.10
C SER A 358 18.08 29.86 -7.35
N ASN A 359 19.19 29.24 -6.94
CA ASN A 359 19.41 27.78 -7.18
C ASN A 359 18.57 26.96 -6.20
N LEU A 360 18.33 27.44 -4.98
CA LEU A 360 17.50 26.72 -3.99
C LEU A 360 16.09 26.65 -4.56
N ILE A 361 15.53 27.81 -4.85
CA ILE A 361 14.11 27.94 -5.29
C ILE A 361 13.95 27.48 -6.74
N GLY A 362 14.98 27.61 -7.58
CA GLY A 362 14.92 27.18 -9.00
C GLY A 362 14.86 25.68 -9.16
N GLY A 363 15.34 24.92 -8.17
CA GLY A 363 15.38 23.44 -8.18
C GLY A 363 14.03 22.82 -7.80
N ILE A 364 13.01 23.65 -7.60
CA ILE A 364 11.60 23.20 -7.38
C ILE A 364 11.19 22.34 -8.58
N GLY A 365 10.60 21.19 -8.28
CA GLY A 365 10.12 20.24 -9.28
C GLY A 365 8.69 19.83 -9.01
N TYR A 366 8.00 19.37 -10.06
CA TYR A 366 6.73 18.62 -9.98
C TYR A 366 7.05 17.19 -10.40
N PHE A 367 6.65 16.23 -9.56
CA PHE A 367 6.91 14.78 -9.73
C PHE A 367 5.55 14.05 -9.69
N TYR A 368 5.42 12.96 -10.46
CA TYR A 368 4.18 12.14 -10.60
C TYR A 368 4.52 10.70 -10.98
N GLY A 369 4.08 9.74 -10.19
CA GLY A 369 4.14 8.31 -10.56
C GLY A 369 4.05 7.40 -9.36
N HIS A 370 4.52 6.16 -9.54
CA HIS A 370 4.42 5.12 -8.51
C HIS A 370 5.69 5.13 -7.65
N SER A 371 5.54 4.63 -6.43
CA SER A 371 6.52 4.57 -5.34
C SER A 371 6.71 3.10 -5.00
N LEU A 372 7.93 2.71 -4.61
CA LEU A 372 8.23 1.34 -4.16
C LEU A 372 8.18 1.31 -2.62
N VAL A 373 7.22 0.57 -2.09
CA VAL A 373 6.97 0.46 -0.61
C VAL A 373 6.86 -1.01 -0.25
N ASP A 374 7.52 -1.44 0.83
CA ASP A 374 7.27 -2.74 1.50
C ASP A 374 6.09 -2.57 2.45
N ARG A 375 4.96 -3.20 2.16
CA ARG A 375 3.73 -3.03 2.95
C ARG A 375 3.45 -4.31 3.75
N SER A 376 4.45 -5.19 3.89
CA SER A 376 4.37 -6.45 4.69
C SER A 376 4.18 -6.12 6.18
N TYR A 377 4.66 -4.99 6.69
CA TYR A 377 4.68 -4.72 8.15
C TYR A 377 5.15 -5.98 8.87
N ALA A 378 6.18 -6.65 8.34
CA ALA A 378 6.81 -7.83 8.96
C ALA A 378 6.96 -7.57 10.44
N PRO A 379 6.78 -8.59 11.32
CA PRO A 379 7.06 -8.43 12.75
C PRO A 379 8.52 -8.10 13.11
N GLU A 380 9.49 -8.47 12.26
CA GLU A 380 10.95 -8.26 12.48
C GLU A 380 11.28 -6.76 12.54
N TYR A 381 10.45 -5.92 11.89
CA TYR A 381 10.63 -4.46 11.74
C TYR A 381 10.22 -3.77 13.05
N ASP A 382 9.75 -4.54 14.02
CA ASP A 382 9.41 -4.06 15.38
C ASP A 382 10.72 -3.87 16.17
N GLU A 383 11.79 -4.57 15.77
CA GLU A 383 13.15 -4.46 16.36
C GLU A 383 13.04 -4.57 17.88
N GLU A 384 12.41 -5.60 18.42
CA GLU A 384 12.21 -5.72 19.89
C GLU A 384 13.28 -6.65 20.44
N ASN A 385 14.07 -7.23 19.54
CA ASN A 385 15.07 -8.27 19.85
C ASN A 385 16.48 -7.68 19.81
N GLU A 386 17.38 -8.22 20.63
CA GLU A 386 18.84 -8.10 20.43
C GLU A 386 19.18 -8.71 19.08
N GLY A 387 19.98 -8.03 18.26
CA GLY A 387 20.36 -8.51 16.92
C GLY A 387 19.26 -8.23 15.90
N PHE A 388 18.42 -7.24 16.19
CA PHE A 388 17.19 -6.93 15.40
C PHE A 388 17.56 -6.61 13.95
N TRP A 389 18.78 -6.15 13.69
CA TRP A 389 19.23 -5.73 12.34
C TRP A 389 19.40 -6.95 11.41
N GLU A 390 19.76 -8.13 11.94
CA GLU A 390 19.92 -9.39 11.17
C GLU A 390 18.54 -9.91 10.75
N ASP A 391 17.57 -9.79 11.64
CA ASP A 391 16.15 -10.15 11.40
C ASP A 391 15.58 -9.26 10.30
N ALA A 392 15.68 -7.94 10.42
CA ALA A 392 15.03 -7.02 9.46
C ALA A 392 15.68 -7.18 8.09
N ALA A 393 16.97 -7.57 8.05
CA ALA A 393 17.71 -7.89 6.81
C ALA A 393 17.01 -9.04 6.06
N GLU A 394 16.64 -10.10 6.78
CA GLU A 394 15.95 -11.31 6.23
C GLU A 394 14.54 -10.98 5.73
N ALA A 395 13.78 -10.12 6.41
CA ALA A 395 12.44 -9.65 6.00
C ALA A 395 12.55 -8.83 4.69
N ARG A 396 13.60 -8.03 4.54
CA ARG A 396 13.82 -7.22 3.30
C ARG A 396 14.13 -8.18 2.14
N ALA A 397 14.86 -9.27 2.44
CA ALA A 397 15.24 -10.34 1.48
C ALA A 397 13.99 -11.07 0.93
N ARG A 398 12.83 -10.96 1.59
CA ARG A 398 11.56 -11.57 1.10
C ARG A 398 11.01 -10.76 -0.08
N HIS A 399 11.48 -9.53 -0.27
CA HIS A 399 11.16 -8.67 -1.44
C HIS A 399 9.65 -8.56 -1.66
N GLN A 400 8.92 -8.27 -0.59
CA GLN A 400 7.44 -8.19 -0.63
C GLN A 400 7.00 -6.85 -1.24
N GLU A 401 7.91 -5.89 -1.35
CA GLU A 401 7.56 -4.51 -1.78
C GLU A 401 6.86 -4.55 -3.15
N ALA A 402 6.10 -3.51 -3.48
CA ALA A 402 5.30 -3.38 -4.73
C ALA A 402 5.07 -1.89 -5.04
N LEU A 403 4.90 -1.55 -6.33
CA LEU A 403 4.56 -0.17 -6.79
C LEU A 403 3.16 0.22 -6.28
N GLU A 404 2.98 1.48 -5.90
CA GLU A 404 1.71 1.96 -5.31
C GLU A 404 1.56 3.47 -5.66
N GLY A 405 0.34 3.93 -5.88
CA GLY A 405 0.08 5.32 -6.30
C GLY A 405 -0.91 5.35 -7.45
N PRO A 406 -0.81 6.25 -8.44
CA PRO A 406 0.28 7.22 -8.52
C PRO A 406 0.14 8.29 -7.42
N TYR A 407 1.26 8.90 -7.06
CA TYR A 407 1.41 10.01 -6.10
C TYR A 407 1.87 11.25 -6.89
N GLU A 408 1.67 12.45 -6.33
CA GLU A 408 2.17 13.71 -6.93
C GLU A 408 2.88 14.53 -5.85
N LEU A 409 4.03 15.13 -6.19
CA LEU A 409 4.78 16.00 -5.26
C LEU A 409 5.35 17.21 -6.01
N PHE A 410 5.19 18.37 -5.37
CA PHE A 410 5.76 19.68 -5.73
C PHE A 410 6.71 20.07 -4.60
N THR A 411 8.03 19.94 -4.82
CA THR A 411 9.07 20.15 -3.79
C THR A 411 10.33 20.78 -4.40
N SER A 412 11.08 21.51 -3.57
CA SER A 412 12.51 21.83 -3.78
C SER A 412 13.36 20.60 -3.45
N ILE A 413 14.57 20.48 -4.00
CA ILE A 413 15.40 19.25 -3.98
C ILE A 413 16.78 19.58 -3.44
N PRO A 414 17.52 18.60 -2.90
CA PRO A 414 18.89 18.88 -2.46
C PRO A 414 19.92 19.08 -3.59
N SER A 415 19.85 18.32 -4.69
CA SER A 415 20.97 18.12 -5.65
C SER A 415 20.44 17.81 -7.06
N ARG A 416 20.51 18.77 -7.97
CA ARG A 416 20.03 18.59 -9.35
C ARG A 416 20.77 17.43 -9.97
N PRO A 417 22.12 17.36 -9.87
CA PRO A 417 22.88 16.34 -10.59
C PRO A 417 22.96 14.94 -9.97
N PHE A 418 22.78 14.78 -8.66
CA PHE A 418 23.00 13.49 -7.97
C PHE A 418 21.74 12.95 -7.26
N PHE A 419 20.83 13.78 -6.76
CA PHE A 419 19.58 13.24 -6.15
C PHE A 419 18.44 14.24 -6.19
N PRO A 420 17.88 14.46 -7.40
CA PRO A 420 16.84 15.47 -7.58
C PRO A 420 15.42 15.03 -7.16
N ARG A 421 15.20 14.86 -5.87
CA ARG A 421 13.92 14.32 -5.33
C ARG A 421 13.69 14.85 -3.93
N GLY A 422 12.44 14.83 -3.49
CA GLY A 422 12.04 15.27 -2.14
C GLY A 422 12.76 14.44 -1.11
N PHE A 423 13.38 15.07 -0.10
CA PHE A 423 13.83 14.39 1.13
C PHE A 423 13.12 15.07 2.30
N LEU A 424 12.47 14.30 3.17
CA LEU A 424 11.50 14.87 4.12
C LEU A 424 12.16 15.97 4.95
N TRP A 425 13.20 15.67 5.75
CA TRP A 425 13.74 16.68 6.71
C TRP A 425 14.52 17.78 5.99
N ASP A 426 15.09 17.48 4.80
CA ASP A 426 15.78 18.48 3.95
C ASP A 426 14.81 19.63 3.68
N GLU A 427 13.55 19.31 3.37
CA GLU A 427 12.60 20.35 2.87
C GLU A 427 12.31 21.39 3.96
N GLY A 428 12.30 20.98 5.23
CA GLY A 428 12.13 21.89 6.38
C GLY A 428 13.22 22.94 6.37
N PHE A 429 14.42 22.60 5.90
CA PHE A 429 15.53 23.57 5.73
C PHE A 429 15.35 24.36 4.42
N HIS A 430 14.99 23.71 3.31
CA HIS A 430 14.83 24.38 2.00
C HIS A 430 13.78 25.48 2.12
N LEU A 431 12.71 25.28 2.90
CA LEU A 431 11.53 26.19 2.84
C LEU A 431 11.72 27.38 3.79
N LEU A 432 12.78 27.38 4.59
CA LEU A 432 12.97 28.49 5.54
C LEU A 432 13.21 29.77 4.75
N PRO A 433 14.10 29.79 3.74
CA PRO A 433 14.29 30.98 2.91
C PRO A 433 13.18 31.16 1.86
N ILE A 434 12.70 30.06 1.28
CA ILE A 434 11.60 30.16 0.28
C ILE A 434 10.40 30.86 0.94
N ALA A 435 10.14 30.58 2.23
CA ALA A 435 8.98 31.07 2.98
C ALA A 435 9.10 32.58 3.17
N ASP A 436 10.31 33.08 3.37
CA ASP A 436 10.56 34.55 3.41
C ASP A 436 10.08 35.14 2.08
N TRP A 437 10.55 34.56 0.97
CA TRP A 437 10.41 35.11 -0.41
C TRP A 437 8.94 35.09 -0.83
N ASP A 438 8.19 34.06 -0.43
CA ASP A 438 6.82 33.79 -0.93
C ASP A 438 6.11 32.79 0.01
N ILE A 439 5.56 33.26 1.12
CA ILE A 439 4.99 32.37 2.19
C ILE A 439 3.84 31.52 1.62
N ASP A 440 3.10 32.04 0.63
CA ASP A 440 2.01 31.27 -0.04
C ASP A 440 2.63 30.08 -0.79
N LEU A 441 3.78 30.28 -1.43
CA LEU A 441 4.47 29.21 -2.18
C LEU A 441 4.95 28.13 -1.22
N ALA A 442 5.57 28.48 -0.08
CA ALA A 442 6.08 27.46 0.88
C ALA A 442 4.91 26.60 1.38
N LEU A 443 3.74 27.20 1.62
CA LEU A 443 2.52 26.50 2.14
C LEU A 443 1.96 25.55 1.08
N GLU A 444 2.07 25.88 -0.21
CA GLU A 444 1.70 24.96 -1.32
C GLU A 444 2.64 23.75 -1.29
N ILE A 445 3.92 23.97 -0.95
CA ILE A 445 4.86 22.82 -0.90
C ILE A 445 4.52 21.98 0.33
N ILE A 446 4.24 22.60 1.47
CA ILE A 446 3.95 21.85 2.73
C ILE A 446 2.74 20.95 2.48
N LYS A 447 1.67 21.56 1.93
CA LYS A 447 0.39 20.87 1.59
C LYS A 447 0.71 19.71 0.66
N SER A 448 1.52 19.93 -0.38
CA SER A 448 1.97 18.86 -1.30
C SER A 448 2.58 17.71 -0.49
N TRP A 449 3.43 17.99 0.51
CA TRP A 449 4.12 16.93 1.30
C TRP A 449 3.11 16.21 2.17
N TYR A 450 2.24 16.94 2.88
CA TYR A 450 1.34 16.30 3.87
C TYR A 450 0.16 15.59 3.18
N ASN A 451 -0.10 15.84 1.88
CA ASN A 451 -1.10 15.05 1.10
C ASN A 451 -0.53 13.68 0.70
N LEU A 452 0.69 13.32 1.10
CA LEU A 452 1.24 11.97 0.85
C LEU A 452 0.96 11.05 2.05
N MET A 453 0.59 11.63 3.20
CA MET A 453 0.46 10.87 4.48
C MET A 453 -0.56 9.72 4.30
N ASP A 454 -0.18 8.50 4.69
CA ASP A 454 -1.05 7.28 4.66
C ASP A 454 -1.97 7.30 5.90
N GLU A 455 -2.88 6.34 6.03
CA GLU A 455 -3.92 6.33 7.10
C GLU A 455 -3.23 6.29 8.48
N ASP A 456 -2.08 5.60 8.60
CA ASP A 456 -1.25 5.47 9.84
C ASP A 456 -0.59 6.79 10.28
N GLY A 457 -0.27 7.72 9.36
CA GLY A 457 0.42 9.01 9.64
C GLY A 457 1.88 9.05 9.21
N TRP A 458 2.33 8.08 8.41
CA TRP A 458 3.67 7.99 7.79
C TRP A 458 3.72 8.77 6.47
N ILE A 459 4.77 9.55 6.30
CA ILE A 459 5.27 10.07 5.00
C ILE A 459 6.65 9.46 4.77
N ALA A 460 6.86 8.73 3.68
CA ALA A 460 8.17 8.16 3.30
C ALA A 460 9.16 9.32 3.16
N ARG A 461 10.40 9.08 3.60
CA ARG A 461 11.39 10.14 3.91
C ARG A 461 12.13 10.53 2.61
N GLU A 462 11.98 9.74 1.55
CA GLU A 462 12.70 9.91 0.26
C GLU A 462 11.68 9.55 -0.83
N GLN A 463 11.28 10.52 -1.66
CA GLN A 463 10.13 10.36 -2.60
C GLN A 463 10.64 10.12 -4.03
N ILE A 464 10.62 8.86 -4.48
CA ILE A 464 11.06 8.42 -5.83
C ILE A 464 9.82 8.09 -6.68
N LEU A 465 9.26 9.10 -7.37
CA LEU A 465 7.94 9.07 -8.06
C LEU A 465 8.13 8.96 -9.58
N GLY A 466 7.56 7.90 -10.15
CA GLY A 466 7.64 7.63 -11.59
C GLY A 466 8.95 6.97 -11.96
N ALA A 467 9.00 6.39 -13.16
CA ALA A 467 10.15 5.67 -13.74
C ALA A 467 11.28 6.66 -14.04
N GLU A 468 10.94 7.91 -14.40
CA GLU A 468 11.97 8.95 -14.66
C GLU A 468 12.85 9.05 -13.41
N ALA A 469 12.24 9.20 -12.23
CA ALA A 469 12.91 9.22 -10.89
C ALA A 469 13.69 7.93 -10.67
N ARG A 470 13.09 6.78 -10.98
CA ARG A 470 13.60 5.46 -10.55
C ARG A 470 14.84 5.12 -11.36
N SER A 471 15.01 5.72 -12.54
CA SER A 471 16.13 5.44 -13.47
C SER A 471 17.45 5.93 -12.85
N LYS A 472 17.38 6.93 -11.98
CA LYS A 472 18.54 7.56 -11.28
C LYS A 472 18.75 6.95 -9.86
N VAL A 473 18.34 5.69 -9.60
CA VAL A 473 18.37 5.06 -8.24
C VAL A 473 18.49 3.54 -8.38
N PRO A 474 19.53 2.89 -7.82
CA PRO A 474 19.60 1.42 -7.82
C PRO A 474 18.35 0.82 -7.16
N LYS A 475 17.81 -0.28 -7.71
CA LYS A 475 16.63 -1.00 -7.16
C LYS A 475 16.76 -1.09 -5.62
N GLU A 476 17.92 -1.52 -5.09
CA GLU A 476 18.13 -1.82 -3.64
C GLU A 476 17.71 -0.61 -2.77
N PHE A 477 17.79 0.62 -3.26
CA PHE A 477 17.64 1.84 -2.41
C PHE A 477 16.38 2.62 -2.81
N GLN A 478 15.52 2.07 -3.66
CA GLN A 478 14.22 2.70 -4.03
C GLN A 478 13.15 2.41 -2.95
N THR A 479 13.20 1.22 -2.35
CA THR A 479 12.16 0.73 -1.42
C THR A 479 12.10 1.60 -0.16
N GLN A 480 10.92 2.10 0.17
CA GLN A 480 10.62 2.89 1.39
C GLN A 480 9.94 1.99 2.42
N TYR A 481 10.01 2.32 3.72
CA TYR A 481 9.57 1.44 4.84
C TYR A 481 8.66 2.22 5.78
N PRO A 482 7.43 1.75 6.05
CA PRO A 482 6.47 2.53 6.85
C PRO A 482 6.83 2.69 8.33
N HIS A 483 7.93 2.06 8.78
CA HIS A 483 8.50 2.17 10.16
C HIS A 483 9.74 3.10 10.22
N TYR A 484 10.24 3.61 9.07
CA TYR A 484 11.36 4.56 8.98
C TYR A 484 10.85 6.01 9.03
N ALA A 485 11.35 6.80 9.99
CA ALA A 485 10.93 8.20 10.19
C ALA A 485 12.05 9.13 9.71
N ASN A 486 12.02 10.41 10.09
CA ASN A 486 12.89 11.49 9.56
C ASN A 486 12.50 12.79 10.28
N PRO A 487 13.47 13.59 10.75
CA PRO A 487 13.16 14.74 11.60
C PRO A 487 12.00 15.61 11.08
N PRO A 488 11.04 15.97 11.97
CA PRO A 488 9.87 16.76 11.55
C PRO A 488 10.19 18.24 11.36
N THR A 489 11.07 18.54 10.40
CA THR A 489 11.63 19.90 10.18
C THR A 489 10.56 20.85 9.65
N LEU A 490 9.53 20.33 9.01
CA LEU A 490 8.50 21.19 8.37
C LEU A 490 7.72 21.95 9.45
N PHE A 491 7.66 21.45 10.68
CA PHE A 491 7.04 22.15 11.84
C PHE A 491 7.71 23.52 12.08
N LEU A 492 9.04 23.57 11.96
CA LEU A 492 9.82 24.84 12.05
C LEU A 492 9.25 25.85 11.05
N VAL A 493 9.04 25.46 9.79
CA VAL A 493 8.53 26.40 8.74
C VAL A 493 7.14 26.89 9.16
N LEU A 494 6.33 26.02 9.78
CA LEU A 494 4.97 26.34 10.26
C LEU A 494 5.06 27.26 11.47
N ASP A 495 6.03 27.03 12.36
CA ASP A 495 6.28 27.91 13.53
C ASP A 495 6.47 29.36 13.04
N ASN A 496 7.28 29.56 11.99
CA ASN A 496 7.60 30.89 11.37
C ASN A 496 6.33 31.54 10.83
N PHE A 497 5.45 30.71 10.24
CA PHE A 497 4.14 31.11 9.69
C PHE A 497 3.25 31.65 10.81
N VAL A 498 3.17 30.90 11.91
CA VAL A 498 2.33 31.22 13.09
C VAL A 498 2.80 32.56 13.67
N GLU A 499 4.12 32.82 13.75
CA GLU A 499 4.64 34.13 14.25
C GLU A 499 4.07 35.23 13.34
N ARG A 500 4.22 35.09 12.03
CA ARG A 500 3.81 36.14 11.04
C ARG A 500 2.29 36.40 11.17
N LEU A 501 1.48 35.34 11.25
CA LEU A 501 0.00 35.40 11.32
C LEU A 501 -0.42 36.15 12.59
N ARG A 502 0.22 35.86 13.73
CA ARG A 502 0.13 36.67 14.97
C ARG A 502 0.44 38.15 14.63
N LYS A 503 1.67 38.49 14.26
CA LYS A 503 2.16 39.88 14.02
C LYS A 503 1.98 40.26 12.55
N LEU A 517 -0.13 41.47 -8.89
CA LEU A 517 -0.91 40.23 -8.56
C LEU A 517 0.03 39.17 -7.99
N ASP A 518 1.23 39.05 -8.56
CA ASP A 518 2.30 38.13 -8.10
C ASP A 518 2.75 38.56 -6.71
N GLU A 519 2.89 39.87 -6.49
CA GLU A 519 3.23 40.45 -5.16
C GLU A 519 2.05 40.19 -4.19
N THR A 520 0.81 40.41 -4.62
CA THR A 520 -0.43 40.24 -3.79
C THR A 520 -0.54 38.79 -3.31
N LEU A 521 -0.36 37.81 -4.22
CA LEU A 521 -0.51 36.35 -3.97
C LEU A 521 0.60 35.84 -3.06
N SER A 522 1.83 36.32 -3.26
CA SER A 522 3.02 35.84 -2.53
C SER A 522 2.78 35.85 -1.01
N THR A 523 2.00 36.81 -0.47
CA THR A 523 1.79 37.03 0.99
C THR A 523 0.31 36.90 1.39
N ALA A 524 -0.54 36.40 0.49
CA ALA A 524 -2.02 36.36 0.67
C ALA A 524 -2.44 35.57 1.93
N SER A 525 -1.63 34.65 2.45
CA SER A 525 -2.01 33.76 3.58
C SER A 525 -1.75 34.43 4.93
N VAL A 526 -0.82 35.40 5.00
CA VAL A 526 -0.53 36.19 6.23
C VAL A 526 -1.34 37.50 6.21
N ASP A 527 -1.55 38.09 5.03
CA ASP A 527 -2.32 39.36 4.86
C ASP A 527 -3.80 39.13 5.19
N ASN A 528 -4.33 37.94 4.87
CA ASN A 528 -5.76 37.57 5.00
C ASN A 528 -5.89 36.51 6.08
N PRO A 529 -6.04 36.93 7.36
CA PRO A 529 -5.89 36.03 8.50
C PRO A 529 -6.96 34.93 8.51
N GLU A 530 -8.17 35.26 8.04
CA GLU A 530 -9.27 34.28 7.80
C GLU A 530 -8.70 33.09 7.01
N VAL A 531 -7.96 33.38 5.93
CA VAL A 531 -7.34 32.39 4.98
C VAL A 531 -6.32 31.53 5.72
N GLY A 532 -5.43 32.16 6.49
CA GLY A 532 -4.38 31.48 7.27
C GLY A 532 -4.95 30.41 8.18
N LEU A 533 -5.90 30.79 9.05
CA LEU A 533 -6.49 29.88 10.09
C LEU A 533 -7.20 28.73 9.37
N GLU A 534 -7.84 29.01 8.23
CA GLU A 534 -8.57 27.99 7.44
C GLU A 534 -7.53 26.97 6.91
N TYR A 535 -6.36 27.45 6.46
CA TYR A 535 -5.26 26.59 5.96
C TYR A 535 -4.87 25.61 7.08
N LEU A 536 -4.58 26.16 8.26
CA LEU A 536 -4.25 25.40 9.50
C LEU A 536 -5.38 24.43 9.91
N ARG A 537 -6.64 24.89 9.93
CA ARG A 537 -7.82 24.08 10.34
C ARG A 537 -7.78 22.71 9.63
N ARG A 538 -7.38 22.71 8.35
CA ARG A 538 -7.37 21.51 7.46
C ARG A 538 -6.12 20.68 7.72
N LEU A 539 -4.97 21.34 7.93
CA LEU A 539 -3.67 20.63 8.06
C LEU A 539 -3.55 20.04 9.48
N TYR A 540 -3.90 20.84 10.48
CA TYR A 540 -3.79 20.48 11.93
C TYR A 540 -4.08 18.99 12.17
N PRO A 541 -5.26 18.45 11.78
CA PRO A 541 -5.51 17.03 11.93
C PRO A 541 -4.29 16.18 11.52
N LEU A 542 -3.66 16.54 10.40
CA LEU A 542 -2.61 15.70 9.76
C LEU A 542 -1.34 15.76 10.62
N LEU A 543 -0.99 16.94 11.11
CA LEU A 543 0.15 17.10 12.04
C LEU A 543 -0.08 16.21 13.26
N ARG A 544 -1.29 16.26 13.83
CA ARG A 544 -1.68 15.51 15.05
C ARG A 544 -1.52 14.01 14.80
N ARG A 545 -1.95 13.53 13.63
CA ARG A 545 -1.79 12.12 13.22
C ARG A 545 -0.31 11.79 13.23
N GLN A 546 0.52 12.61 12.56
CA GLN A 546 1.97 12.36 12.39
C GLN A 546 2.60 12.29 13.78
N PHE A 547 2.22 13.23 14.66
CA PHE A 547 2.67 13.31 16.07
C PHE A 547 2.42 12.01 16.83
N ASP A 548 1.18 11.51 16.73
CA ASP A 548 0.72 10.20 17.30
C ASP A 548 1.50 9.06 16.64
N TRP A 549 1.81 9.15 15.35
CA TRP A 549 2.61 8.13 14.60
C TRP A 549 3.97 7.94 15.27
N PHE A 550 4.71 9.03 15.46
CA PHE A 550 6.03 9.09 16.14
C PHE A 550 5.95 8.37 17.49
N ARG A 551 4.91 8.65 18.28
CA ARG A 551 4.75 8.09 19.65
C ARG A 551 4.41 6.59 19.59
N LYS A 552 3.62 6.14 18.60
CA LYS A 552 3.32 4.68 18.45
C LYS A 552 4.58 3.96 17.98
N THR A 553 5.21 4.39 16.87
CA THR A 553 6.19 3.60 16.07
C THR A 553 7.64 3.79 16.55
N GLN A 554 7.99 4.98 17.07
CA GLN A 554 9.41 5.30 17.39
C GLN A 554 9.64 5.34 18.91
N ALA A 555 8.84 4.58 19.68
CA ALA A 555 8.86 4.55 21.16
C ALA A 555 10.07 3.73 21.67
N GLY A 556 10.73 4.19 22.73
CA GLY A 556 11.76 3.40 23.46
C GLY A 556 11.24 2.84 24.77
N ASP A 557 11.96 1.90 25.38
CA ASP A 557 11.48 1.15 26.57
C ASP A 557 11.99 1.80 27.88
N ILE A 558 11.09 2.27 28.75
CA ILE A 558 11.38 2.65 30.18
C ILE A 558 11.04 1.49 31.13
N LYS A 559 9.79 0.98 31.06
CA LYS A 559 9.09 0.22 32.15
C LYS A 559 9.68 -1.19 32.32
N SER A 560 10.43 -1.72 31.36
CA SER A 560 10.93 -3.13 31.40
C SER A 560 12.40 -3.18 31.84
N TYR A 561 12.97 -2.03 32.22
CA TYR A 561 14.40 -1.93 32.64
C TYR A 561 14.47 -1.22 33.99
N ASP A 562 15.62 -1.31 34.69
CA ASP A 562 15.97 -0.58 35.95
C ASP A 562 16.16 0.90 35.62
N ARG A 563 15.05 1.62 35.36
CA ARG A 563 15.00 3.03 34.89
C ARG A 563 13.99 3.82 35.74
N GLU A 564 14.46 4.77 36.55
CA GLU A 564 13.60 5.77 37.24
C GLU A 564 13.58 7.04 36.37
N ALA A 565 12.43 7.72 36.33
CA ALA A 565 12.25 9.04 35.66
C ALA A 565 10.85 9.61 35.98
N TYR A 566 10.70 10.91 35.77
CA TYR A 566 9.51 11.74 36.05
C TYR A 566 8.27 11.21 35.30
N SER A 567 8.42 10.76 34.05
CA SER A 567 7.35 10.17 33.20
C SER A 567 7.77 8.78 32.73
N THR A 568 6.84 7.81 32.71
CA THR A 568 7.05 6.43 32.21
C THR A 568 6.64 6.35 30.74
N LYS A 569 5.96 7.39 30.22
CA LYS A 569 5.45 7.47 28.83
C LYS A 569 6.60 7.88 27.88
N GLU A 570 7.32 8.95 28.20
CA GLU A 570 8.21 9.68 27.24
C GLU A 570 9.62 9.07 27.20
N ALA A 571 9.99 8.50 26.05
CA ALA A 571 11.35 8.02 25.69
C ALA A 571 11.31 7.49 24.25
N TYR A 572 12.23 7.87 23.37
CA TYR A 572 12.08 7.54 21.93
C TYR A 572 13.35 6.86 21.39
N ARG A 573 13.17 5.99 20.42
CA ARG A 573 14.26 5.24 19.73
C ARG A 573 13.91 5.15 18.24
N TRP A 574 14.72 5.77 17.38
CA TRP A 574 14.74 5.57 15.90
C TRP A 574 14.74 4.08 15.53
N ARG A 575 13.73 3.70 14.76
CA ARG A 575 13.77 2.43 14.00
C ARG A 575 14.67 2.65 12.80
N GLY A 576 15.43 1.61 12.46
CA GLY A 576 16.06 1.44 11.13
C GLY A 576 17.56 1.41 11.26
N ARG A 577 18.07 1.37 12.48
CA ARG A 577 19.52 1.62 12.65
C ARG A 577 20.24 0.28 12.47
N THR A 578 21.41 0.34 11.81
CA THR A 578 22.29 -0.83 11.57
C THR A 578 23.49 -0.69 12.52
N VAL A 579 24.45 -1.61 12.42
CA VAL A 579 25.61 -1.70 13.37
C VAL A 579 26.35 -0.36 13.37
N SER A 580 26.47 0.30 12.20
CA SER A 580 27.31 1.49 11.99
C SER A 580 26.50 2.69 11.49
N HIS A 581 25.17 2.60 11.37
CA HIS A 581 24.34 3.71 10.82
C HIS A 581 23.07 3.95 11.64
N CYS A 582 22.47 5.12 11.44
CA CYS A 582 21.07 5.50 11.79
C CYS A 582 20.59 6.51 10.73
N LEU A 583 20.23 6.01 9.54
CA LEU A 583 19.86 6.83 8.37
C LEU A 583 18.60 7.65 8.67
N THR A 584 17.68 7.16 9.49
CA THR A 584 16.36 7.79 9.71
C THR A 584 16.52 9.09 10.51
N SER A 585 17.56 9.19 11.36
CA SER A 585 17.86 10.37 12.20
C SER A 585 18.25 11.61 11.35
N GLY A 586 18.76 11.38 10.14
CA GLY A 586 19.31 12.41 9.26
C GLY A 586 20.83 12.37 9.30
N LEU A 587 21.40 11.85 10.39
CA LEU A 587 22.86 11.93 10.68
C LEU A 587 23.48 10.54 10.50
N ASP A 588 23.67 10.15 9.25
CA ASP A 588 23.94 8.77 8.80
C ASP A 588 24.83 8.08 9.84
N ASP A 589 26.09 8.50 10.01
CA ASP A 589 27.14 7.69 10.68
C ASP A 589 27.62 8.36 11.98
N TYR A 590 26.86 9.32 12.50
CA TYR A 590 27.16 9.82 13.86
C TYR A 590 27.20 8.59 14.76
N PRO A 591 28.27 8.44 15.55
CA PRO A 591 28.41 7.25 16.40
C PRO A 591 27.30 7.17 17.47
N ARG A 592 26.77 5.96 17.65
CA ARG A 592 25.62 5.63 18.56
C ARG A 592 26.03 4.43 19.41
N PRO A 593 25.28 4.08 20.48
CA PRO A 593 25.64 2.97 21.36
C PRO A 593 26.03 1.71 20.57
N GLN A 594 27.02 0.95 21.08
CA GLN A 594 27.55 -0.31 20.48
C GLN A 594 27.33 -1.46 21.47
N PRO A 595 26.58 -2.53 21.13
CA PRO A 595 25.83 -2.64 19.88
C PRO A 595 24.52 -1.86 19.90
N PRO A 596 23.84 -1.75 18.75
CA PRO A 596 22.47 -1.25 18.73
C PRO A 596 21.64 -2.23 19.56
N HIS A 597 20.57 -1.73 20.16
CA HIS A 597 19.87 -2.45 21.26
C HIS A 597 18.46 -1.89 21.38
N PRO A 598 17.47 -2.72 21.73
CA PRO A 598 16.11 -2.23 21.89
C PRO A 598 15.90 -1.37 23.15
N GLY A 599 16.87 -1.35 24.05
CA GLY A 599 16.86 -0.45 25.21
C GLY A 599 17.32 0.95 24.86
N GLU A 600 17.98 1.11 23.70
CA GLU A 600 18.49 2.41 23.21
C GLU A 600 17.44 3.48 23.43
N LEU A 601 17.86 4.68 23.84
CA LEU A 601 17.08 5.94 23.68
C LEU A 601 17.96 7.02 23.02
N HIS A 602 17.42 7.71 22.01
CA HIS A 602 18.14 8.68 21.16
C HIS A 602 17.71 10.11 21.54
N VAL A 603 18.60 10.88 22.16
CA VAL A 603 18.24 12.22 22.71
C VAL A 603 17.75 13.14 21.58
N ASP A 604 18.27 13.01 20.34
CA ASP A 604 17.89 13.90 19.22
C ASP A 604 16.43 13.66 18.81
N LEU A 605 15.97 12.41 18.83
CA LEU A 605 14.55 12.08 18.54
C LEU A 605 13.62 12.71 19.60
N MET A 606 13.90 12.51 20.90
CA MET A 606 13.05 13.07 21.98
C MET A 606 12.89 14.57 21.77
N SER A 607 13.95 15.24 21.33
CA SER A 607 13.99 16.71 21.17
C SER A 607 13.14 17.11 19.97
N TRP A 608 13.13 16.30 18.92
CA TRP A 608 12.24 16.54 17.76
C TRP A 608 10.77 16.47 18.21
N VAL A 609 10.44 15.54 19.12
CA VAL A 609 9.08 15.44 19.70
C VAL A 609 8.80 16.74 20.46
N GLY A 610 9.75 17.16 21.29
CA GLY A 610 9.78 18.52 21.85
C GLY A 610 9.29 19.55 20.82
N VAL A 611 9.91 19.58 19.64
CA VAL A 611 9.61 20.59 18.59
C VAL A 611 8.12 20.48 18.18
N MET A 612 7.61 19.27 17.95
CA MET A 612 6.20 19.11 17.47
C MET A 612 5.23 19.61 18.56
N VAL A 613 5.34 19.09 19.78
CA VAL A 613 4.36 19.43 20.86
C VAL A 613 4.27 20.95 20.91
N LYS A 614 5.41 21.64 20.88
CA LYS A 614 5.42 23.14 20.96
C LYS A 614 4.60 23.73 19.80
N SER A 615 4.71 23.17 18.58
CA SER A 615 3.96 23.62 17.38
C SER A 615 2.48 23.30 17.56
N LEU A 616 2.17 22.08 17.98
CA LEU A 616 0.76 21.66 18.21
C LEU A 616 0.17 22.49 19.34
N ILE A 617 0.90 22.66 20.43
CA ILE A 617 0.49 23.62 21.50
C ILE A 617 0.12 24.94 20.83
N SER A 618 0.99 25.45 19.95
CA SER A 618 0.87 26.78 19.29
C SER A 618 -0.33 26.81 18.34
N ILE A 619 -0.46 25.88 17.40
CA ILE A 619 -1.52 25.89 16.35
C ILE A 619 -2.87 25.50 17.00
N GLY A 620 -2.83 24.50 17.89
CA GLY A 620 -3.96 24.06 18.72
C GLY A 620 -4.61 25.23 19.44
N SER A 621 -3.80 26.02 20.17
CA SER A 621 -4.26 27.25 20.86
C SER A 621 -5.10 28.07 19.87
N LEU A 622 -4.60 28.24 18.64
CA LEU A 622 -5.20 29.19 17.66
C LEU A 622 -6.58 28.69 17.23
N LEU A 623 -6.76 27.38 17.04
CA LEU A 623 -8.05 26.76 16.64
C LEU A 623 -8.94 26.46 17.86
N GLY A 624 -8.46 26.78 19.07
CA GLY A 624 -9.16 26.55 20.35
C GLY A 624 -9.50 25.09 20.59
N ALA A 625 -8.56 24.16 20.34
CA ALA A 625 -8.69 22.71 20.65
C ALA A 625 -8.26 22.45 22.10
N THR A 626 -8.97 23.08 23.05
CA THR A 626 -8.71 23.11 24.52
C THR A 626 -8.32 21.70 25.03
N GLU A 627 -9.14 20.68 24.76
CA GLU A 627 -8.90 19.26 25.16
C GLU A 627 -7.50 18.82 24.68
N ASP A 628 -7.16 19.16 23.43
CA ASP A 628 -5.90 18.75 22.74
C ASP A 628 -4.69 19.42 23.40
N VAL A 629 -4.67 20.75 23.44
CA VAL A 629 -3.51 21.52 23.99
C VAL A 629 -3.17 21.01 25.39
N GLU A 630 -4.17 20.72 26.24
CA GLU A 630 -3.95 20.25 27.64
C GLU A 630 -3.13 18.94 27.63
N PHE A 631 -3.43 17.98 26.76
CA PHE A 631 -2.65 16.72 26.61
C PHE A 631 -1.19 17.05 26.21
N TYR A 632 -0.95 17.98 25.27
CA TYR A 632 0.42 18.33 24.84
C TYR A 632 1.17 19.02 25.99
N THR A 633 0.46 19.86 26.75
CA THR A 633 1.01 20.65 27.89
C THR A 633 1.57 19.67 28.95
N LYS A 634 0.78 18.66 29.32
CA LYS A 634 1.27 17.49 30.12
C LYS A 634 2.55 16.96 29.46
N VAL A 635 2.50 16.71 28.16
CA VAL A 635 3.55 15.95 27.41
C VAL A 635 4.82 16.79 27.29
N LEU A 636 4.73 18.12 27.16
CA LEU A 636 5.92 19.02 27.08
C LEU A 636 6.66 19.04 28.42
N ASP A 637 5.91 19.23 29.52
CA ASP A 637 6.42 19.13 30.91
C ASP A 637 7.21 17.81 31.06
N ALA A 638 6.59 16.69 30.71
CA ALA A 638 7.16 15.33 30.86
C ALA A 638 8.51 15.28 30.14
N ILE A 639 8.59 15.76 28.90
CA ILE A 639 9.81 15.58 28.05
C ILE A 639 10.96 16.37 28.70
N GLU A 640 10.70 17.63 29.05
CA GLU A 640 11.67 18.52 29.76
C GLU A 640 12.33 17.75 30.92
N HIS A 641 11.55 17.19 31.84
CA HIS A 641 12.08 16.42 33.01
C HIS A 641 12.89 15.21 32.53
N ASN A 642 12.35 14.48 31.54
CA ASN A 642 12.84 13.13 31.15
C ASN A 642 14.15 13.27 30.36
N LEU A 643 14.28 14.33 29.55
CA LEU A 643 15.57 14.70 28.88
C LEU A 643 16.70 14.65 29.92
N ASP A 644 16.57 15.46 30.98
CA ASP A 644 17.49 15.49 32.15
C ASP A 644 17.61 14.08 32.76
N ASP A 645 16.48 13.46 33.13
CA ASP A 645 16.48 12.23 33.96
C ASP A 645 17.16 11.10 33.19
N LEU A 646 17.00 11.03 31.85
CA LEU A 646 17.51 9.89 31.03
C LEU A 646 18.72 10.27 30.16
N HIS A 647 18.92 11.55 29.81
CA HIS A 647 19.90 11.93 28.75
C HIS A 647 21.02 12.84 29.27
N TRP A 648 20.86 13.52 30.41
CA TRP A 648 21.89 14.44 30.96
C TRP A 648 23.00 13.66 31.67
N SER A 649 24.25 14.07 31.43
CA SER A 649 25.49 13.58 32.06
C SER A 649 26.16 14.77 32.79
N GLU A 650 26.19 14.76 34.14
CA GLU A 650 27.02 15.69 34.95
C GLU A 650 28.51 15.37 34.73
N LYS A 651 28.95 14.09 34.69
CA LYS A 651 30.37 13.70 34.42
C LYS A 651 30.86 14.36 33.11
N GLU A 652 30.14 14.27 31.98
CA GLU A 652 30.66 14.79 30.68
C GLU A 652 30.16 16.21 30.40
N GLY A 653 29.12 16.67 31.09
CA GLY A 653 28.62 18.06 30.99
C GLY A 653 27.82 18.34 29.72
N CYS A 654 26.97 17.41 29.28
CA CYS A 654 26.16 17.53 28.03
C CYS A 654 25.15 16.37 27.94
N TYR A 655 24.13 16.51 27.10
CA TYR A 655 23.12 15.44 26.78
C TYR A 655 23.81 14.32 25.99
N CYS A 656 23.34 13.09 26.20
CA CYS A 656 23.89 11.86 25.56
C CYS A 656 22.75 10.92 25.15
N ASP A 657 23.03 10.03 24.19
CA ASP A 657 22.21 8.83 23.87
C ASP A 657 22.37 7.81 25.02
N ALA A 658 21.48 6.82 25.06
CA ALA A 658 21.41 5.78 26.12
C ALA A 658 21.21 4.39 25.47
N THR A 659 21.58 3.34 26.21
CA THR A 659 21.37 1.90 25.90
C THR A 659 21.00 1.24 27.20
N ILE A 660 21.13 -0.09 27.27
CA ILE A 660 21.38 -0.74 28.57
C ILE A 660 22.59 -1.68 28.45
N ASP A 661 23.28 -1.79 29.59
CA ASP A 661 24.56 -2.48 29.89
C ASP A 661 24.54 -3.95 29.45
N GLU A 662 25.72 -4.56 29.50
CA GLU A 662 25.96 -6.03 29.55
C GLU A 662 25.13 -6.63 30.71
N PHE A 663 25.00 -5.95 31.86
CA PHE A 663 24.41 -6.50 33.11
C PHE A 663 23.02 -5.86 33.36
N GLU A 664 22.36 -5.42 32.28
CA GLU A 664 20.92 -5.00 32.22
C GLU A 664 20.70 -3.68 32.97
N GLU A 665 21.75 -2.89 33.21
CA GLU A 665 21.63 -1.52 33.79
C GLU A 665 21.58 -0.50 32.64
N HIS A 666 20.92 0.64 32.83
CA HIS A 666 20.91 1.82 31.91
C HIS A 666 22.28 2.50 31.90
N LYS A 667 22.94 2.63 30.73
CA LYS A 667 24.25 3.32 30.57
C LYS A 667 24.02 4.49 29.61
N LEU A 668 24.50 5.69 29.94
CA LEU A 668 24.65 6.83 29.00
C LEU A 668 25.86 6.54 28.12
N VAL A 669 25.78 6.84 26.82
CA VAL A 669 26.94 6.74 25.88
C VAL A 669 27.14 8.12 25.25
N CYS A 670 28.27 8.77 25.56
CA CYS A 670 28.51 10.20 25.27
C CYS A 670 29.55 10.34 24.15
N HIS A 671 29.16 10.97 23.07
CA HIS A 671 30.05 11.25 21.93
C HIS A 671 29.85 12.72 21.61
N LYS A 672 30.67 13.60 22.20
CA LYS A 672 30.50 15.07 22.11
C LYS A 672 30.44 15.49 20.63
N GLY A 673 29.39 16.19 20.24
CA GLY A 673 29.11 16.58 18.84
C GLY A 673 27.70 17.11 18.70
N TYR A 674 27.19 17.22 17.47
CA TYR A 674 25.84 17.78 17.19
C TYR A 674 24.82 17.14 18.13
N ILE A 675 24.90 15.82 18.34
CA ILE A 675 23.87 15.05 19.08
C ILE A 675 23.77 15.65 20.50
N SER A 676 24.93 15.86 21.12
CA SER A 676 25.14 16.33 22.51
C SER A 676 24.42 17.66 22.79
N LEU A 677 24.18 18.46 21.75
CA LEU A 677 23.63 19.85 21.85
C LEU A 677 22.12 19.85 21.62
N PHE A 678 21.54 18.70 21.26
CA PHE A 678 20.28 18.73 20.48
C PHE A 678 19.22 19.52 21.22
N PRO A 679 19.02 19.36 22.54
CA PRO A 679 17.99 20.12 23.25
C PRO A 679 18.18 21.65 23.14
N PHE A 680 19.42 22.10 22.93
CA PHE A 680 19.75 23.53 22.69
C PHE A 680 19.29 23.92 21.28
N LEU A 681 19.65 23.12 20.27
CA LEU A 681 19.44 23.40 18.82
C LEU A 681 17.93 23.51 18.52
N THR A 682 17.10 22.90 19.36
CA THR A 682 15.62 22.77 19.20
C THR A 682 14.85 23.73 20.12
N GLY A 683 15.55 24.64 20.81
CA GLY A 683 14.96 25.69 21.65
C GLY A 683 14.15 25.16 22.82
N LEU A 684 14.65 24.17 23.55
CA LEU A 684 13.90 23.50 24.65
C LEU A 684 14.35 23.97 26.03
N LEU A 685 15.57 24.50 26.17
CA LEU A 685 16.15 24.84 27.49
C LEU A 685 15.78 26.27 27.81
N LYS A 686 15.49 26.57 29.08
CA LYS A 686 15.23 27.96 29.53
C LYS A 686 16.54 28.75 29.37
N PRO A 687 16.49 30.03 28.93
CA PRO A 687 17.69 30.86 28.77
C PRO A 687 18.54 31.13 30.02
N ASP A 688 18.04 30.74 31.21
CA ASP A 688 18.72 30.90 32.53
C ASP A 688 19.28 29.55 32.99
N SER A 689 19.29 28.55 32.13
CA SER A 689 19.61 27.15 32.52
C SER A 689 21.12 26.98 32.74
N PRO A 690 21.55 26.36 33.86
CA PRO A 690 22.96 25.95 34.04
C PRO A 690 23.50 24.94 33.02
N LYS A 691 22.63 24.09 32.47
CA LYS A 691 23.05 23.07 31.48
C LYS A 691 23.36 23.76 30.13
N LEU A 692 22.47 24.65 29.68
CA LEU A 692 22.67 25.55 28.51
C LEU A 692 24.04 26.23 28.63
N GLY A 693 24.34 26.82 29.79
CA GLY A 693 25.65 27.42 30.09
C GLY A 693 26.78 26.45 29.79
N LYS A 694 26.67 25.21 30.30
CA LYS A 694 27.65 24.12 30.08
C LYS A 694 27.76 23.84 28.57
N LEU A 695 26.64 23.92 27.85
CA LEU A 695 26.59 23.66 26.39
C LEU A 695 27.32 24.79 25.68
N LEU A 696 27.12 26.05 26.07
CA LEU A 696 27.81 27.20 25.41
C LEU A 696 29.33 27.04 25.56
N ALA A 697 29.81 26.38 26.62
CA ALA A 697 31.24 26.12 26.90
C ALA A 697 31.81 25.13 25.87
N LEU A 698 31.08 24.03 25.62
CA LEU A 698 31.44 22.97 24.63
C LEU A 698 31.40 23.53 23.20
N ILE A 699 30.40 24.37 22.92
CA ILE A 699 30.18 25.02 21.59
C ILE A 699 31.37 25.92 21.27
N GLY A 700 31.79 26.72 22.25
CA GLY A 700 32.96 27.62 22.15
C GLY A 700 34.30 26.90 22.10
N ASP A 701 34.38 25.64 22.56
CA ASP A 701 35.66 24.97 22.88
C ASP A 701 36.40 24.53 21.60
N GLU A 702 37.55 25.14 21.29
CA GLU A 702 38.34 24.84 20.07
C GLU A 702 38.80 23.36 20.03
N SER A 703 39.03 22.76 21.20
CA SER A 703 39.69 21.43 21.31
C SER A 703 38.66 20.33 21.07
N GLU A 704 37.37 20.71 21.01
CA GLU A 704 36.19 19.84 20.72
C GLU A 704 35.51 20.26 19.40
N LEU A 705 34.45 21.08 19.44
CA LEU A 705 33.57 21.39 18.27
C LEU A 705 34.00 22.63 17.48
N TRP A 706 34.63 23.63 18.10
CA TRP A 706 34.73 25.00 17.50
C TRP A 706 35.95 25.05 16.55
N SER A 707 35.67 25.25 15.26
CA SER A 707 36.70 25.35 14.20
C SER A 707 36.60 26.72 13.58
N PRO A 708 37.64 27.12 12.84
CA PRO A 708 37.66 28.43 12.20
C PRO A 708 36.53 28.54 11.15
N TYR A 709 35.93 27.42 10.73
CA TYR A 709 35.05 27.32 9.54
C TYR A 709 33.61 27.00 9.96
N GLY A 710 33.35 26.80 11.25
CA GLY A 710 32.03 26.45 11.80
C GLY A 710 32.15 25.35 12.82
N LEU A 711 31.03 24.86 13.35
CA LEU A 711 31.00 23.82 14.40
C LEU A 711 31.22 22.44 13.76
N ARG A 712 32.16 21.66 14.31
CA ARG A 712 32.43 20.24 13.91
C ARG A 712 31.20 19.40 14.29
N SER A 713 30.79 18.49 13.42
CA SER A 713 29.69 17.52 13.67
C SER A 713 30.06 16.64 14.87
N LEU A 714 31.34 16.27 15.01
CA LEU A 714 31.93 15.45 16.10
C LEU A 714 33.20 16.10 16.66
N SER A 715 33.46 15.90 17.95
CA SER A 715 34.61 16.46 18.70
C SER A 715 35.91 15.78 18.24
N LYS A 716 37.01 16.55 18.23
CA LYS A 716 38.37 16.05 17.89
C LYS A 716 38.79 15.03 18.95
N LYS A 717 38.19 15.13 20.15
CA LYS A 717 38.50 14.28 21.33
C LYS A 717 37.76 12.95 21.24
N ASP A 718 36.66 12.88 20.48
CA ASP A 718 35.86 11.62 20.39
C ASP A 718 36.71 10.56 19.67
N GLU A 719 36.57 9.29 20.08
CA GLU A 719 37.42 8.20 19.53
C GLU A 719 37.11 7.92 18.05
N PHE A 720 35.93 8.33 17.57
CA PHE A 720 35.49 8.10 16.16
C PHE A 720 35.70 9.37 15.32
N TYR A 721 36.33 10.42 15.84
CA TYR A 721 36.70 11.59 14.99
C TYR A 721 37.40 11.05 13.73
N GLY A 722 36.82 11.36 12.56
CA GLY A 722 37.47 11.24 11.24
C GLY A 722 37.76 9.80 10.89
N THR A 723 36.86 8.90 11.24
CA THR A 723 36.97 7.43 10.99
C THR A 723 35.92 7.00 9.96
N ALA A 724 36.13 5.83 9.34
CA ALA A 724 35.19 5.20 8.39
C ALA A 724 34.93 6.20 7.24
N GLU A 725 33.67 6.41 6.87
CA GLU A 725 33.31 7.33 5.75
C GLU A 725 33.33 8.77 6.24
N ASN A 726 33.35 9.03 7.54
CA ASN A 726 33.59 10.38 8.12
C ASN A 726 32.51 11.35 7.58
N TYR A 727 31.26 10.87 7.46
CA TYR A 727 30.15 11.66 6.86
C TYR A 727 29.69 12.70 7.90
N TRP A 728 29.34 12.26 9.11
CA TRP A 728 28.99 13.14 10.24
C TRP A 728 29.99 12.92 11.40
N ARG A 729 31.29 12.76 11.12
CA ARG A 729 32.28 12.44 12.19
C ARG A 729 33.46 13.42 12.23
N SER A 730 33.22 14.66 11.80
CA SER A 730 34.18 15.79 11.82
C SER A 730 33.61 16.91 10.96
N PRO A 731 33.07 16.65 9.75
CA PRO A 731 32.69 17.75 8.87
C PRO A 731 31.60 18.66 9.43
N VAL A 732 31.62 19.90 8.95
CA VAL A 732 30.76 21.04 9.33
C VAL A 732 29.58 21.09 8.34
N TRP A 733 28.36 20.98 8.86
CA TRP A 733 27.11 20.93 8.06
C TRP A 733 26.34 22.23 8.31
N ILE A 734 25.91 22.91 7.26
CA ILE A 734 25.33 24.28 7.37
C ILE A 734 23.98 24.20 8.09
N ASN A 735 23.24 23.10 7.92
CA ASN A 735 21.85 23.00 8.47
C ASN A 735 21.90 23.01 10.01
N ILE A 736 22.80 22.24 10.65
CA ILE A 736 22.91 22.14 12.13
C ILE A 736 23.52 23.44 12.69
N ASN A 737 24.50 23.99 11.97
CA ASN A 737 25.11 25.30 12.32
C ASN A 737 24.03 26.38 12.34
N TYR A 738 23.16 26.42 11.31
CA TYR A 738 22.05 27.41 11.19
C TYR A 738 21.20 27.36 12.46
N LEU A 739 20.90 26.16 12.95
CA LEU A 739 20.08 25.98 14.18
C LEU A 739 20.82 26.61 15.38
N ALA A 740 22.08 26.25 15.58
CA ALA A 740 22.92 26.81 16.67
C ALA A 740 22.95 28.33 16.55
N ILE A 741 23.11 28.89 15.34
CA ILE A 741 23.23 30.37 15.12
C ILE A 741 21.92 31.04 15.55
N VAL A 742 20.78 30.54 15.06
CA VAL A 742 19.42 31.08 15.32
C VAL A 742 19.13 31.02 16.82
N GLN A 743 19.62 30.00 17.53
CA GLN A 743 19.34 29.83 18.98
C GLN A 743 20.25 30.76 19.79
N LEU A 744 21.56 30.79 19.49
CA LEU A 744 22.47 31.72 20.19
C LEU A 744 21.84 33.11 20.15
N TYR A 745 21.38 33.55 18.97
CA TYR A 745 20.88 34.92 18.72
C TYR A 745 19.68 35.18 19.63
N ASN A 746 18.81 34.19 19.79
CA ASN A 746 17.63 34.27 20.69
C ASN A 746 18.12 34.59 22.10
N ILE A 747 19.11 33.85 22.60
CA ILE A 747 19.71 34.02 23.97
C ILE A 747 20.31 35.42 24.11
N ALA A 748 20.97 35.92 23.06
CA ALA A 748 21.83 37.12 23.09
C ALA A 748 20.98 38.41 23.08
N THR A 749 19.70 38.30 22.69
CA THR A 749 18.74 39.42 22.56
C THR A 749 17.71 39.31 23.69
N GLN A 750 18.15 38.93 24.89
CA GLN A 750 17.27 38.69 26.07
C GLN A 750 18.06 38.90 27.37
N ASP A 751 17.53 39.70 28.31
CA ASP A 751 18.02 39.80 29.71
C ASP A 751 18.24 38.36 30.20
N GLY A 752 19.39 38.06 30.80
CA GLY A 752 19.70 36.70 31.32
C GLY A 752 21.19 36.43 31.49
N PRO A 753 21.56 35.37 32.23
CA PRO A 753 22.95 35.10 32.59
C PRO A 753 23.97 34.91 31.44
N TYR A 754 23.57 34.44 30.25
CA TYR A 754 24.54 34.07 29.18
C TYR A 754 24.42 35.01 27.98
N LYS A 755 23.54 36.01 28.09
CA LYS A 755 23.29 37.04 27.04
C LYS A 755 24.59 37.42 26.31
N GLU A 756 25.65 37.77 27.05
CA GLU A 756 26.89 38.39 26.48
C GLU A 756 27.74 37.30 25.81
N THR A 757 27.90 36.14 26.44
CA THR A 757 28.62 34.96 25.89
C THR A 757 27.97 34.56 24.58
N ALA A 758 26.65 34.42 24.60
CA ALA A 758 25.83 34.15 23.41
C ALA A 758 26.17 35.18 22.32
N ARG A 759 25.98 36.46 22.61
CA ARG A 759 26.16 37.57 21.64
C ARG A 759 27.52 37.42 20.96
N ASP A 760 28.56 36.97 21.68
CA ASP A 760 29.94 36.80 21.16
C ASP A 760 30.01 35.62 20.15
N LEU A 761 29.50 34.44 20.53
CA LEU A 761 29.56 33.19 19.68
C LEU A 761 28.70 33.36 18.43
N TYR A 762 27.46 33.88 18.56
CA TYR A 762 26.60 34.23 17.40
C TYR A 762 27.42 35.02 16.38
N THR A 763 28.07 36.09 16.84
CA THR A 763 28.75 37.09 15.98
C THR A 763 29.81 36.36 15.15
N ARG A 764 30.64 35.55 15.80
CA ARG A 764 31.77 34.87 15.13
C ARG A 764 31.25 33.69 14.28
N LEU A 765 30.33 32.88 14.83
CA LEU A 765 29.81 31.70 14.11
C LEU A 765 29.18 32.17 12.78
N ARG A 766 28.25 33.13 12.82
CA ARG A 766 27.66 33.78 11.62
C ARG A 766 28.77 34.07 10.60
N LYS A 767 29.84 34.72 11.04
CA LYS A 767 30.94 35.19 10.16
C LYS A 767 31.66 33.98 9.57
N ASN A 768 32.03 33.01 10.41
CA ASN A 768 32.84 31.84 10.00
C ASN A 768 32.09 31.03 8.93
N ILE A 769 30.80 30.76 9.15
CA ILE A 769 29.95 29.91 8.26
C ILE A 769 29.76 30.63 6.92
N VAL A 770 29.36 31.90 6.93
CA VAL A 770 29.07 32.68 5.70
C VAL A 770 30.36 32.78 4.87
N GLU A 771 31.50 33.03 5.50
CA GLU A 771 32.80 33.21 4.79
C GLU A 771 33.28 31.87 4.21
N THR A 772 33.08 30.77 4.92
CA THR A 772 33.53 29.42 4.44
C THR A 772 32.72 29.04 3.19
N VAL A 773 31.42 29.27 3.20
CA VAL A 773 30.56 29.01 2.01
C VAL A 773 30.97 29.97 0.90
N TYR A 774 31.10 31.26 1.20
CA TYR A 774 31.39 32.32 0.21
C TYR A 774 32.76 32.12 -0.44
N ARG A 775 33.82 31.87 0.34
CA ARG A 775 35.18 31.63 -0.22
C ARG A 775 35.10 30.51 -1.28
N ASN A 776 34.49 29.37 -0.94
CA ASN A 776 34.41 28.16 -1.82
C ASN A 776 33.53 28.49 -3.05
N TRP A 777 32.50 29.32 -2.91
CA TRP A 777 31.67 29.81 -4.04
C TRP A 777 32.54 30.62 -5.01
N GLU A 778 33.23 31.64 -4.49
CA GLU A 778 34.17 32.46 -5.29
C GLU A 778 35.09 31.46 -6.01
N GLU A 779 35.69 30.54 -5.25
CA GLU A 779 36.85 29.72 -5.72
C GLU A 779 36.36 28.75 -6.81
N THR A 780 35.18 28.13 -6.67
CA THR A 780 34.74 26.91 -7.43
C THR A 780 33.40 27.13 -8.15
N GLY A 781 32.65 28.21 -7.86
CA GLY A 781 31.28 28.46 -8.35
C GLY A 781 30.19 27.60 -7.71
N PHE A 782 30.45 26.84 -6.64
CA PHE A 782 29.53 25.80 -6.10
C PHE A 782 29.24 25.98 -4.62
N ALA A 783 28.01 25.64 -4.23
CA ALA A 783 27.64 25.22 -2.85
C ALA A 783 28.04 23.75 -2.66
N TRP A 784 28.64 23.39 -1.52
CA TRP A 784 29.04 22.01 -1.17
C TRP A 784 28.17 21.43 -0.03
N GLU A 785 28.03 20.10 0.01
CA GLU A 785 27.22 19.35 1.01
C GLU A 785 27.69 19.72 2.43
N GLN A 786 29.01 19.66 2.59
CA GLN A 786 29.71 19.84 3.89
C GLN A 786 31.03 20.60 3.66
N TYR A 787 31.66 21.07 4.74
CA TYR A 787 32.95 21.79 4.71
C TYR A 787 33.94 21.14 5.70
N ASN A 788 35.21 21.17 5.33
CA ASN A 788 36.28 20.43 6.02
C ASN A 788 36.80 21.30 7.17
N PRO A 789 36.87 20.79 8.41
CA PRO A 789 37.09 21.67 9.57
C PRO A 789 38.57 22.04 9.76
N GLU A 790 39.46 21.35 9.01
CA GLU A 790 40.94 21.53 8.97
C GLU A 790 41.30 22.54 7.86
N THR A 791 40.76 22.37 6.63
CA THR A 791 41.14 23.18 5.44
C THR A 791 40.06 24.19 5.05
N GLY A 792 38.81 23.96 5.43
CA GLY A 792 37.68 24.83 5.06
C GLY A 792 37.19 24.57 3.65
N LYS A 793 37.77 23.57 2.97
CA LYS A 793 37.37 23.24 1.58
C LYS A 793 36.03 22.51 1.64
N GLY A 794 35.17 22.81 0.68
CA GLY A 794 33.96 22.02 0.42
C GLY A 794 34.33 20.66 -0.16
N GLN A 795 33.73 19.61 0.39
CA GLN A 795 33.98 18.21 -0.01
C GLN A 795 32.61 17.51 -0.13
N ARG A 796 32.61 16.24 -0.55
CA ARG A 796 31.41 15.52 -1.07
C ARG A 796 30.83 16.32 -2.25
N THR A 797 29.50 16.43 -2.27
CA THR A 797 28.67 16.75 -3.46
C THR A 797 28.63 18.26 -3.74
N GLN A 798 28.91 18.65 -4.99
CA GLN A 798 28.64 19.99 -5.56
C GLN A 798 27.15 20.21 -5.80
N HIS A 799 26.78 21.46 -6.11
CA HIS A 799 25.41 21.93 -6.42
C HIS A 799 24.45 21.50 -5.31
N PHE A 800 24.85 21.59 -4.05
CA PHE A 800 23.95 21.24 -2.92
C PHE A 800 23.14 22.48 -2.54
N THR A 801 22.07 22.78 -3.28
CA THR A 801 21.17 23.94 -3.00
C THR A 801 19.74 23.47 -2.94
N GLY A 802 19.37 22.66 -1.93
CA GLY A 802 20.24 22.19 -0.87
C GLY A 802 20.27 23.15 0.30
N TRP A 803 20.46 22.65 1.53
CA TRP A 803 20.32 23.45 2.78
C TRP A 803 21.53 24.37 3.00
N THR A 804 22.59 24.21 2.21
CA THR A 804 23.76 25.09 2.30
C THR A 804 23.30 26.52 1.93
N SER A 805 22.19 26.69 1.21
CA SER A 805 21.60 28.01 0.81
C SER A 805 20.91 28.72 1.99
N LEU A 806 20.79 28.10 3.17
CA LEU A 806 20.34 28.76 4.44
C LEU A 806 21.19 30.01 4.74
N VAL A 807 22.40 29.98 4.22
CA VAL A 807 23.45 31.03 4.27
C VAL A 807 22.81 32.39 4.00
N VAL A 808 21.84 32.52 3.08
CA VAL A 808 21.27 33.88 2.78
C VAL A 808 20.43 34.35 3.98
N LYS A 809 19.72 33.46 4.66
CA LYS A 809 18.89 33.82 5.82
C LYS A 809 19.81 34.20 7.00
N ILE A 810 20.99 33.59 7.07
CA ILE A 810 22.03 33.89 8.11
C ILE A 810 22.55 35.32 7.92
N MET A 811 22.75 35.74 6.67
CA MET A 811 23.28 37.07 6.29
C MET A 811 22.22 38.15 6.57
N SER A 812 20.93 37.87 6.42
CA SER A 812 19.82 38.85 6.60
C SER A 812 19.50 39.06 8.08
N GLY A 813 19.89 38.14 8.95
CA GLY A 813 19.70 38.22 10.41
C GLY A 813 18.26 38.52 10.80
N HIS A 814 18.09 39.35 11.84
CA HIS A 814 16.77 39.74 12.41
C HIS A 814 15.86 38.51 12.55
N HIS A 815 16.35 37.43 13.17
CA HIS A 815 15.60 36.15 13.39
C HIS A 815 14.45 36.38 14.40
N GLU B 35 -4.12 -45.17 12.06
CA GLU B 35 -3.50 -46.19 12.98
C GLU B 35 -4.00 -47.60 12.62
N SER B 36 -5.33 -47.81 12.57
CA SER B 36 -5.96 -49.05 12.04
C SER B 36 -5.85 -49.09 10.51
N ILE B 37 -5.54 -50.26 9.95
CA ILE B 37 -5.43 -50.50 8.50
C ILE B 37 -6.63 -49.86 7.79
N LEU B 38 -7.84 -50.13 8.22
CA LEU B 38 -9.04 -49.58 7.54
C LEU B 38 -9.02 -48.05 7.63
N HIS B 39 -8.83 -47.50 8.83
CA HIS B 39 -8.89 -46.02 9.05
C HIS B 39 -7.90 -45.34 8.09
N SER B 40 -6.64 -45.80 8.09
CA SER B 40 -5.57 -45.38 7.15
C SER B 40 -6.09 -45.38 5.71
N GLU B 41 -6.62 -46.52 5.23
CA GLU B 41 -6.91 -46.73 3.80
C GLU B 41 -8.00 -45.73 3.41
N ILE B 42 -9.01 -45.58 4.25
CA ILE B 42 -10.08 -44.58 4.00
C ILE B 42 -9.42 -43.20 3.90
N GLY B 43 -8.49 -42.92 4.82
CA GLY B 43 -7.67 -41.69 4.80
C GLY B 43 -7.03 -41.45 3.44
N ARG B 44 -6.28 -42.43 2.94
CA ARG B 44 -5.53 -42.37 1.65
C ARG B 44 -6.55 -42.11 0.52
N LEU B 45 -7.73 -42.69 0.59
CA LEU B 45 -8.72 -42.59 -0.51
C LEU B 45 -9.39 -41.21 -0.45
N ASN B 46 -9.58 -40.66 0.74
CA ASN B 46 -10.08 -39.27 0.90
C ASN B 46 -9.00 -38.30 0.41
N ASN B 47 -7.75 -38.61 0.71
CA ASN B 47 -6.56 -37.75 0.42
C ASN B 47 -6.43 -37.65 -1.12
N GLN B 48 -6.67 -38.73 -1.85
CA GLN B 48 -6.40 -38.78 -3.31
C GLN B 48 -7.65 -38.25 -4.04
N SER B 49 -8.82 -38.35 -3.42
CA SER B 49 -10.09 -37.87 -4.00
C SER B 49 -10.16 -36.35 -3.90
N LEU B 50 -9.60 -35.74 -2.84
CA LEU B 50 -9.83 -34.32 -2.50
C LEU B 50 -8.63 -33.43 -2.88
N LEU B 51 -7.57 -34.02 -3.45
CA LEU B 51 -6.25 -33.36 -3.68
C LEU B 51 -6.37 -32.15 -4.60
N TRP B 52 -7.01 -32.27 -5.76
CA TRP B 52 -7.15 -31.13 -6.70
C TRP B 52 -8.47 -30.39 -6.49
N GLY B 53 -8.47 -29.09 -6.72
CA GLY B 53 -9.70 -28.31 -6.97
C GLY B 53 -9.39 -26.83 -7.22
N PRO B 54 -10.44 -26.00 -7.41
CA PRO B 54 -10.26 -24.55 -7.53
C PRO B 54 -10.16 -23.96 -6.11
N TYR B 55 -9.18 -24.43 -5.33
CA TYR B 55 -9.03 -24.17 -3.88
C TYR B 55 -8.38 -22.79 -3.64
N ARG B 56 -8.65 -21.82 -4.51
CA ARG B 56 -8.17 -20.43 -4.46
C ARG B 56 -9.40 -19.52 -4.50
N PRO B 57 -10.25 -19.53 -3.46
CA PRO B 57 -11.45 -18.70 -3.45
C PRO B 57 -11.21 -17.18 -3.60
N ASN B 58 -10.01 -16.69 -3.32
CA ASN B 58 -9.67 -15.25 -3.27
C ASN B 58 -9.58 -14.68 -4.69
N ILE B 59 -9.33 -15.53 -5.70
CA ILE B 59 -9.28 -15.13 -7.15
C ILE B 59 -10.51 -15.69 -7.87
N TYR B 60 -10.97 -14.98 -8.90
CA TYR B 60 -12.10 -15.38 -9.77
C TYR B 60 -11.94 -16.83 -10.18
N PHE B 61 -10.88 -17.21 -10.90
CA PHE B 61 -10.63 -18.63 -11.23
C PHE B 61 -9.14 -18.95 -11.26
N GLY B 62 -8.78 -20.00 -10.51
CA GLY B 62 -7.48 -20.72 -10.60
C GLY B 62 -7.57 -22.01 -9.81
N THR B 63 -6.53 -22.85 -9.85
CA THR B 63 -6.49 -24.16 -9.15
C THR B 63 -5.20 -24.31 -8.36
N ARG B 64 -5.19 -25.19 -7.36
CA ARG B 64 -3.98 -25.67 -6.67
C ARG B 64 -4.29 -26.98 -5.95
N PRO B 65 -3.29 -27.86 -5.74
CA PRO B 65 -3.48 -29.06 -4.92
C PRO B 65 -3.42 -28.78 -3.41
N ARG B 66 -3.87 -29.74 -2.59
CA ARG B 66 -3.79 -29.66 -1.10
C ARG B 66 -2.34 -29.91 -0.67
N ILE B 67 -1.39 -29.14 -1.23
CA ILE B 67 0.06 -29.25 -0.93
C ILE B 67 0.64 -27.83 -0.80
N GLY B 68 1.48 -27.61 0.22
CA GLY B 68 2.01 -26.29 0.61
C GLY B 68 2.77 -25.63 -0.52
N LYS B 69 3.86 -26.27 -0.96
CA LYS B 69 4.74 -25.81 -2.08
C LYS B 69 4.49 -26.73 -3.28
N SER B 70 3.66 -26.31 -4.22
CA SER B 70 3.42 -27.09 -5.45
C SER B 70 2.92 -26.18 -6.56
N LEU B 71 2.18 -26.77 -7.49
CA LEU B 71 1.78 -26.15 -8.77
C LEU B 71 0.47 -25.42 -8.54
N MET B 72 0.43 -24.11 -8.76
CA MET B 72 -0.80 -23.27 -8.73
C MET B 72 -1.03 -22.66 -10.10
N THR B 73 -2.28 -22.32 -10.40
CA THR B 73 -2.71 -21.70 -11.68
C THR B 73 -3.62 -20.52 -11.39
N GLY B 74 -3.74 -19.58 -12.32
CA GLY B 74 -4.66 -18.44 -12.19
C GLY B 74 -5.02 -17.84 -13.52
N LEU B 75 -6.27 -17.41 -13.66
CA LEU B 75 -6.80 -16.78 -14.89
C LEU B 75 -6.99 -15.29 -14.66
N MET B 76 -6.49 -14.48 -15.59
CA MET B 76 -6.82 -13.03 -15.72
C MET B 76 -7.33 -12.74 -17.13
N TRP B 77 -8.19 -11.73 -17.24
CA TRP B 77 -8.69 -11.19 -18.52
C TRP B 77 -8.92 -9.70 -18.33
N GLY B 78 -8.90 -8.95 -19.42
CA GLY B 78 -9.38 -7.54 -19.47
C GLY B 78 -9.38 -7.07 -20.89
N LYS B 79 -10.25 -6.08 -21.19
CA LYS B 79 -10.33 -5.41 -22.51
C LYS B 79 -9.21 -4.37 -22.63
N ILE B 80 -8.79 -4.07 -23.87
CA ILE B 80 -7.72 -3.08 -24.16
C ILE B 80 -8.16 -2.21 -25.34
N GLU B 81 -8.26 -0.89 -25.13
CA GLU B 81 -8.74 0.10 -26.14
C GLU B 81 -7.69 1.22 -26.31
N SER B 82 -6.90 1.53 -25.27
CA SER B 82 -5.82 2.56 -25.29
C SER B 82 -4.52 2.01 -24.72
N TYR B 83 -3.45 2.80 -24.78
CA TYR B 83 -2.08 2.39 -24.35
C TYR B 83 -1.99 2.39 -22.83
N THR B 84 -3.05 2.76 -22.11
CA THR B 84 -2.99 3.00 -20.64
C THR B 84 -4.19 2.43 -19.88
N ASP B 85 -5.19 1.87 -20.56
CA ASP B 85 -6.47 1.44 -19.92
C ASP B 85 -6.34 0.01 -19.35
N PHE B 86 -5.49 -0.84 -19.94
CA PHE B 86 -5.47 -2.28 -19.58
C PHE B 86 -5.24 -2.44 -18.06
N GLN B 87 -4.47 -1.56 -17.44
CA GLN B 87 -4.05 -1.71 -16.01
C GLN B 87 -5.29 -1.55 -15.10
N HIS B 88 -6.32 -0.85 -15.56
CA HIS B 88 -7.55 -0.55 -14.79
C HIS B 88 -8.68 -1.52 -15.14
N THR B 89 -8.56 -2.26 -16.25
CA THR B 89 -9.60 -3.20 -16.76
C THR B 89 -9.33 -4.63 -16.27
N VAL B 90 -8.06 -5.03 -16.15
CA VAL B 90 -7.67 -6.45 -15.89
C VAL B 90 -8.28 -6.92 -14.55
N ARG B 91 -8.78 -8.15 -14.53
CA ARG B 91 -9.32 -8.88 -13.34
C ARG B 91 -8.35 -10.00 -12.96
N TYR B 92 -8.13 -10.20 -11.65
CA TYR B 92 -7.46 -11.41 -11.12
C TYR B 92 -8.05 -11.77 -9.77
N THR B 93 -7.96 -10.89 -8.76
CA THR B 93 -8.50 -11.19 -7.41
C THR B 93 -9.94 -10.67 -7.34
N CYS B 94 -10.78 -11.39 -6.61
CA CYS B 94 -12.23 -11.13 -6.46
C CYS B 94 -12.45 -9.73 -5.85
N GLU B 95 -13.25 -8.89 -6.49
CA GLU B 95 -13.81 -7.63 -5.94
C GLU B 95 -15.34 -7.70 -6.01
N GLN B 96 -16.03 -6.76 -5.38
CA GLN B 96 -17.43 -6.44 -5.72
C GLN B 96 -17.57 -4.92 -5.73
N ASN B 97 -17.71 -4.32 -6.92
CA ASN B 97 -17.90 -2.86 -7.16
C ASN B 97 -18.99 -2.68 -8.23
N GLU B 98 -19.46 -1.44 -8.46
CA GLU B 98 -20.50 -1.08 -9.47
C GLU B 98 -20.16 -1.56 -10.89
N GLY B 99 -18.91 -1.99 -11.18
CA GLY B 99 -18.46 -2.45 -12.51
C GLY B 99 -18.44 -3.97 -12.67
N MET B 100 -18.88 -4.69 -11.63
CA MET B 100 -19.02 -6.17 -11.61
C MET B 100 -20.46 -6.49 -11.18
N LYS B 101 -21.24 -7.16 -12.03
CA LYS B 101 -22.71 -7.42 -11.88
C LYS B 101 -22.94 -8.54 -10.85
N GLY B 102 -22.15 -9.62 -10.94
CA GLY B 102 -22.23 -10.79 -10.07
C GLY B 102 -21.34 -11.91 -10.57
N TYR B 103 -21.04 -12.87 -9.68
CA TYR B 103 -20.27 -14.10 -9.98
C TYR B 103 -20.48 -15.10 -8.84
N GLY B 104 -20.27 -16.37 -9.17
CA GLY B 104 -20.55 -17.51 -8.28
C GLY B 104 -20.60 -18.82 -9.04
N TRP B 105 -20.55 -19.91 -8.29
CA TRP B 105 -20.79 -21.27 -8.80
C TRP B 105 -22.31 -21.53 -8.89
N ASP B 106 -22.79 -21.84 -10.11
CA ASP B 106 -24.17 -22.32 -10.40
C ASP B 106 -24.35 -23.67 -9.73
N GLU B 107 -23.26 -24.44 -9.73
CA GLU B 107 -23.21 -25.85 -9.30
C GLU B 107 -21.74 -26.26 -9.07
N TYR B 108 -21.46 -26.96 -7.97
CA TYR B 108 -20.08 -27.42 -7.68
C TYR B 108 -20.11 -28.58 -6.69
N ASP B 109 -19.17 -29.51 -6.87
CA ASP B 109 -18.93 -30.63 -5.94
C ASP B 109 -17.42 -30.89 -5.90
N PRO B 110 -16.79 -30.69 -4.72
CA PRO B 110 -15.34 -30.76 -4.59
C PRO B 110 -14.72 -32.02 -5.20
N ARG B 111 -15.49 -33.12 -5.16
CA ARG B 111 -15.03 -34.47 -5.59
C ARG B 111 -15.08 -34.55 -7.12
N ARG B 112 -16.00 -33.83 -7.75
CA ARG B 112 -16.30 -33.98 -9.19
C ARG B 112 -15.88 -32.72 -9.94
N GLY B 113 -16.27 -31.55 -9.44
CA GLY B 113 -16.05 -30.27 -10.14
C GLY B 113 -17.31 -29.45 -10.19
N GLY B 114 -17.43 -28.55 -11.17
CA GLY B 114 -18.60 -27.67 -11.28
C GLY B 114 -18.42 -26.61 -12.34
N ILE B 115 -19.26 -25.58 -12.26
CA ILE B 115 -19.39 -24.49 -13.27
C ILE B 115 -19.60 -23.17 -12.53
N GLN B 116 -18.81 -22.16 -12.86
CA GLN B 116 -18.90 -20.78 -12.33
C GLN B 116 -19.27 -19.85 -13.49
N SER B 117 -20.19 -18.93 -13.23
CA SER B 117 -20.56 -17.82 -14.14
C SER B 117 -20.02 -16.49 -13.59
N ILE B 118 -19.52 -15.61 -14.46
CA ILE B 118 -19.00 -14.27 -14.09
C ILE B 118 -19.63 -13.25 -15.05
N HIS B 119 -20.23 -12.19 -14.51
CA HIS B 119 -20.96 -11.16 -15.30
C HIS B 119 -20.24 -9.81 -15.09
N ASP B 120 -19.15 -9.63 -15.85
CA ASP B 120 -18.25 -8.46 -15.83
C ASP B 120 -18.85 -7.33 -16.69
N ILE B 121 -19.31 -6.25 -16.08
CA ILE B 121 -20.00 -5.15 -16.83
C ILE B 121 -18.92 -4.32 -17.53
N GLN B 122 -17.82 -4.02 -16.83
CA GLN B 122 -16.75 -3.09 -17.29
C GLN B 122 -16.06 -3.70 -18.53
N ASN B 123 -15.92 -5.02 -18.59
CA ASN B 123 -15.23 -5.67 -19.73
C ASN B 123 -16.26 -6.14 -20.77
N GLY B 124 -17.55 -5.82 -20.53
CA GLY B 124 -18.69 -6.17 -21.38
C GLY B 124 -18.70 -7.66 -21.71
N LEU B 125 -18.33 -8.51 -20.74
CA LEU B 125 -18.13 -9.98 -20.95
C LEU B 125 -18.96 -10.79 -19.96
N ASP B 126 -19.58 -11.88 -20.44
CA ASP B 126 -20.12 -12.99 -19.63
C ASP B 126 -19.17 -14.18 -19.76
N ILE B 127 -18.53 -14.59 -18.66
CA ILE B 127 -17.51 -15.68 -18.65
C ILE B 127 -18.11 -16.92 -18.00
N THR B 128 -17.61 -18.09 -18.41
CA THR B 128 -17.94 -19.41 -17.87
C THR B 128 -16.63 -20.16 -17.62
N THR B 129 -16.44 -20.64 -16.40
CA THR B 129 -15.26 -21.49 -16.05
C THR B 129 -15.85 -22.83 -15.66
N SER B 130 -15.59 -23.88 -16.45
CA SER B 130 -16.00 -25.27 -16.13
C SER B 130 -14.77 -26.02 -15.67
N PHE B 131 -14.83 -26.58 -14.47
CA PHE B 131 -13.74 -27.37 -13.88
C PHE B 131 -14.27 -28.77 -13.64
N VAL B 132 -13.51 -29.81 -14.02
CA VAL B 132 -13.87 -31.26 -13.84
C VAL B 132 -12.64 -32.08 -13.40
N LYS B 133 -12.88 -33.07 -12.55
CA LYS B 133 -11.85 -34.02 -12.07
C LYS B 133 -12.03 -35.39 -12.76
N ILE B 134 -10.92 -35.99 -13.16
CA ILE B 134 -10.84 -37.34 -13.78
C ILE B 134 -9.90 -38.14 -12.89
N PRO B 135 -10.42 -39.06 -12.03
CA PRO B 135 -9.56 -39.85 -11.15
C PRO B 135 -8.66 -40.80 -11.97
N GLY B 136 -7.51 -41.16 -11.41
CA GLY B 136 -6.54 -42.08 -12.03
C GLY B 136 -5.13 -41.84 -11.53
N GLY B 137 -4.36 -42.90 -11.32
CA GLY B 137 -2.95 -42.82 -10.93
C GLY B 137 -2.80 -42.69 -9.42
N ALA B 138 -1.55 -42.52 -8.95
CA ALA B 138 -1.18 -42.45 -7.52
C ALA B 138 -1.13 -41.00 -7.03
N HIS B 139 -1.44 -40.01 -7.87
CA HIS B 139 -1.03 -38.60 -7.64
C HIS B 139 -2.23 -37.63 -7.62
N GLY B 140 -3.42 -38.08 -7.19
CA GLY B 140 -4.67 -37.28 -7.15
C GLY B 140 -5.34 -37.16 -8.52
N GLY B 141 -4.87 -37.89 -9.52
CA GLY B 141 -5.54 -37.95 -10.84
C GLY B 141 -5.35 -36.67 -11.63
N SER B 142 -6.38 -36.27 -12.37
CA SER B 142 -6.27 -35.34 -13.51
C SER B 142 -7.43 -34.37 -13.46
N TRP B 143 -7.44 -33.37 -14.35
CA TRP B 143 -8.48 -32.32 -14.38
C TRP B 143 -8.42 -31.51 -15.67
N ALA B 144 -9.49 -30.77 -15.93
CA ALA B 144 -9.66 -29.86 -17.09
C ALA B 144 -10.59 -28.71 -16.73
N ALA B 145 -10.44 -27.59 -17.41
CA ALA B 145 -11.35 -26.44 -17.33
C ALA B 145 -11.62 -25.98 -18.74
N ARG B 146 -12.79 -25.42 -18.99
CA ARG B 146 -13.04 -24.68 -20.25
C ARG B 146 -13.34 -23.25 -19.84
N ILE B 147 -12.67 -22.29 -20.47
CA ILE B 147 -12.97 -20.84 -20.29
C ILE B 147 -13.68 -20.35 -21.55
N LYS B 148 -14.86 -19.78 -21.38
CA LYS B 148 -15.71 -19.28 -22.47
C LYS B 148 -16.16 -17.86 -22.14
N GLY B 149 -15.93 -16.93 -23.07
CA GLY B 149 -16.30 -15.52 -22.97
C GLY B 149 -17.19 -15.10 -24.13
N THR B 150 -18.29 -14.41 -23.79
CA THR B 150 -19.35 -13.97 -24.71
C THR B 150 -19.66 -12.52 -24.37
N LEU B 151 -19.39 -11.58 -25.30
CA LEU B 151 -19.68 -10.11 -25.14
C LEU B 151 -21.19 -9.94 -24.92
N ASN B 152 -21.62 -9.12 -23.96
CA ASN B 152 -23.04 -8.70 -23.80
C ASN B 152 -23.36 -7.75 -24.95
N ASP B 153 -24.61 -7.34 -25.09
CA ASP B 153 -25.10 -6.58 -26.28
C ASP B 153 -24.56 -5.14 -26.23
N ASP B 154 -24.24 -4.61 -25.05
CA ASP B 154 -23.79 -3.22 -24.83
C ASP B 154 -22.35 -3.01 -25.34
N ALA B 155 -21.55 -4.06 -25.49
CA ALA B 155 -20.10 -3.96 -25.83
C ALA B 155 -19.91 -3.82 -27.33
N PRO B 156 -18.78 -3.27 -27.81
CA PRO B 156 -18.53 -3.19 -29.25
C PRO B 156 -18.28 -4.59 -29.83
N LYS B 157 -18.88 -4.90 -30.99
CA LYS B 157 -18.84 -6.26 -31.62
C LYS B 157 -17.38 -6.66 -31.93
N ASP B 158 -16.46 -5.70 -32.00
CA ASP B 158 -15.02 -5.98 -32.30
C ASP B 158 -14.12 -5.69 -31.09
N GLN B 159 -14.64 -5.67 -29.87
CA GLN B 159 -13.83 -5.51 -28.64
C GLN B 159 -12.64 -6.49 -28.66
N LYS B 160 -11.44 -5.98 -28.40
CA LYS B 160 -10.23 -6.83 -28.23
C LYS B 160 -10.09 -7.12 -26.74
N THR B 161 -9.90 -8.39 -26.38
CA THR B 161 -9.84 -8.88 -24.98
C THR B 161 -8.55 -9.68 -24.83
N ILE B 162 -7.70 -9.27 -23.90
CA ILE B 162 -6.50 -10.05 -23.52
C ILE B 162 -6.95 -11.08 -22.47
N VAL B 163 -6.46 -12.30 -22.59
CA VAL B 163 -6.64 -13.38 -21.59
C VAL B 163 -5.28 -13.99 -21.24
N VAL B 164 -5.00 -14.08 -19.94
CA VAL B 164 -3.76 -14.73 -19.43
C VAL B 164 -4.12 -15.96 -18.59
N PHE B 165 -3.40 -17.06 -18.81
CA PHE B 165 -3.31 -18.18 -17.87
C PHE B 165 -1.91 -18.15 -17.23
N TYR B 166 -1.88 -17.98 -15.91
CA TYR B 166 -0.67 -17.86 -15.07
C TYR B 166 -0.41 -19.21 -14.40
N VAL B 167 0.80 -19.78 -14.55
CA VAL B 167 1.19 -21.08 -13.92
C VAL B 167 2.51 -20.89 -13.18
N SER B 168 2.54 -21.28 -11.90
CA SER B 168 3.70 -21.16 -10.98
C SER B 168 4.00 -22.53 -10.36
N GLN B 169 5.21 -22.75 -9.82
CA GLN B 169 5.53 -24.02 -9.10
C GLN B 169 6.64 -23.82 -8.06
N GLU B 170 6.26 -24.02 -6.80
CA GLU B 170 7.16 -24.03 -5.63
C GLU B 170 7.54 -25.48 -5.31
N GLY B 171 8.69 -25.65 -4.67
CA GLY B 171 9.23 -26.96 -4.27
C GLY B 171 10.68 -27.10 -4.66
N GLU B 172 11.46 -27.83 -3.85
CA GLU B 172 12.77 -28.39 -4.22
C GLU B 172 12.50 -29.65 -5.06
N ASN B 173 13.44 -29.99 -5.96
CA ASN B 173 13.38 -31.20 -6.83
C ASN B 173 12.05 -31.21 -7.58
N SER B 174 11.79 -30.17 -8.36
CA SER B 174 10.64 -30.09 -9.29
C SER B 174 11.04 -29.28 -10.54
N GLU B 175 10.52 -29.64 -11.70
CA GLU B 175 10.79 -28.93 -12.99
C GLU B 175 9.47 -28.57 -13.65
N LEU B 176 9.52 -27.66 -14.58
CA LEU B 176 8.36 -27.26 -15.39
C LEU B 176 8.95 -26.51 -16.58
N GLU B 177 8.55 -26.89 -17.80
CA GLU B 177 9.24 -26.49 -19.05
C GLU B 177 8.19 -26.44 -20.15
N ALA B 178 7.88 -25.26 -20.64
CA ALA B 178 7.00 -25.05 -21.82
C ALA B 178 7.74 -25.58 -23.04
N VAL B 179 7.04 -26.35 -23.88
CA VAL B 179 7.58 -26.93 -25.14
C VAL B 179 7.52 -25.83 -26.20
N PRO B 180 8.66 -25.57 -26.89
CA PRO B 180 8.74 -24.58 -27.98
C PRO B 180 7.69 -24.76 -29.08
N SER B 181 7.21 -23.67 -29.67
CA SER B 181 6.38 -23.71 -30.91
C SER B 181 7.21 -24.22 -32.10
N GLU B 182 6.51 -24.67 -33.16
CA GLU B 182 7.09 -24.95 -34.51
C GLU B 182 6.99 -23.69 -35.38
N ASN B 183 6.90 -22.47 -34.81
CA ASN B 183 6.72 -21.18 -35.55
C ASN B 183 7.61 -20.08 -34.93
N GLU B 184 7.65 -18.89 -35.55
CA GLU B 184 8.71 -17.87 -35.29
C GLU B 184 8.37 -17.04 -34.03
N PHE B 185 7.16 -16.47 -33.99
CA PHE B 185 6.76 -15.38 -33.06
C PHE B 185 5.82 -15.90 -31.98
N GLY B 186 5.53 -17.19 -31.95
CA GLY B 186 4.57 -17.78 -31.01
C GLY B 186 3.92 -19.05 -31.55
N TYR B 187 2.71 -19.36 -31.07
CA TYR B 187 2.01 -20.66 -31.27
C TYR B 187 0.80 -20.44 -32.20
N GLU B 188 0.70 -21.30 -33.22
CA GLU B 188 -0.47 -21.43 -34.14
C GLU B 188 -1.47 -22.40 -33.49
N GLY B 189 -0.98 -23.29 -32.63
CA GLY B 189 -1.77 -24.38 -32.03
C GLY B 189 -1.90 -24.24 -30.52
N ASP B 190 -1.71 -25.36 -29.83
CA ASP B 190 -1.81 -25.52 -28.36
C ASP B 190 -0.45 -25.23 -27.74
N VAL B 191 -0.43 -24.88 -26.45
CA VAL B 191 0.80 -24.79 -25.60
C VAL B 191 0.80 -25.98 -24.65
N ILE B 192 1.94 -26.65 -24.55
CA ILE B 192 2.16 -27.84 -23.71
C ILE B 192 3.24 -27.50 -22.68
N LEU B 193 2.94 -27.70 -21.40
CA LEU B 193 3.94 -27.61 -20.31
C LEU B 193 4.22 -29.04 -19.83
N LYS B 194 5.49 -29.38 -19.63
CA LYS B 194 5.95 -30.71 -19.17
C LYS B 194 6.61 -30.50 -17.80
N GLY B 195 6.00 -31.02 -16.71
CA GLY B 195 6.46 -30.83 -15.32
C GLY B 195 6.59 -32.13 -14.57
N ARG B 196 7.33 -32.09 -13.45
CA ARG B 196 7.63 -33.26 -12.57
C ARG B 196 7.84 -32.73 -11.14
N SER B 197 7.25 -33.33 -10.11
CA SER B 197 7.58 -33.07 -8.69
C SER B 197 7.48 -34.38 -7.89
N GLU B 198 8.09 -34.45 -6.70
CA GLU B 198 7.97 -35.64 -5.82
C GLU B 198 6.47 -35.90 -5.67
N ALA B 199 5.76 -34.86 -5.19
CA ALA B 199 4.31 -34.90 -4.91
C ALA B 199 3.54 -35.39 -6.13
N LEU B 200 3.71 -34.75 -7.29
CA LEU B 200 2.74 -34.83 -8.42
C LEU B 200 3.19 -35.85 -9.48
N GLY B 201 4.40 -36.40 -9.34
CA GLY B 201 5.04 -37.26 -10.36
C GLY B 201 5.30 -36.44 -11.59
N ASN B 202 5.30 -37.08 -12.77
CA ASN B 202 5.31 -36.35 -14.07
C ASN B 202 3.86 -36.04 -14.41
N TYR B 203 3.63 -34.87 -15.00
CA TYR B 203 2.30 -34.40 -15.44
C TYR B 203 2.47 -33.63 -16.75
N LYS B 204 1.37 -33.29 -17.40
CA LYS B 204 1.36 -32.50 -18.64
C LYS B 204 0.22 -31.51 -18.51
N LEU B 205 0.50 -30.21 -18.59
CA LEU B 205 -0.52 -29.13 -18.54
C LEU B 205 -0.55 -28.45 -19.90
N VAL B 206 -1.73 -28.44 -20.54
CA VAL B 206 -1.95 -28.00 -21.94
C VAL B 206 -2.98 -26.86 -21.95
N VAL B 207 -2.65 -25.74 -22.59
CA VAL B 207 -3.63 -24.68 -22.94
C VAL B 207 -3.96 -24.83 -24.43
N THR B 208 -5.22 -25.05 -24.76
CA THR B 208 -5.63 -25.37 -26.16
C THR B 208 -5.75 -24.08 -26.96
N LYS B 209 -5.54 -24.19 -28.28
CA LYS B 209 -5.64 -23.10 -29.30
C LYS B 209 -6.94 -22.34 -29.08
N GLY B 210 -8.05 -23.09 -29.11
CA GLY B 210 -9.42 -22.61 -28.80
C GLY B 210 -10.06 -21.97 -30.00
N LYS B 211 -11.28 -21.48 -29.83
CA LYS B 211 -12.08 -20.84 -30.90
C LYS B 211 -12.11 -19.35 -30.63
N GLY B 212 -12.32 -18.57 -31.70
CA GLY B 212 -12.53 -17.12 -31.64
C GLY B 212 -11.55 -16.38 -32.54
N VAL B 213 -11.95 -15.20 -33.00
CA VAL B 213 -11.15 -14.37 -33.94
C VAL B 213 -9.90 -13.85 -33.20
N ILE B 214 -8.71 -14.19 -33.72
CA ILE B 214 -7.37 -13.65 -33.29
C ILE B 214 -7.01 -12.44 -34.16
N PRO B 215 -6.95 -11.19 -33.63
CA PRO B 215 -6.71 -10.01 -34.46
C PRO B 215 -5.27 -9.95 -35.01
N GLN B 216 -5.12 -9.28 -36.17
CA GLN B 216 -3.87 -9.29 -36.98
C GLN B 216 -3.35 -7.85 -37.18
N SER B 217 -2.04 -7.69 -37.26
CA SER B 217 -1.42 -6.35 -37.39
C SER B 217 -0.65 -6.27 -38.70
N ASP B 218 -0.93 -5.21 -39.47
CA ASP B 218 -0.20 -4.84 -40.70
C ASP B 218 0.73 -3.67 -40.37
N HIS B 219 0.90 -3.36 -39.07
CA HIS B 219 1.91 -2.40 -38.54
C HIS B 219 3.32 -3.01 -38.57
N ASP B 220 4.34 -2.16 -38.63
CA ASP B 220 5.74 -2.55 -38.94
C ASP B 220 6.33 -3.30 -37.73
N LEU B 221 5.82 -3.04 -36.52
CA LEU B 221 6.14 -3.79 -35.27
C LEU B 221 5.99 -5.30 -35.47
N SER B 222 5.15 -5.70 -36.43
CA SER B 222 4.87 -7.11 -36.76
C SER B 222 6.15 -7.84 -37.18
N ARG B 223 7.19 -7.12 -37.64
CA ARG B 223 8.46 -7.72 -38.10
C ARG B 223 9.23 -8.29 -36.91
N LEU B 224 9.06 -7.69 -35.73
CA LEU B 224 9.74 -8.12 -34.47
C LEU B 224 8.81 -9.01 -33.65
N ARG B 225 7.52 -8.65 -33.54
CA ARG B 225 6.53 -9.22 -32.59
C ARG B 225 5.45 -10.07 -33.28
N GLY B 226 5.65 -10.46 -34.55
CA GLY B 226 4.66 -11.23 -35.33
C GLY B 226 3.38 -10.44 -35.57
N PRO B 227 2.46 -10.92 -36.45
CA PRO B 227 1.24 -10.18 -36.74
C PRO B 227 0.21 -10.27 -35.60
N GLY B 228 0.39 -11.22 -34.67
CA GLY B 228 -0.51 -11.50 -33.53
C GLY B 228 -0.80 -12.99 -33.37
N GLN B 229 -0.48 -13.55 -32.20
CA GLN B 229 -0.60 -15.00 -31.93
C GLN B 229 -0.43 -15.27 -30.43
N THR B 230 -0.74 -16.48 -30.01
CA THR B 230 -0.53 -16.98 -28.62
C THR B 230 0.97 -16.91 -28.33
N VAL B 231 1.33 -16.52 -27.10
CA VAL B 231 2.74 -16.48 -26.62
C VAL B 231 2.86 -17.02 -25.18
N VAL B 232 4.09 -17.36 -24.79
CA VAL B 232 4.47 -17.96 -23.48
C VAL B 232 5.82 -17.39 -23.05
N GLN B 233 5.90 -16.86 -21.84
CA GLN B 233 7.19 -16.51 -21.20
C GLN B 233 7.42 -17.46 -20.04
N SER B 234 8.47 -18.27 -20.13
CA SER B 234 9.01 -19.08 -19.01
C SER B 234 10.01 -18.24 -18.21
N LEU B 235 9.75 -18.06 -16.92
CA LEU B 235 10.45 -17.08 -16.06
C LEU B 235 10.87 -17.73 -14.76
N THR B 236 11.88 -17.16 -14.09
CA THR B 236 12.31 -17.53 -12.72
C THR B 236 12.12 -16.31 -11.80
N TYR B 237 11.34 -16.48 -10.74
CA TYR B 237 11.12 -15.47 -9.67
C TYR B 237 11.42 -16.14 -8.34
N PRO B 238 11.69 -15.39 -7.25
CA PRO B 238 11.94 -16.03 -5.97
C PRO B 238 10.61 -16.66 -5.50
N ASP B 239 10.71 -17.84 -4.88
CA ASP B 239 9.55 -18.55 -4.26
C ASP B 239 8.60 -17.55 -3.57
N GLU B 240 9.14 -16.59 -2.80
CA GLU B 240 8.36 -15.73 -1.86
C GLU B 240 7.39 -14.84 -2.63
N VAL B 241 7.58 -14.64 -3.94
CA VAL B 241 6.75 -13.65 -4.69
C VAL B 241 5.89 -14.34 -5.75
N LEU B 242 5.87 -15.68 -5.83
CA LEU B 242 5.15 -16.42 -6.90
C LEU B 242 3.67 -16.05 -6.88
N TRP B 243 3.13 -15.66 -5.72
CA TRP B 243 1.67 -15.37 -5.57
C TRP B 243 1.36 -13.97 -6.12
N GLN B 244 2.36 -13.09 -6.23
CA GLN B 244 2.16 -11.72 -6.78
C GLN B 244 2.08 -11.78 -8.30
N ALA B 245 1.04 -12.42 -8.84
CA ALA B 245 0.85 -12.66 -10.30
C ALA B 245 0.72 -11.33 -11.05
N LYS B 246 -0.28 -10.51 -10.72
CA LYS B 246 -0.64 -9.27 -11.46
C LYS B 246 0.60 -8.38 -11.52
N PRO B 247 1.26 -8.12 -10.37
CA PRO B 247 2.54 -7.43 -10.39
C PRO B 247 3.62 -8.13 -11.25
N ILE B 248 3.64 -9.46 -11.35
CA ILE B 248 4.68 -10.14 -12.17
C ILE B 248 4.36 -9.97 -13.66
N LEU B 249 3.08 -9.98 -14.02
CA LEU B 249 2.63 -9.76 -15.42
C LEU B 249 2.96 -8.33 -15.83
N PHE B 250 2.61 -7.36 -14.99
CA PHE B 250 2.76 -5.91 -15.31
C PHE B 250 4.23 -5.57 -15.45
N GLN B 251 5.08 -6.20 -14.63
CA GLN B 251 6.55 -6.12 -14.75
C GLN B 251 6.94 -6.54 -16.17
N GLN B 252 6.50 -7.73 -16.59
CA GLN B 252 6.84 -8.29 -17.93
C GLN B 252 6.27 -7.37 -19.01
N LEU B 253 5.07 -6.82 -18.79
CA LEU B 253 4.40 -5.98 -19.82
C LEU B 253 5.17 -4.65 -19.96
N LYS B 254 5.64 -4.04 -18.86
CA LYS B 254 6.48 -2.81 -18.82
C LYS B 254 7.83 -3.09 -19.51
N ALA B 255 8.53 -4.18 -19.16
CA ALA B 255 9.82 -4.55 -19.78
C ALA B 255 9.68 -4.56 -21.31
N GLY B 256 8.55 -5.10 -21.81
CA GLY B 256 8.23 -5.21 -23.25
C GLY B 256 8.02 -3.85 -23.89
N ILE B 257 7.48 -2.88 -23.15
CA ILE B 257 7.21 -1.51 -23.64
C ILE B 257 8.55 -0.76 -23.71
N ASP B 258 9.43 -0.98 -22.74
CA ASP B 258 10.78 -0.32 -22.68
C ASP B 258 11.66 -0.83 -23.83
N TRP B 259 11.36 -2.02 -24.33
CA TRP B 259 12.13 -2.69 -25.40
C TRP B 259 11.80 -2.01 -26.73
N LEU B 260 10.66 -1.35 -26.82
CA LEU B 260 10.20 -0.65 -28.04
C LEU B 260 11.19 0.45 -28.41
N VAL B 261 11.63 1.22 -27.42
CA VAL B 261 12.48 2.43 -27.61
C VAL B 261 13.93 2.04 -27.95
N GLU B 262 14.31 0.77 -27.84
CA GLU B 262 15.69 0.29 -28.12
C GLU B 262 15.73 -0.62 -29.37
N ASN B 263 14.72 -0.60 -30.25
CA ASN B 263 14.60 -1.63 -31.33
C ASN B 263 13.96 -1.01 -32.58
N LYS B 264 14.41 -1.44 -33.78
CA LYS B 264 14.17 -0.78 -35.11
C LYS B 264 12.77 -1.15 -35.60
N TYR B 265 11.82 -0.21 -35.53
CA TYR B 265 10.46 -0.35 -36.09
C TYR B 265 9.88 1.05 -36.35
N ASP B 266 9.06 1.21 -37.38
CA ASP B 266 8.50 2.52 -37.82
C ASP B 266 7.48 2.98 -36.75
N VAL B 267 7.74 4.12 -36.11
CA VAL B 267 6.96 4.62 -34.95
C VAL B 267 6.19 5.86 -35.38
N ALA B 268 6.11 6.11 -36.70
CA ALA B 268 5.37 7.24 -37.31
C ALA B 268 3.86 7.05 -37.11
N ASP B 269 3.38 5.84 -37.40
CA ASP B 269 1.96 5.44 -37.21
C ASP B 269 1.80 4.81 -35.83
N PRO B 270 0.74 5.18 -35.08
CA PRO B 270 0.40 4.47 -33.84
C PRO B 270 0.18 2.97 -34.07
N PRO B 271 0.86 2.06 -33.32
CA PRO B 271 0.58 0.63 -33.43
C PRO B 271 -0.71 0.31 -32.70
N PRO B 272 -1.31 -0.89 -32.87
CA PRO B 272 -2.50 -1.26 -32.09
C PRO B 272 -2.18 -1.52 -30.62
N PRO B 273 -2.97 -0.94 -29.68
CA PRO B 273 -2.79 -1.19 -28.24
C PRO B 273 -2.64 -2.67 -27.88
N TRP B 274 -3.55 -3.50 -28.35
CA TRP B 274 -3.51 -4.96 -28.10
C TRP B 274 -2.10 -5.50 -28.42
N GLN B 275 -1.44 -4.98 -29.45
CA GLN B 275 -0.18 -5.57 -29.98
C GLN B 275 0.99 -5.10 -29.12
N VAL B 276 0.92 -3.86 -28.66
CA VAL B 276 1.93 -3.24 -27.76
C VAL B 276 1.93 -3.98 -26.41
N TYR B 277 0.77 -4.47 -25.96
CA TYR B 277 0.59 -5.24 -24.71
C TYR B 277 0.68 -6.76 -24.94
N LEU B 278 1.09 -7.20 -26.14
CA LEU B 278 1.30 -8.63 -26.48
C LEU B 278 2.77 -9.00 -26.24
N LEU B 279 3.02 -9.91 -25.30
CA LEU B 279 4.39 -10.31 -24.88
C LEU B 279 5.23 -10.88 -26.03
N ALA B 280 6.54 -10.72 -25.92
CA ALA B 280 7.56 -11.49 -26.68
C ALA B 280 7.43 -12.94 -26.27
N ASN B 281 7.34 -13.86 -27.22
CA ASN B 281 7.40 -15.32 -26.97
C ASN B 281 8.81 -15.69 -26.47
N LYS B 282 8.94 -16.27 -25.26
CA LYS B 282 10.24 -16.70 -24.67
C LYS B 282 10.00 -17.98 -23.85
N PRO B 283 9.49 -19.06 -24.45
CA PRO B 283 9.22 -20.30 -23.75
C PRO B 283 10.53 -20.98 -23.36
N GLY B 284 10.45 -21.91 -22.41
CA GLY B 284 11.60 -22.63 -21.82
C GLY B 284 11.26 -23.15 -20.44
N SER B 285 12.29 -23.46 -19.66
CA SER B 285 12.19 -23.89 -18.24
C SER B 285 11.97 -22.64 -17.39
N GLY B 286 11.38 -22.82 -16.21
CA GLY B 286 11.06 -21.74 -15.26
C GLY B 286 10.17 -22.24 -14.14
N ASN B 287 9.89 -21.42 -13.14
CA ASN B 287 8.89 -21.73 -12.08
C ASN B 287 7.73 -20.75 -12.23
N VAL B 288 7.73 -19.94 -13.29
CA VAL B 288 6.56 -19.13 -13.76
C VAL B 288 6.43 -19.29 -15.28
N HIS B 289 5.21 -19.45 -15.77
CA HIS B 289 4.87 -19.54 -17.21
C HIS B 289 3.63 -18.69 -17.43
N ILE B 290 3.75 -17.69 -18.29
CA ILE B 290 2.62 -16.80 -18.66
C ILE B 290 2.21 -17.16 -20.09
N VAL B 291 0.98 -17.62 -20.22
CA VAL B 291 0.34 -17.94 -21.52
C VAL B 291 -0.64 -16.82 -21.84
N GLN B 292 -0.40 -16.06 -22.90
CA GLN B 292 -1.24 -14.88 -23.26
C GLN B 292 -1.90 -15.11 -24.63
N LYS B 293 -3.10 -14.56 -24.81
CA LYS B 293 -3.92 -14.66 -26.04
C LYS B 293 -4.70 -13.37 -26.23
N VAL B 294 -4.85 -12.93 -27.47
CA VAL B 294 -5.77 -11.80 -27.75
C VAL B 294 -6.89 -12.32 -28.65
N PHE B 295 -8.10 -11.84 -28.35
CA PHE B 295 -9.36 -12.26 -29.01
C PHE B 295 -10.08 -10.99 -29.45
N GLU B 296 -10.75 -11.07 -30.61
CA GLU B 296 -11.70 -10.05 -31.12
C GLU B 296 -13.08 -10.71 -31.13
N GLY B 297 -14.06 -10.06 -30.50
CA GLY B 297 -15.35 -10.68 -30.19
C GLY B 297 -15.23 -11.85 -29.22
N ASP B 298 -16.05 -12.89 -29.39
CA ASP B 298 -16.26 -13.99 -28.40
C ASP B 298 -15.15 -15.02 -28.56
N PHE B 299 -14.89 -15.79 -27.51
CA PHE B 299 -13.74 -16.73 -27.47
C PHE B 299 -14.04 -17.89 -26.51
N GLU B 300 -13.32 -18.99 -26.69
CA GLU B 300 -13.20 -20.05 -25.66
C GLU B 300 -11.89 -20.82 -25.89
N PHE B 301 -11.28 -21.31 -24.83
CA PHE B 301 -10.19 -22.30 -24.89
C PHE B 301 -10.27 -23.19 -23.65
N ASP B 302 -9.44 -24.23 -23.61
CA ASP B 302 -9.52 -25.31 -22.60
C ASP B 302 -8.16 -25.41 -21.89
N ILE B 303 -8.17 -25.77 -20.60
CA ILE B 303 -6.95 -26.22 -19.88
C ILE B 303 -7.10 -27.71 -19.58
N LEU B 304 -6.02 -28.45 -19.79
CA LEU B 304 -6.01 -29.93 -19.68
C LEU B 304 -4.77 -30.35 -18.90
N PHE B 305 -4.97 -30.82 -17.67
CA PHE B 305 -3.92 -31.38 -16.79
C PHE B 305 -4.07 -32.91 -16.78
N SER B 306 -3.00 -33.60 -17.14
CA SER B 306 -2.92 -35.08 -17.28
C SER B 306 -1.83 -35.62 -16.35
N SER B 307 -2.23 -36.31 -15.28
CA SER B 307 -1.31 -37.08 -14.39
C SER B 307 -0.74 -38.24 -15.20
N GLU B 308 0.59 -38.39 -15.28
CA GLU B 308 1.21 -39.50 -16.04
C GLU B 308 0.73 -40.86 -15.47
N SER B 309 0.86 -41.08 -14.16
CA SER B 309 0.41 -42.29 -13.43
C SER B 309 -1.05 -42.65 -13.75
N ALA B 310 -1.89 -41.71 -14.23
CA ALA B 310 -3.30 -41.96 -14.62
C ALA B 310 -3.40 -42.74 -15.93
N GLY B 311 -2.26 -43.14 -16.49
CA GLY B 311 -2.12 -44.05 -17.65
C GLY B 311 -2.78 -43.53 -18.91
N LYS B 312 -3.48 -42.39 -18.87
CA LYS B 312 -4.32 -41.88 -19.99
C LYS B 312 -4.25 -40.34 -20.05
N GLU B 313 -3.95 -39.79 -21.22
CA GLU B 313 -3.88 -38.33 -21.46
C GLU B 313 -5.31 -37.81 -21.65
N VAL B 314 -5.63 -36.68 -20.99
CA VAL B 314 -6.99 -36.06 -20.96
C VAL B 314 -7.13 -35.21 -22.23
N THR B 315 -8.33 -35.16 -22.80
CA THR B 315 -8.64 -34.49 -24.09
C THR B 315 -9.86 -33.58 -23.92
N SER B 316 -10.18 -32.77 -24.91
CA SER B 316 -11.37 -31.88 -24.87
C SER B 316 -12.64 -32.72 -24.90
N LYS B 317 -12.64 -33.91 -25.54
CA LYS B 317 -13.86 -34.78 -25.62
C LYS B 317 -14.14 -35.29 -24.19
N ASP B 318 -13.12 -35.89 -23.55
CA ASP B 318 -13.13 -36.26 -22.10
C ASP B 318 -13.78 -35.16 -21.24
N LEU B 319 -13.39 -33.90 -21.47
CA LEU B 319 -13.83 -32.72 -20.69
C LEU B 319 -15.33 -32.53 -20.91
N GLU B 320 -15.78 -32.46 -22.16
CA GLU B 320 -17.18 -32.08 -22.53
C GLU B 320 -18.15 -33.10 -21.94
N ARG B 321 -17.71 -34.37 -21.89
CA ARG B 321 -18.47 -35.56 -21.42
C ARG B 321 -18.65 -35.43 -19.90
N GLU B 322 -17.54 -35.29 -19.17
CA GLU B 322 -17.49 -35.27 -17.69
C GLU B 322 -18.23 -34.05 -17.15
N VAL B 323 -18.35 -32.98 -17.92
CA VAL B 323 -19.11 -31.77 -17.49
C VAL B 323 -20.58 -32.18 -17.40
N LYS B 324 -21.09 -32.81 -18.47
CA LYS B 324 -22.50 -33.27 -18.61
C LYS B 324 -22.79 -34.33 -17.54
N GLN B 325 -21.83 -35.20 -17.24
CA GLN B 325 -21.98 -36.33 -16.29
C GLN B 325 -22.07 -35.76 -14.87
N ALA B 326 -21.25 -34.76 -14.54
CA ALA B 326 -21.21 -34.14 -13.20
C ALA B 326 -22.48 -33.32 -12.97
N THR B 327 -22.99 -32.64 -14.00
CA THR B 327 -24.28 -31.90 -13.93
C THR B 327 -25.41 -32.87 -13.58
N GLU B 328 -25.43 -34.07 -14.16
CA GLU B 328 -26.47 -35.11 -13.87
C GLU B 328 -26.31 -35.57 -12.41
N VAL B 329 -25.10 -35.96 -11.98
CA VAL B 329 -24.84 -36.44 -10.59
C VAL B 329 -25.23 -35.34 -9.59
N PHE B 330 -25.03 -34.08 -9.93
CA PHE B 330 -25.26 -32.95 -8.99
C PHE B 330 -26.75 -32.79 -8.70
N GLY B 331 -27.58 -32.67 -9.75
CA GLY B 331 -29.04 -32.46 -9.67
C GLY B 331 -29.74 -33.60 -8.95
N GLU B 332 -29.26 -34.83 -9.19
CA GLU B 332 -29.70 -36.09 -8.51
C GLU B 332 -29.47 -35.94 -7.00
N ARG B 333 -28.21 -35.76 -6.59
CA ARG B 333 -27.80 -35.65 -5.16
C ARG B 333 -28.59 -34.50 -4.50
N PHE B 334 -28.77 -33.36 -5.17
CA PHE B 334 -29.46 -32.18 -4.57
C PHE B 334 -30.92 -32.52 -4.24
N ALA B 335 -31.61 -33.27 -5.11
CA ALA B 335 -33.01 -33.72 -4.90
C ALA B 335 -33.09 -34.62 -3.66
N ARG B 336 -32.14 -35.55 -3.49
CA ARG B 336 -32.09 -36.53 -2.36
C ARG B 336 -31.69 -35.79 -1.08
N VAL B 337 -30.69 -34.92 -1.13
CA VAL B 337 -30.04 -34.37 0.10
C VAL B 337 -30.79 -33.13 0.59
N PHE B 338 -31.31 -32.31 -0.33
CA PHE B 338 -32.07 -31.07 -0.02
C PHE B 338 -33.48 -31.17 -0.65
N ASP B 339 -34.26 -32.15 -0.17
CA ASP B 339 -35.72 -32.31 -0.39
C ASP B 339 -36.43 -31.08 0.18
N LEU B 340 -36.55 -30.02 -0.63
CA LEU B 340 -37.17 -28.73 -0.22
C LEU B 340 -38.64 -28.98 0.12
N LYS B 341 -39.08 -28.58 1.32
CA LYS B 341 -40.45 -28.86 1.81
C LYS B 341 -41.35 -27.63 1.59
N ALA B 342 -42.66 -27.84 1.57
CA ALA B 342 -43.69 -26.80 1.37
C ALA B 342 -43.36 -25.60 2.26
N PRO B 343 -43.57 -24.35 1.78
CA PRO B 343 -44.06 -24.06 0.43
C PRO B 343 -42.98 -23.65 -0.58
N PHE B 344 -41.82 -24.30 -0.54
CA PHE B 344 -40.62 -23.88 -1.32
C PHE B 344 -40.21 -25.00 -2.27
N GLN B 345 -41.21 -25.70 -2.83
CA GLN B 345 -40.98 -26.77 -3.85
C GLN B 345 -40.87 -26.14 -5.26
N GLY B 346 -41.14 -24.85 -5.40
CA GLY B 346 -40.93 -24.09 -6.66
C GLY B 346 -39.60 -24.42 -7.35
N ASP B 347 -39.61 -24.37 -8.69
CA ASP B 347 -38.41 -24.39 -9.56
C ASP B 347 -37.58 -23.12 -9.25
N ASN B 348 -38.24 -21.99 -9.00
CA ASN B 348 -37.58 -20.71 -8.58
C ASN B 348 -36.69 -20.98 -7.35
N TYR B 349 -37.22 -21.67 -6.34
CA TYR B 349 -36.54 -21.96 -5.05
C TYR B 349 -35.47 -23.05 -5.24
N LYS B 350 -35.66 -24.04 -6.10
CA LYS B 350 -34.61 -25.06 -6.37
C LYS B 350 -33.39 -24.35 -6.98
N LYS B 351 -33.59 -23.39 -7.90
CA LYS B 351 -32.49 -22.62 -8.57
C LYS B 351 -31.76 -21.82 -7.48
N PHE B 352 -32.51 -21.19 -6.59
CA PHE B 352 -31.99 -20.40 -5.42
C PHE B 352 -31.12 -21.29 -4.52
N GLY B 353 -31.70 -22.34 -3.93
CA GLY B 353 -30.98 -23.26 -3.04
C GLY B 353 -29.72 -23.83 -3.68
N LYS B 354 -29.72 -24.02 -5.00
CA LYS B 354 -28.56 -24.61 -5.71
C LYS B 354 -27.47 -23.53 -5.85
N SER B 355 -27.88 -22.27 -5.95
CA SER B 355 -26.96 -21.10 -6.00
C SER B 355 -26.31 -20.93 -4.62
N MET B 356 -27.14 -20.89 -3.58
CA MET B 356 -26.73 -20.62 -2.17
C MET B 356 -25.76 -21.71 -1.72
N PHE B 357 -26.08 -22.95 -2.01
CA PHE B 357 -25.27 -24.12 -1.55
C PHE B 357 -24.00 -24.26 -2.39
N SER B 358 -24.08 -24.13 -3.71
CA SER B 358 -22.91 -24.26 -4.62
C SER B 358 -21.85 -23.23 -4.24
N ASN B 359 -22.26 -22.00 -3.91
CA ASN B 359 -21.32 -20.90 -3.56
C ASN B 359 -20.61 -21.20 -2.23
N LEU B 360 -21.29 -21.85 -1.28
CA LEU B 360 -20.77 -22.13 0.08
C LEU B 360 -19.65 -23.18 -0.03
N ILE B 361 -19.90 -24.24 -0.77
CA ILE B 361 -18.97 -25.41 -0.94
C ILE B 361 -17.89 -25.05 -1.99
N GLY B 362 -18.21 -24.15 -2.93
CA GLY B 362 -17.26 -23.60 -3.92
C GLY B 362 -16.21 -22.72 -3.27
N GLY B 363 -16.51 -22.19 -2.07
CA GLY B 363 -15.60 -21.34 -1.28
C GLY B 363 -14.48 -22.13 -0.65
N ILE B 364 -14.49 -23.45 -0.73
CA ILE B 364 -13.48 -24.21 0.04
C ILE B 364 -12.10 -23.86 -0.52
N GLY B 365 -11.19 -23.47 0.37
CA GLY B 365 -9.80 -23.13 0.02
C GLY B 365 -8.83 -24.02 0.76
N TYR B 366 -7.67 -24.24 0.15
CA TYR B 366 -6.44 -24.75 0.80
C TYR B 366 -5.47 -23.59 1.06
N PHE B 367 -5.11 -23.38 2.34
CA PHE B 367 -4.20 -22.28 2.79
C PHE B 367 -2.96 -22.89 3.44
N TYR B 368 -1.77 -22.39 3.06
CA TYR B 368 -0.47 -22.81 3.62
C TYR B 368 0.41 -21.60 3.88
N GLY B 369 1.10 -21.60 5.01
CA GLY B 369 2.09 -20.56 5.35
C GLY B 369 2.22 -20.36 6.85
N HIS B 370 2.92 -19.30 7.26
CA HIS B 370 3.13 -18.97 8.68
C HIS B 370 1.96 -18.11 9.17
N SER B 371 1.77 -18.08 10.49
CA SER B 371 0.69 -17.36 11.19
C SER B 371 1.34 -16.39 12.18
N LEU B 372 0.71 -15.26 12.51
CA LEU B 372 1.30 -14.26 13.42
C LEU B 372 0.64 -14.35 14.80
N VAL B 373 1.39 -14.86 15.77
CA VAL B 373 0.92 -15.08 17.17
C VAL B 373 1.86 -14.40 18.17
N ASP B 374 1.29 -13.88 19.25
CA ASP B 374 2.02 -13.38 20.45
C ASP B 374 2.13 -14.52 21.47
N ARG B 375 3.33 -15.07 21.63
CA ARG B 375 3.58 -16.20 22.56
C ARG B 375 4.25 -15.71 23.83
N SER B 376 3.98 -14.47 24.24
CA SER B 376 4.62 -13.83 25.43
C SER B 376 3.93 -14.34 26.69
N TYR B 377 2.60 -14.55 26.61
CA TYR B 377 1.70 -14.88 27.73
C TYR B 377 1.89 -13.84 28.84
N ALA B 378 1.93 -12.57 28.45
CA ALA B 378 2.11 -11.44 29.40
C ALA B 378 1.05 -11.51 30.51
N PRO B 379 1.42 -11.30 31.79
CA PRO B 379 0.45 -11.26 32.89
C PRO B 379 -0.71 -10.26 32.73
N GLU B 380 -0.53 -9.23 31.89
CA GLU B 380 -1.60 -8.24 31.59
C GLU B 380 -2.80 -8.97 30.97
N TYR B 381 -2.51 -10.02 30.20
CA TYR B 381 -3.51 -10.79 29.41
C TYR B 381 -4.40 -11.63 30.33
N ASP B 382 -3.99 -11.86 31.58
CA ASP B 382 -4.82 -12.50 32.63
C ASP B 382 -6.07 -11.65 32.92
N GLU B 383 -6.09 -10.38 32.51
CA GLU B 383 -7.22 -9.43 32.69
C GLU B 383 -7.74 -9.51 34.15
N GLU B 384 -6.86 -9.30 35.15
CA GLU B 384 -7.21 -9.48 36.59
C GLU B 384 -7.75 -8.19 37.21
N ASN B 385 -7.22 -7.02 36.83
CA ASN B 385 -7.57 -5.70 37.46
C ASN B 385 -8.55 -4.95 36.54
N GLU B 386 -9.22 -3.93 37.08
CA GLU B 386 -10.09 -2.97 36.34
C GLU B 386 -9.20 -2.25 35.32
N GLY B 387 -9.79 -1.74 34.23
CA GLY B 387 -9.07 -1.18 33.05
C GLY B 387 -8.06 -2.17 32.46
N PHE B 388 -8.33 -3.47 32.44
CA PHE B 388 -7.44 -4.51 31.84
C PHE B 388 -7.18 -4.19 30.36
N TRP B 389 -8.09 -3.47 29.71
CA TRP B 389 -7.99 -3.22 28.25
C TRP B 389 -6.82 -2.29 27.97
N GLU B 390 -6.54 -1.37 28.90
CA GLU B 390 -5.37 -0.45 28.89
C GLU B 390 -4.08 -1.25 29.14
N ASP B 391 -4.10 -2.15 30.12
CA ASP B 391 -2.99 -3.09 30.44
C ASP B 391 -2.63 -3.88 29.17
N ALA B 392 -3.65 -4.31 28.43
CA ALA B 392 -3.49 -5.19 27.25
C ALA B 392 -2.76 -4.40 26.16
N ALA B 393 -3.16 -3.14 25.98
CA ALA B 393 -2.61 -2.20 24.98
C ALA B 393 -1.12 -1.95 25.24
N GLU B 394 -0.71 -1.96 26.52
CA GLU B 394 0.69 -1.84 26.97
C GLU B 394 1.46 -3.09 26.56
N ALA B 395 0.96 -4.26 26.96
CA ALA B 395 1.57 -5.57 26.62
C ALA B 395 1.71 -5.68 25.10
N ARG B 396 0.74 -5.17 24.36
CA ARG B 396 0.69 -5.21 22.87
C ARG B 396 1.78 -4.29 22.31
N ALA B 397 2.09 -3.19 23.00
CA ALA B 397 3.04 -2.16 22.54
C ALA B 397 4.49 -2.67 22.72
N ARG B 398 4.66 -3.75 23.48
CA ARG B 398 5.98 -4.41 23.70
C ARG B 398 6.33 -5.27 22.48
N HIS B 399 5.36 -5.48 21.57
CA HIS B 399 5.44 -6.13 20.22
C HIS B 399 6.27 -7.42 20.26
N GLN B 400 5.82 -8.43 20.99
CA GLN B 400 6.52 -9.74 21.15
C GLN B 400 6.06 -10.72 20.05
N GLU B 401 5.11 -10.35 19.18
CA GLU B 401 4.55 -11.28 18.17
C GLU B 401 5.64 -11.72 17.20
N ALA B 402 5.55 -12.96 16.74
CA ALA B 402 6.40 -13.54 15.67
C ALA B 402 5.54 -14.41 14.73
N LEU B 403 6.01 -14.57 13.49
CA LEU B 403 5.51 -15.61 12.59
C LEU B 403 5.93 -16.98 13.14
N GLU B 404 5.01 -17.94 13.10
CA GLU B 404 5.25 -19.36 13.49
C GLU B 404 4.50 -20.25 12.50
N GLY B 405 4.92 -21.52 12.43
CA GLY B 405 4.44 -22.49 11.43
C GLY B 405 5.62 -23.05 10.64
N PRO B 406 5.46 -23.40 9.34
CA PRO B 406 4.22 -23.15 8.60
C PRO B 406 3.04 -24.06 9.01
N TYR B 407 1.84 -23.68 8.59
CA TYR B 407 0.56 -24.34 8.93
C TYR B 407 -0.22 -24.61 7.64
N GLU B 408 -1.14 -25.58 7.67
CA GLU B 408 -2.09 -25.81 6.55
C GLU B 408 -3.54 -25.78 7.07
N LEU B 409 -4.46 -25.36 6.22
CA LEU B 409 -5.91 -25.31 6.52
C LEU B 409 -6.71 -25.53 5.23
N PHE B 410 -7.55 -26.56 5.24
CA PHE B 410 -8.55 -26.86 4.19
C PHE B 410 -9.91 -26.52 4.79
N THR B 411 -10.57 -25.48 4.32
CA THR B 411 -11.77 -24.91 4.98
C THR B 411 -12.61 -24.12 3.98
N SER B 412 -13.89 -23.98 4.28
CA SER B 412 -14.79 -23.03 3.61
C SER B 412 -14.54 -21.66 4.23
N ILE B 413 -15.03 -20.61 3.59
CA ILE B 413 -14.75 -19.20 3.91
C ILE B 413 -16.07 -18.45 3.92
N PRO B 414 -16.13 -17.29 4.58
CA PRO B 414 -17.37 -16.54 4.63
C PRO B 414 -17.62 -15.79 3.32
N SER B 415 -16.56 -15.31 2.64
CA SER B 415 -16.68 -14.27 1.59
C SER B 415 -15.42 -14.17 0.72
N ARG B 416 -15.58 -14.50 -0.55
CA ARG B 416 -14.50 -14.53 -1.55
C ARG B 416 -13.87 -13.14 -1.73
N PRO B 417 -14.65 -12.08 -2.00
CA PRO B 417 -14.07 -10.75 -2.22
C PRO B 417 -13.57 -10.04 -0.94
N PHE B 418 -14.18 -10.27 0.23
CA PHE B 418 -13.91 -9.44 1.45
C PHE B 418 -13.13 -10.21 2.51
N PHE B 419 -13.44 -11.46 2.85
CA PHE B 419 -12.71 -12.20 3.91
C PHE B 419 -12.46 -13.64 3.47
N PRO B 420 -11.60 -13.88 2.47
CA PRO B 420 -11.35 -15.24 2.00
C PRO B 420 -10.31 -15.96 2.90
N ARG B 421 -10.69 -16.30 4.13
CA ARG B 421 -9.83 -17.04 5.10
C ARG B 421 -10.71 -17.72 6.15
N GLY B 422 -10.14 -18.63 6.94
CA GLY B 422 -10.86 -19.41 7.96
C GLY B 422 -11.25 -18.55 9.17
N PHE B 423 -12.52 -18.60 9.58
CA PHE B 423 -13.05 -18.06 10.86
C PHE B 423 -13.66 -19.21 11.66
N LEU B 424 -13.32 -19.31 12.94
CA LEU B 424 -13.51 -20.53 13.75
C LEU B 424 -15.01 -20.79 13.99
N TRP B 425 -15.83 -19.83 14.40
CA TRP B 425 -17.26 -20.14 14.74
C TRP B 425 -18.13 -20.10 13.48
N ASP B 426 -17.69 -19.39 12.43
CA ASP B 426 -18.34 -19.40 11.09
C ASP B 426 -18.35 -20.83 10.53
N GLU B 427 -17.30 -21.60 10.78
CA GLU B 427 -17.03 -22.91 10.11
C GLU B 427 -18.01 -23.93 10.68
N GLY B 428 -18.31 -23.84 11.97
CA GLY B 428 -19.36 -24.66 12.60
C GLY B 428 -20.62 -24.56 11.78
N PHE B 429 -21.03 -23.34 11.42
CA PHE B 429 -22.23 -23.08 10.60
C PHE B 429 -22.06 -23.49 9.13
N HIS B 430 -20.90 -23.25 8.52
CA HIS B 430 -20.60 -23.59 7.10
C HIS B 430 -20.80 -25.11 6.90
N LEU B 431 -20.38 -25.91 7.88
CA LEU B 431 -20.25 -27.38 7.75
C LEU B 431 -21.60 -28.07 7.96
N LEU B 432 -22.62 -27.40 8.51
CA LEU B 432 -23.93 -28.05 8.72
C LEU B 432 -24.48 -28.50 7.38
N PRO B 433 -24.67 -27.59 6.38
CA PRO B 433 -25.01 -28.00 5.01
C PRO B 433 -23.96 -28.91 4.34
N ILE B 434 -22.67 -28.63 4.51
CA ILE B 434 -21.63 -29.47 3.84
C ILE B 434 -21.70 -30.90 4.41
N ALA B 435 -21.91 -31.09 5.72
CA ALA B 435 -21.98 -32.44 6.35
C ALA B 435 -23.13 -33.24 5.75
N ASP B 436 -24.27 -32.60 5.49
CA ASP B 436 -25.46 -33.22 4.84
C ASP B 436 -25.08 -33.77 3.47
N TRP B 437 -24.26 -33.03 2.73
CA TRP B 437 -23.86 -33.35 1.34
C TRP B 437 -22.81 -34.46 1.29
N ASP B 438 -21.85 -34.46 2.22
CA ASP B 438 -20.57 -35.20 2.04
C ASP B 438 -19.87 -35.22 3.40
N ILE B 439 -20.32 -36.08 4.31
CA ILE B 439 -19.87 -36.09 5.73
C ILE B 439 -18.36 -36.35 5.79
N ASP B 440 -17.75 -37.06 4.83
CA ASP B 440 -16.28 -37.31 4.84
C ASP B 440 -15.52 -36.01 4.53
N LEU B 441 -16.08 -35.13 3.69
CA LEU B 441 -15.52 -33.79 3.39
C LEU B 441 -15.56 -32.95 4.67
N ALA B 442 -16.67 -32.98 5.40
CA ALA B 442 -16.84 -32.18 6.63
C ALA B 442 -15.80 -32.65 7.66
N LEU B 443 -15.63 -33.95 7.79
CA LEU B 443 -14.69 -34.55 8.77
C LEU B 443 -13.25 -34.14 8.43
N GLU B 444 -12.88 -34.06 7.13
CA GLU B 444 -11.51 -33.62 6.69
C GLU B 444 -11.28 -32.18 7.15
N ILE B 445 -12.29 -31.33 6.98
CA ILE B 445 -12.24 -29.88 7.35
C ILE B 445 -12.12 -29.79 8.87
N ILE B 446 -12.82 -30.63 9.62
CA ILE B 446 -12.80 -30.58 11.11
C ILE B 446 -11.41 -31.03 11.58
N LYS B 447 -10.81 -32.01 10.89
CA LYS B 447 -9.47 -32.58 11.22
C LYS B 447 -8.39 -31.53 10.90
N SER B 448 -8.57 -30.76 9.83
CA SER B 448 -7.66 -29.64 9.43
C SER B 448 -7.60 -28.61 10.56
N TRP B 449 -8.77 -28.15 11.01
CA TRP B 449 -8.92 -27.16 12.10
C TRP B 449 -8.29 -27.70 13.41
N TYR B 450 -8.60 -28.93 13.85
CA TYR B 450 -8.11 -29.42 15.16
C TYR B 450 -6.64 -29.86 15.06
N ASN B 451 -6.08 -29.86 13.84
CA ASN B 451 -4.61 -29.98 13.63
C ASN B 451 -3.90 -28.64 13.92
N LEU B 452 -4.62 -27.52 14.03
CA LEU B 452 -4.02 -26.20 14.35
C LEU B 452 -4.00 -25.96 15.87
N MET B 453 -4.62 -26.82 16.66
CA MET B 453 -4.68 -26.65 18.12
C MET B 453 -3.28 -26.84 18.74
N ASP B 454 -2.90 -25.96 19.66
CA ASP B 454 -1.59 -25.96 20.36
C ASP B 454 -1.70 -26.91 21.55
N GLU B 455 -0.60 -27.12 22.29
CA GLU B 455 -0.56 -28.06 23.45
C GLU B 455 -1.49 -27.60 24.58
N ASP B 456 -1.83 -26.32 24.68
CA ASP B 456 -2.74 -25.83 25.75
C ASP B 456 -4.20 -26.08 25.33
N GLY B 457 -4.48 -26.14 24.03
CA GLY B 457 -5.81 -26.42 23.46
C GLY B 457 -6.45 -25.19 22.82
N TRP B 458 -5.62 -24.24 22.40
CA TRP B 458 -6.06 -23.00 21.71
C TRP B 458 -5.92 -23.15 20.19
N ILE B 459 -6.95 -22.71 19.47
CA ILE B 459 -7.01 -22.50 18.01
C ILE B 459 -7.26 -21.01 17.80
N ALA B 460 -6.52 -20.34 16.92
CA ALA B 460 -6.73 -18.91 16.64
C ALA B 460 -8.06 -18.76 15.91
N ARG B 461 -8.88 -17.77 16.32
CA ARG B 461 -10.26 -17.57 15.81
C ARG B 461 -10.23 -17.13 14.35
N GLU B 462 -9.13 -16.54 13.87
CA GLU B 462 -8.99 -16.10 12.46
C GLU B 462 -7.66 -16.66 11.98
N GLN B 463 -7.66 -17.51 10.94
CA GLN B 463 -6.43 -18.14 10.38
C GLN B 463 -6.02 -17.42 9.08
N ILE B 464 -4.91 -16.68 9.17
CA ILE B 464 -4.27 -15.92 8.06
C ILE B 464 -2.93 -16.61 7.73
N LEU B 465 -2.94 -17.64 6.90
CA LEU B 465 -1.72 -18.46 6.60
C LEU B 465 -1.15 -18.00 5.25
N GLY B 466 0.08 -17.50 5.29
CA GLY B 466 0.86 -17.11 4.10
C GLY B 466 0.78 -15.63 3.77
N ALA B 467 1.80 -15.16 3.06
CA ALA B 467 1.93 -13.79 2.52
C ALA B 467 0.72 -13.44 1.64
N GLU B 468 0.28 -14.36 0.79
CA GLU B 468 -0.92 -14.17 -0.07
C GLU B 468 -2.12 -13.80 0.79
N ALA B 469 -2.42 -14.61 1.82
CA ALA B 469 -3.55 -14.46 2.78
C ALA B 469 -3.42 -13.13 3.50
N ARG B 470 -2.20 -12.85 3.98
CA ARG B 470 -1.82 -11.67 4.81
C ARG B 470 -2.09 -10.38 4.04
N SER B 471 -1.82 -10.40 2.73
CA SER B 471 -1.91 -9.22 1.83
C SER B 471 -3.32 -8.61 1.83
N LYS B 472 -4.38 -9.35 2.20
CA LYS B 472 -5.78 -8.85 2.13
C LYS B 472 -6.13 -8.21 3.47
N VAL B 473 -5.25 -8.27 4.46
CA VAL B 473 -5.59 -8.04 5.90
C VAL B 473 -4.69 -6.95 6.50
N PRO B 474 -5.24 -5.80 6.95
CA PRO B 474 -4.44 -4.79 7.65
C PRO B 474 -3.65 -5.39 8.81
N LYS B 475 -2.46 -4.83 9.06
CA LYS B 475 -1.48 -5.37 10.05
C LYS B 475 -2.09 -5.41 11.46
N GLU B 476 -2.96 -4.46 11.81
CA GLU B 476 -3.51 -4.36 13.20
C GLU B 476 -4.46 -5.51 13.50
N PHE B 477 -5.04 -6.18 12.50
CA PHE B 477 -5.93 -7.36 12.73
C PHE B 477 -5.20 -8.70 12.51
N GLN B 478 -3.90 -8.71 12.18
CA GLN B 478 -3.17 -9.95 11.78
C GLN B 478 -2.79 -10.80 12.99
N THR B 479 -2.16 -10.19 14.01
CA THR B 479 -1.64 -10.89 15.21
C THR B 479 -2.77 -11.64 15.92
N GLN B 480 -2.52 -12.88 16.37
CA GLN B 480 -3.49 -13.73 17.10
C GLN B 480 -2.97 -13.98 18.51
N TYR B 481 -3.87 -14.11 19.49
CA TYR B 481 -3.57 -14.10 20.95
C TYR B 481 -4.08 -15.37 21.59
N PRO B 482 -3.19 -16.19 22.21
CA PRO B 482 -3.57 -17.45 22.85
C PRO B 482 -4.61 -17.38 23.98
N HIS B 483 -5.06 -16.21 24.40
CA HIS B 483 -6.10 -16.12 25.46
C HIS B 483 -7.45 -15.77 24.81
N TYR B 484 -7.54 -15.79 23.48
CA TYR B 484 -8.71 -15.30 22.70
C TYR B 484 -9.59 -16.45 22.20
N ALA B 485 -10.81 -16.56 22.71
CA ALA B 485 -11.73 -17.68 22.37
C ALA B 485 -12.59 -17.31 21.16
N ASN B 486 -13.39 -18.27 20.71
CA ASN B 486 -14.47 -18.09 19.70
C ASN B 486 -15.49 -19.16 20.02
N PRO B 487 -16.81 -18.97 19.74
CA PRO B 487 -17.79 -20.01 20.04
C PRO B 487 -17.41 -21.33 19.38
N PRO B 488 -17.45 -22.46 20.11
CA PRO B 488 -16.97 -23.74 19.60
C PRO B 488 -18.12 -24.41 18.81
N THR B 489 -18.52 -23.83 17.69
CA THR B 489 -19.68 -24.30 16.90
C THR B 489 -19.30 -25.56 16.12
N LEU B 490 -18.03 -25.96 16.07
CA LEU B 490 -17.67 -27.21 15.35
C LEU B 490 -18.27 -28.41 16.11
N PHE B 491 -18.60 -28.24 17.40
CA PHE B 491 -19.27 -29.29 18.22
C PHE B 491 -20.68 -29.60 17.67
N LEU B 492 -21.37 -28.63 17.08
CA LEU B 492 -22.76 -28.79 16.52
C LEU B 492 -22.73 -29.77 15.33
N VAL B 493 -21.69 -29.70 14.51
CA VAL B 493 -21.48 -30.65 13.39
C VAL B 493 -21.16 -32.03 13.97
N LEU B 494 -20.31 -32.11 15.01
CA LEU B 494 -19.99 -33.44 15.61
C LEU B 494 -21.28 -33.99 16.21
N ASP B 495 -22.20 -33.12 16.64
CA ASP B 495 -23.51 -33.56 17.20
C ASP B 495 -24.34 -34.29 16.14
N ASN B 496 -24.47 -33.72 14.96
CA ASN B 496 -25.18 -34.34 13.80
C ASN B 496 -24.48 -35.65 13.40
N PHE B 497 -23.16 -35.65 13.26
CA PHE B 497 -22.36 -36.86 12.92
C PHE B 497 -22.58 -37.96 13.97
N VAL B 498 -22.65 -37.67 15.27
CA VAL B 498 -22.93 -38.70 16.33
C VAL B 498 -24.33 -39.32 16.09
N GLU B 499 -25.39 -38.53 15.84
CA GLU B 499 -26.80 -39.01 15.59
C GLU B 499 -26.82 -40.01 14.42
N ARG B 500 -26.08 -39.70 13.35
CA ARG B 500 -25.97 -40.51 12.10
C ARG B 500 -25.28 -41.85 12.38
N LEU B 501 -24.21 -41.87 13.16
CA LEU B 501 -23.56 -43.16 13.54
C LEU B 501 -24.56 -44.07 14.29
N ARG B 502 -25.35 -43.53 15.23
CA ARG B 502 -26.46 -44.22 15.94
C ARG B 502 -27.32 -44.98 14.92
N LYS B 503 -27.76 -44.30 13.84
CA LYS B 503 -28.70 -44.83 12.81
C LYS B 503 -27.92 -45.47 11.64
N ASP B 518 -25.22 -43.46 -4.25
CA ASP B 518 -25.34 -43.65 -2.77
C ASP B 518 -24.29 -44.66 -2.26
N GLU B 519 -23.29 -45.05 -3.07
CA GLU B 519 -22.26 -46.11 -2.76
C GLU B 519 -20.85 -45.50 -2.85
N THR B 520 -20.69 -44.28 -2.33
CA THR B 520 -19.64 -43.28 -2.69
C THR B 520 -18.67 -43.06 -1.51
N LEU B 521 -17.52 -42.41 -1.74
CA LEU B 521 -16.50 -42.12 -0.68
C LEU B 521 -17.01 -41.06 0.30
N SER B 522 -17.98 -40.25 -0.12
CA SER B 522 -18.67 -39.19 0.66
C SER B 522 -19.15 -39.67 2.03
N THR B 523 -19.53 -40.93 2.15
CA THR B 523 -20.24 -41.48 3.35
C THR B 523 -19.46 -42.66 3.95
N ALA B 524 -18.24 -42.95 3.51
CA ALA B 524 -17.46 -44.13 3.95
C ALA B 524 -17.47 -44.22 5.49
N SER B 525 -17.50 -43.10 6.19
CA SER B 525 -17.27 -43.02 7.66
C SER B 525 -18.50 -43.47 8.44
N VAL B 526 -19.72 -43.30 7.87
CA VAL B 526 -21.02 -43.72 8.49
C VAL B 526 -21.42 -45.12 7.98
N ASP B 527 -21.15 -45.40 6.71
CA ASP B 527 -21.53 -46.68 6.06
C ASP B 527 -20.94 -47.84 6.86
N ASN B 528 -19.67 -47.75 7.24
CA ASN B 528 -19.04 -48.66 8.23
C ASN B 528 -18.77 -47.84 9.48
N PRO B 529 -19.67 -47.85 10.48
CA PRO B 529 -19.56 -46.95 11.63
C PRO B 529 -18.32 -47.23 12.50
N GLU B 530 -17.65 -48.37 12.31
CA GLU B 530 -16.34 -48.66 12.95
C GLU B 530 -15.31 -47.61 12.53
N VAL B 531 -15.34 -47.15 11.27
CA VAL B 531 -14.42 -46.14 10.71
C VAL B 531 -14.70 -44.79 11.40
N GLY B 532 -15.98 -44.40 11.42
CA GLY B 532 -16.44 -43.19 12.14
C GLY B 532 -16.06 -43.22 13.61
N LEU B 533 -16.29 -44.36 14.27
CA LEU B 533 -16.06 -44.53 15.73
C LEU B 533 -14.55 -44.37 16.04
N GLU B 534 -13.66 -44.84 15.17
CA GLU B 534 -12.20 -44.65 15.35
C GLU B 534 -11.87 -43.18 15.17
N TYR B 535 -12.41 -42.56 14.12
CA TYR B 535 -12.22 -41.11 13.87
C TYR B 535 -12.54 -40.33 15.14
N LEU B 536 -13.65 -40.64 15.82
CA LEU B 536 -14.00 -39.97 17.10
C LEU B 536 -12.98 -40.33 18.19
N ARG B 537 -12.42 -41.54 18.19
CA ARG B 537 -11.52 -42.02 19.28
C ARG B 537 -10.22 -41.19 19.21
N ARG B 538 -9.83 -40.79 18.00
CA ARG B 538 -8.59 -40.01 17.77
C ARG B 538 -8.79 -38.51 18.04
N LEU B 539 -9.99 -37.98 17.82
CA LEU B 539 -10.29 -36.53 17.99
C LEU B 539 -10.65 -36.20 19.45
N TYR B 540 -11.34 -37.11 20.17
CA TYR B 540 -11.89 -36.89 21.54
C TYR B 540 -10.86 -36.20 22.45
N PRO B 541 -9.59 -36.70 22.57
CA PRO B 541 -8.60 -36.06 23.44
C PRO B 541 -8.41 -34.55 23.21
N LEU B 542 -8.35 -34.13 21.93
CA LEU B 542 -8.30 -32.70 21.50
C LEU B 542 -9.57 -31.97 21.92
N LEU B 543 -10.76 -32.57 21.79
CA LEU B 543 -12.05 -31.95 22.22
C LEU B 543 -12.05 -31.79 23.75
N ARG B 544 -11.59 -32.82 24.49
CA ARG B 544 -11.40 -32.71 25.97
C ARG B 544 -10.45 -31.54 26.25
N ARG B 545 -9.34 -31.48 25.53
CA ARG B 545 -8.31 -30.43 25.75
C ARG B 545 -8.94 -29.04 25.54
N GLN B 546 -9.60 -28.82 24.40
CA GLN B 546 -10.28 -27.53 24.12
C GLN B 546 -11.27 -27.18 25.24
N PHE B 547 -11.98 -28.18 25.79
CA PHE B 547 -12.98 -27.97 26.86
C PHE B 547 -12.23 -27.50 28.10
N ASP B 548 -11.24 -28.29 28.52
CA ASP B 548 -10.37 -27.97 29.69
C ASP B 548 -9.85 -26.53 29.55
N TRP B 549 -9.46 -26.13 28.34
CA TRP B 549 -8.87 -24.81 27.97
C TRP B 549 -9.88 -23.68 28.16
N PHE B 550 -11.14 -23.88 27.79
CA PHE B 550 -12.19 -22.84 27.94
C PHE B 550 -12.38 -22.60 29.44
N ARG B 551 -12.38 -23.66 30.25
CA ARG B 551 -12.70 -23.56 31.69
C ARG B 551 -11.49 -22.97 32.45
N LYS B 552 -10.27 -23.25 31.97
CA LYS B 552 -9.03 -22.70 32.57
C LYS B 552 -8.90 -21.23 32.17
N THR B 553 -9.01 -20.88 30.88
CA THR B 553 -8.62 -19.53 30.34
C THR B 553 -9.82 -18.56 30.28
N GLN B 554 -11.07 -19.01 30.21
CA GLN B 554 -12.23 -18.06 30.11
C GLN B 554 -13.06 -18.15 31.39
N ALA B 555 -12.49 -18.72 32.44
CA ALA B 555 -13.07 -18.78 33.80
C ALA B 555 -13.63 -17.40 34.16
N GLY B 556 -14.79 -17.32 34.83
CA GLY B 556 -15.27 -16.12 35.56
C GLY B 556 -15.05 -16.22 37.06
N ASP B 557 -15.51 -15.27 37.87
CA ASP B 557 -15.17 -15.23 39.33
C ASP B 557 -16.45 -15.17 40.20
N ILE B 558 -16.70 -16.23 40.96
CA ILE B 558 -17.81 -16.32 41.95
C ILE B 558 -17.22 -15.99 43.34
N LYS B 559 -16.13 -16.68 43.72
CA LYS B 559 -15.63 -16.78 45.14
C LYS B 559 -15.22 -15.39 45.67
N SER B 560 -14.50 -14.58 44.90
CA SER B 560 -13.86 -13.35 45.42
C SER B 560 -14.84 -12.16 45.46
N TYR B 561 -16.16 -12.34 45.36
CA TYR B 561 -17.18 -11.26 45.52
C TYR B 561 -18.40 -11.77 46.31
N ASP B 562 -19.35 -10.86 46.61
CA ASP B 562 -20.61 -11.17 47.34
C ASP B 562 -21.57 -11.84 46.33
N ARG B 563 -21.34 -13.13 46.02
CA ARG B 563 -22.05 -13.86 44.93
C ARG B 563 -22.40 -15.27 45.38
N GLU B 564 -23.71 -15.55 45.50
CA GLU B 564 -24.31 -16.80 46.04
C GLU B 564 -24.82 -17.64 44.86
N ALA B 565 -24.30 -18.85 44.68
CA ALA B 565 -24.56 -19.74 43.53
C ALA B 565 -24.52 -21.21 43.94
N TYR B 566 -25.47 -21.99 43.43
CA TYR B 566 -25.49 -23.48 43.48
C TYR B 566 -24.10 -24.07 43.25
N SER B 567 -23.36 -23.51 42.28
CA SER B 567 -21.98 -23.92 41.96
C SER B 567 -21.05 -22.72 42.04
N THR B 568 -19.88 -22.97 42.61
CA THR B 568 -18.81 -21.98 42.85
C THR B 568 -17.77 -22.07 41.74
N LYS B 569 -17.89 -23.05 40.83
CA LYS B 569 -16.92 -23.30 39.71
C LYS B 569 -17.50 -22.73 38.41
N GLU B 570 -18.79 -22.95 38.11
CA GLU B 570 -19.41 -22.71 36.78
C GLU B 570 -19.79 -21.23 36.57
N ALA B 571 -18.86 -20.48 35.98
CA ALA B 571 -19.00 -19.04 35.66
C ALA B 571 -17.93 -18.68 34.63
N TYR B 572 -18.26 -17.86 33.64
CA TYR B 572 -17.41 -17.66 32.45
C TYR B 572 -17.50 -16.18 32.04
N ARG B 573 -16.35 -15.68 31.57
CA ARG B 573 -16.13 -14.30 31.04
C ARG B 573 -15.20 -14.39 29.83
N TRP B 574 -15.64 -13.82 28.71
CA TRP B 574 -14.85 -13.68 27.47
C TRP B 574 -13.64 -12.78 27.74
N ARG B 575 -12.43 -13.30 27.52
CA ARG B 575 -11.21 -12.48 27.36
C ARG B 575 -11.27 -11.73 26.02
N GLY B 576 -10.58 -10.60 25.92
CA GLY B 576 -10.27 -9.92 24.65
C GLY B 576 -11.13 -8.70 24.41
N ARG B 577 -11.87 -8.25 25.42
CA ARG B 577 -12.86 -7.19 25.15
C ARG B 577 -12.32 -5.83 25.55
N THR B 578 -12.94 -4.82 24.97
CA THR B 578 -12.56 -3.38 24.97
C THR B 578 -13.87 -2.61 25.23
N VAL B 579 -13.80 -1.29 25.34
CA VAL B 579 -14.88 -0.49 25.97
C VAL B 579 -16.17 -0.61 25.14
N SER B 580 -16.09 -0.90 23.85
CA SER B 580 -17.26 -0.85 22.93
C SER B 580 -17.54 -2.17 22.22
N HIS B 581 -16.80 -3.25 22.51
CA HIS B 581 -16.69 -4.46 21.66
C HIS B 581 -16.43 -5.75 22.47
N CYS B 582 -16.81 -6.88 21.86
CA CYS B 582 -16.43 -8.24 22.28
C CYS B 582 -16.29 -9.15 21.06
N LEU B 583 -15.13 -9.07 20.40
CA LEU B 583 -14.85 -9.66 19.06
C LEU B 583 -14.68 -11.18 19.17
N THR B 584 -14.28 -11.68 20.33
CA THR B 584 -14.09 -13.12 20.61
C THR B 584 -15.45 -13.82 20.72
N SER B 585 -16.50 -13.09 21.12
CA SER B 585 -17.87 -13.62 21.32
C SER B 585 -18.56 -13.85 19.97
N GLY B 586 -18.17 -13.10 18.93
CA GLY B 586 -18.74 -13.15 17.58
C GLY B 586 -19.85 -12.14 17.32
N LEU B 587 -20.38 -11.51 18.36
CA LEU B 587 -21.40 -10.45 18.21
C LEU B 587 -20.72 -9.11 18.52
N ASP B 588 -19.94 -8.63 17.54
CA ASP B 588 -18.82 -7.66 17.68
C ASP B 588 -19.22 -6.57 18.68
N ASP B 589 -20.28 -5.79 18.38
CA ASP B 589 -20.68 -4.57 19.12
C ASP B 589 -22.02 -4.77 19.85
N TYR B 590 -22.42 -6.02 20.08
CA TYR B 590 -23.60 -6.28 20.93
C TYR B 590 -23.30 -5.62 22.29
N PRO B 591 -24.24 -4.81 22.80
CA PRO B 591 -24.08 -4.13 24.09
C PRO B 591 -23.76 -5.09 25.25
N ARG B 592 -22.70 -4.79 26.00
CA ARG B 592 -22.16 -5.59 27.13
C ARG B 592 -22.11 -4.68 28.36
N PRO B 593 -21.76 -5.18 29.57
CA PRO B 593 -21.61 -4.31 30.74
C PRO B 593 -20.68 -3.10 30.52
N GLN B 594 -21.05 -1.93 31.08
CA GLN B 594 -20.24 -0.69 31.12
C GLN B 594 -19.88 -0.33 32.57
N PRO B 595 -18.58 -0.25 32.92
CA PRO B 595 -17.53 -0.47 31.94
C PRO B 595 -17.28 -1.97 31.87
N PRO B 596 -16.34 -2.40 31.00
CA PRO B 596 -15.72 -3.71 31.17
C PRO B 596 -15.15 -3.82 32.60
N HIS B 597 -15.12 -5.05 33.13
CA HIS B 597 -14.78 -5.36 34.54
C HIS B 597 -14.37 -6.83 34.60
N PRO B 598 -13.34 -7.22 35.40
CA PRO B 598 -13.00 -8.64 35.58
C PRO B 598 -14.07 -9.45 36.33
N GLY B 599 -15.11 -8.79 36.86
CA GLY B 599 -16.28 -9.41 37.52
C GLY B 599 -17.46 -9.62 36.59
N GLU B 600 -17.33 -9.21 35.34
CA GLU B 600 -18.28 -9.57 34.23
C GLU B 600 -18.49 -11.08 34.21
N LEU B 601 -19.70 -11.50 33.80
CA LEU B 601 -20.02 -12.88 33.37
C LEU B 601 -20.93 -12.81 32.14
N HIS B 602 -20.55 -13.54 31.08
CA HIS B 602 -21.33 -13.61 29.80
C HIS B 602 -22.12 -14.92 29.74
N VAL B 603 -23.44 -14.80 29.58
CA VAL B 603 -24.45 -15.89 29.49
C VAL B 603 -24.26 -16.68 28.18
N ASP B 604 -23.83 -16.04 27.09
CA ASP B 604 -23.60 -16.73 25.80
C ASP B 604 -22.40 -17.68 25.91
N LEU B 605 -21.31 -17.25 26.57
CA LEU B 605 -20.13 -18.12 26.79
C LEU B 605 -20.56 -19.29 27.69
N MET B 606 -21.35 -19.04 28.74
CA MET B 606 -21.77 -20.14 29.65
C MET B 606 -22.58 -21.15 28.84
N SER B 607 -23.46 -20.66 27.96
CA SER B 607 -24.24 -21.49 27.02
C SER B 607 -23.33 -22.35 26.13
N TRP B 608 -22.24 -21.83 25.54
CA TRP B 608 -21.32 -22.62 24.65
C TRP B 608 -20.59 -23.70 25.44
N VAL B 609 -20.28 -23.47 26.71
CA VAL B 609 -19.67 -24.54 27.56
C VAL B 609 -20.72 -25.65 27.75
N GLY B 610 -21.98 -25.25 28.01
CA GLY B 610 -23.15 -26.15 27.93
C GLY B 610 -23.10 -27.01 26.67
N VAL B 611 -22.98 -26.37 25.51
CA VAL B 611 -23.01 -27.06 24.20
C VAL B 611 -21.88 -28.09 24.19
N MET B 612 -20.68 -27.71 24.61
CA MET B 612 -19.51 -28.62 24.57
C MET B 612 -19.79 -29.85 25.43
N VAL B 613 -20.33 -29.64 26.64
CA VAL B 613 -20.40 -30.71 27.67
C VAL B 613 -21.46 -31.72 27.25
N LYS B 614 -22.55 -31.28 26.62
CA LYS B 614 -23.56 -32.20 26.02
C LYS B 614 -22.92 -33.03 24.90
N SER B 615 -22.12 -32.42 24.00
CA SER B 615 -21.41 -33.18 22.94
C SER B 615 -20.45 -34.22 23.53
N LEU B 616 -19.68 -33.86 24.57
CA LEU B 616 -18.66 -34.76 25.15
C LEU B 616 -19.33 -35.92 25.88
N ILE B 617 -20.55 -35.72 26.42
CA ILE B 617 -21.40 -36.80 27.02
C ILE B 617 -21.76 -37.81 25.91
N SER B 618 -22.38 -37.34 24.82
CA SER B 618 -22.61 -38.14 23.58
C SER B 618 -21.35 -38.96 23.26
N ILE B 619 -20.24 -38.28 22.97
CA ILE B 619 -19.06 -38.90 22.31
C ILE B 619 -18.35 -39.81 23.31
N GLY B 620 -18.15 -39.33 24.54
CA GLY B 620 -17.55 -40.12 25.63
C GLY B 620 -18.34 -41.40 25.90
N SER B 621 -19.66 -41.27 26.06
CA SER B 621 -20.59 -42.42 26.23
C SER B 621 -20.33 -43.45 25.13
N LEU B 622 -20.31 -43.02 23.87
CA LEU B 622 -20.09 -43.84 22.66
C LEU B 622 -18.72 -44.54 22.67
N LEU B 623 -17.74 -44.01 23.40
CA LEU B 623 -16.34 -44.53 23.41
C LEU B 623 -16.08 -45.31 24.70
N GLY B 624 -17.04 -45.27 25.64
CA GLY B 624 -16.95 -45.96 26.96
C GLY B 624 -16.03 -45.24 27.94
N ALA B 625 -15.83 -43.94 27.75
CA ALA B 625 -15.23 -43.01 28.73
C ALA B 625 -16.16 -42.82 29.94
N THR B 626 -16.37 -43.86 30.75
CA THR B 626 -17.42 -43.87 31.80
C THR B 626 -16.98 -42.90 32.90
N GLU B 627 -15.68 -42.86 33.20
CA GLU B 627 -15.03 -41.96 34.20
C GLU B 627 -15.20 -40.47 33.82
N ASP B 628 -15.08 -40.17 32.52
CA ASP B 628 -15.27 -38.80 31.98
C ASP B 628 -16.76 -38.40 32.10
N VAL B 629 -17.69 -39.27 31.69
CA VAL B 629 -19.14 -38.97 31.62
C VAL B 629 -19.66 -38.67 33.04
N GLU B 630 -19.08 -39.27 34.09
CA GLU B 630 -19.45 -38.95 35.50
C GLU B 630 -19.12 -37.47 35.75
N PHE B 631 -17.98 -37.00 35.25
CA PHE B 631 -17.48 -35.61 35.43
C PHE B 631 -18.31 -34.63 34.57
N TYR B 632 -18.61 -34.95 33.30
CA TYR B 632 -19.34 -34.05 32.36
C TYR B 632 -20.75 -33.78 32.91
N THR B 633 -21.38 -34.83 33.42
CA THR B 633 -22.72 -34.80 34.07
C THR B 633 -22.73 -33.86 35.28
N LYS B 634 -21.69 -33.88 36.12
CA LYS B 634 -21.56 -32.97 37.29
C LYS B 634 -21.56 -31.52 36.77
N VAL B 635 -20.78 -31.25 35.71
CA VAL B 635 -20.54 -29.89 35.14
C VAL B 635 -21.85 -29.38 34.53
N LEU B 636 -22.58 -30.24 33.81
CA LEU B 636 -23.83 -29.87 33.11
C LEU B 636 -24.90 -29.48 34.14
N ASP B 637 -25.15 -30.33 35.12
CA ASP B 637 -26.08 -30.04 36.25
C ASP B 637 -25.78 -28.62 36.77
N ALA B 638 -24.48 -28.32 36.95
CA ALA B 638 -23.98 -27.08 37.58
C ALA B 638 -24.26 -25.87 36.68
N ILE B 639 -24.12 -26.03 35.36
CA ILE B 639 -24.32 -24.93 34.38
C ILE B 639 -25.81 -24.55 34.36
N GLU B 640 -26.68 -25.57 34.34
CA GLU B 640 -28.16 -25.42 34.29
C GLU B 640 -28.60 -24.66 35.53
N HIS B 641 -28.09 -25.04 36.70
CA HIS B 641 -28.42 -24.31 37.95
C HIS B 641 -27.83 -22.88 37.87
N ASN B 642 -26.57 -22.74 37.44
CA ASN B 642 -25.82 -21.45 37.53
C ASN B 642 -26.38 -20.44 36.52
N LEU B 643 -26.88 -20.87 35.36
CA LEU B 643 -27.55 -19.98 34.36
C LEU B 643 -28.68 -19.24 35.05
N ASP B 644 -29.51 -19.96 35.83
CA ASP B 644 -30.66 -19.38 36.57
C ASP B 644 -30.10 -18.50 37.70
N ASP B 645 -29.17 -19.04 38.48
CA ASP B 645 -28.59 -18.36 39.68
C ASP B 645 -28.00 -17.00 39.23
N LEU B 646 -27.05 -17.01 38.28
CA LEU B 646 -26.18 -15.85 37.93
C LEU B 646 -26.67 -15.02 36.75
N HIS B 647 -27.61 -15.49 35.91
CA HIS B 647 -28.01 -14.75 34.69
C HIS B 647 -29.51 -14.55 34.49
N TRP B 648 -30.39 -15.11 35.33
CA TRP B 648 -31.86 -15.00 35.07
C TRP B 648 -32.43 -13.76 35.73
N SER B 649 -33.03 -12.88 34.92
CA SER B 649 -33.74 -11.65 35.37
C SER B 649 -35.23 -11.94 35.45
N GLU B 650 -35.72 -12.24 36.65
CA GLU B 650 -37.18 -12.34 36.94
C GLU B 650 -37.84 -11.02 36.54
N LYS B 651 -37.21 -9.86 36.79
CA LYS B 651 -37.80 -8.55 36.40
C LYS B 651 -38.11 -8.52 34.89
N GLU B 652 -37.09 -8.69 34.02
CA GLU B 652 -37.15 -8.42 32.55
C GLU B 652 -37.60 -9.67 31.76
N GLY B 653 -37.81 -10.79 32.44
CA GLY B 653 -38.17 -12.09 31.83
C GLY B 653 -37.21 -12.50 30.71
N CYS B 654 -35.92 -12.63 31.00
CA CYS B 654 -34.91 -13.16 30.05
C CYS B 654 -33.54 -13.29 30.73
N TYR B 655 -32.56 -13.87 30.02
CA TYR B 655 -31.16 -14.04 30.47
C TYR B 655 -30.36 -12.75 30.18
N CYS B 656 -29.42 -12.44 31.08
CA CYS B 656 -28.65 -11.17 31.15
C CYS B 656 -27.18 -11.52 31.45
N ASP B 657 -26.26 -10.75 30.86
CA ASP B 657 -24.85 -10.68 31.32
C ASP B 657 -24.87 -10.12 32.76
N ALA B 658 -23.78 -10.30 33.50
CA ALA B 658 -23.65 -9.77 34.88
C ALA B 658 -22.33 -8.98 34.98
N THR B 659 -22.27 -7.98 35.88
CA THR B 659 -21.02 -7.29 36.29
C THR B 659 -20.89 -7.37 37.82
N ILE B 660 -19.81 -6.76 38.31
CA ILE B 660 -19.71 -6.11 39.65
C ILE B 660 -19.82 -4.58 39.43
N ASP B 661 -20.81 -3.93 40.06
CA ASP B 661 -21.02 -2.47 39.89
C ASP B 661 -20.01 -1.74 40.80
N GLU B 662 -20.03 -0.42 40.76
CA GLU B 662 -19.07 0.43 41.52
C GLU B 662 -19.25 0.24 43.03
N PHE B 663 -20.39 -0.25 43.52
CA PHE B 663 -20.66 -0.47 44.96
C PHE B 663 -20.31 -1.91 45.36
N GLU B 664 -19.52 -2.61 44.51
CA GLU B 664 -18.98 -4.01 44.69
C GLU B 664 -20.10 -5.08 44.71
N GLU B 665 -21.27 -4.79 44.12
CA GLU B 665 -22.46 -5.70 44.09
C GLU B 665 -22.57 -6.38 42.71
N HIS B 666 -22.88 -7.69 42.70
CA HIS B 666 -23.36 -8.48 41.52
C HIS B 666 -24.56 -7.78 40.86
N LYS B 667 -24.43 -7.38 39.58
CA LYS B 667 -25.47 -6.66 38.81
C LYS B 667 -25.83 -7.46 37.56
N LEU B 668 -27.08 -7.34 37.12
CA LEU B 668 -27.59 -7.87 35.84
C LEU B 668 -27.63 -6.73 34.82
N VAL B 669 -27.10 -6.93 33.64
CA VAL B 669 -27.20 -5.94 32.53
C VAL B 669 -28.03 -6.58 31.42
N CYS B 670 -29.25 -6.08 31.22
CA CYS B 670 -30.23 -6.68 30.29
C CYS B 670 -30.34 -5.82 29.03
N HIS B 671 -29.90 -6.39 27.92
CA HIS B 671 -30.14 -5.82 26.58
C HIS B 671 -30.89 -6.87 25.75
N LYS B 672 -32.22 -6.77 25.73
CA LYS B 672 -33.11 -7.72 25.04
C LYS B 672 -32.67 -7.83 23.57
N GLY B 673 -32.16 -9.01 23.21
CA GLY B 673 -31.64 -9.34 21.88
C GLY B 673 -31.15 -10.78 21.81
N TYR B 674 -30.33 -11.11 20.80
CA TYR B 674 -29.76 -12.47 20.61
C TYR B 674 -29.20 -12.98 21.95
N ILE B 675 -28.41 -12.18 22.66
CA ILE B 675 -27.70 -12.63 23.88
C ILE B 675 -28.73 -13.12 24.91
N SER B 676 -29.89 -12.48 24.97
CA SER B 676 -30.92 -12.71 26.01
C SER B 676 -31.54 -14.10 25.88
N LEU B 677 -31.45 -14.71 24.69
CA LEU B 677 -32.09 -16.01 24.38
C LEU B 677 -31.07 -17.15 24.36
N PHE B 678 -29.80 -16.92 24.70
CA PHE B 678 -28.72 -17.88 24.36
C PHE B 678 -28.99 -19.29 24.91
N PRO B 679 -29.35 -19.47 26.20
CA PRO B 679 -29.56 -20.82 26.72
C PRO B 679 -30.67 -21.57 25.95
N PHE B 680 -31.58 -20.84 25.29
CA PHE B 680 -32.63 -21.38 24.39
C PHE B 680 -32.00 -21.77 23.04
N LEU B 681 -31.24 -20.85 22.42
CA LEU B 681 -30.63 -21.06 21.08
C LEU B 681 -29.69 -22.28 21.10
N THR B 682 -29.04 -22.54 22.23
CA THR B 682 -28.01 -23.61 22.35
C THR B 682 -28.63 -24.90 22.86
N GLY B 683 -29.91 -24.87 23.21
CA GLY B 683 -30.74 -26.06 23.49
C GLY B 683 -30.49 -26.60 24.89
N LEU B 684 -30.43 -25.72 25.89
CA LEU B 684 -30.10 -26.11 27.29
C LEU B 684 -31.38 -26.12 28.15
N LEU B 685 -32.51 -25.64 27.64
CA LEU B 685 -33.80 -25.51 28.39
C LEU B 685 -34.70 -26.70 28.09
N LYS B 686 -35.29 -27.31 29.12
CA LYS B 686 -36.27 -28.43 29.03
C LYS B 686 -37.59 -27.81 28.53
N PRO B 687 -38.44 -28.57 27.80
CA PRO B 687 -39.69 -28.03 27.22
C PRO B 687 -40.80 -27.61 28.20
N ASP B 688 -40.60 -27.83 29.49
CA ASP B 688 -41.52 -27.45 30.60
C ASP B 688 -40.94 -26.30 31.44
N SER B 689 -39.81 -25.71 31.03
CA SER B 689 -39.17 -24.57 31.77
C SER B 689 -40.07 -23.35 31.67
N PRO B 690 -40.53 -22.81 32.82
CA PRO B 690 -41.35 -21.60 32.76
C PRO B 690 -40.49 -20.47 32.17
N LYS B 691 -39.16 -20.57 32.29
CA LYS B 691 -38.17 -19.64 31.65
C LYS B 691 -38.24 -19.74 30.12
N LEU B 692 -38.42 -20.94 29.56
CA LEU B 692 -38.52 -21.11 28.08
C LEU B 692 -39.75 -20.35 27.56
N GLY B 693 -40.87 -20.37 28.29
CA GLY B 693 -42.14 -19.69 27.90
C GLY B 693 -41.97 -18.17 27.84
N LYS B 694 -41.27 -17.59 28.81
CA LYS B 694 -40.98 -16.13 28.83
C LYS B 694 -40.16 -15.77 27.57
N LEU B 695 -39.16 -16.57 27.20
CA LEU B 695 -38.32 -16.28 26.01
C LEU B 695 -39.13 -16.33 24.70
N LEU B 696 -40.06 -17.27 24.57
CA LEU B 696 -40.90 -17.39 23.35
C LEU B 696 -41.78 -16.14 23.24
N ALA B 697 -42.36 -15.68 24.35
CA ALA B 697 -43.20 -14.47 24.41
C ALA B 697 -42.41 -13.29 23.84
N LEU B 698 -41.14 -13.19 24.26
CA LEU B 698 -40.21 -12.11 23.84
C LEU B 698 -39.93 -12.27 22.35
N ILE B 699 -39.59 -13.49 21.95
CA ILE B 699 -39.24 -13.86 20.55
C ILE B 699 -40.36 -13.38 19.61
N GLY B 700 -41.62 -13.50 20.08
CA GLY B 700 -42.83 -13.35 19.25
C GLY B 700 -43.37 -11.94 19.27
N ASP B 701 -42.65 -11.03 19.96
CA ASP B 701 -43.04 -9.61 20.24
C ASP B 701 -42.60 -8.70 19.08
N GLU B 702 -43.55 -8.23 18.26
CA GLU B 702 -43.38 -7.29 17.12
C GLU B 702 -42.79 -5.97 17.62
N SER B 703 -42.93 -5.65 18.90
CA SER B 703 -42.47 -4.37 19.51
C SER B 703 -41.03 -4.50 20.00
N GLU B 704 -40.54 -5.74 20.12
CA GLU B 704 -39.18 -6.07 20.61
C GLU B 704 -38.37 -6.68 19.46
N LEU B 705 -38.47 -8.00 19.26
CA LEU B 705 -37.51 -8.83 18.48
C LEU B 705 -38.10 -9.24 17.13
N TRP B 706 -39.43 -9.42 17.05
CA TRP B 706 -40.13 -10.04 15.91
C TRP B 706 -40.32 -9.02 14.78
N SER B 707 -39.60 -9.19 13.68
CA SER B 707 -39.75 -8.35 12.47
C SER B 707 -40.36 -9.19 11.36
N PRO B 708 -41.01 -8.55 10.36
CA PRO B 708 -41.51 -9.26 9.18
C PRO B 708 -40.43 -10.09 8.48
N TYR B 709 -39.14 -9.80 8.74
CA TYR B 709 -37.97 -10.30 7.97
C TYR B 709 -37.09 -11.19 8.84
N GLY B 710 -37.45 -11.39 10.11
CA GLY B 710 -36.76 -12.30 11.02
C GLY B 710 -36.45 -11.66 12.36
N LEU B 711 -35.75 -12.38 13.23
CA LEU B 711 -35.47 -11.92 14.61
C LEU B 711 -34.44 -10.79 14.54
N ARG B 712 -34.75 -9.67 15.17
CA ARG B 712 -33.84 -8.51 15.31
C ARG B 712 -32.75 -8.88 16.31
N SER B 713 -31.50 -8.51 16.02
CA SER B 713 -30.31 -8.82 16.84
C SER B 713 -30.45 -8.14 18.20
N LEU B 714 -31.08 -6.96 18.23
CA LEU B 714 -31.32 -6.15 19.46
C LEU B 714 -32.75 -5.59 19.40
N SER B 715 -33.37 -5.42 20.57
CA SER B 715 -34.79 -5.01 20.73
C SER B 715 -35.00 -3.56 20.25
N LYS B 716 -36.11 -3.27 19.58
CA LYS B 716 -36.50 -1.90 19.12
C LYS B 716 -36.51 -0.94 20.31
N LYS B 717 -36.79 -1.47 21.51
CA LYS B 717 -36.96 -0.72 22.80
C LYS B 717 -35.63 -0.56 23.56
N ASP B 718 -34.53 -1.22 23.16
CA ASP B 718 -33.22 -1.09 23.84
C ASP B 718 -32.66 0.29 23.53
N GLU B 719 -31.96 0.88 24.49
CA GLU B 719 -31.34 2.22 24.30
C GLU B 719 -30.34 2.16 23.14
N PHE B 720 -29.63 1.03 22.96
CA PHE B 720 -28.54 0.91 21.96
C PHE B 720 -29.05 0.50 20.58
N TYR B 721 -30.37 0.45 20.36
CA TYR B 721 -30.99 0.13 19.04
C TYR B 721 -30.51 1.13 17.97
N GLY B 722 -30.04 0.62 16.83
CA GLY B 722 -29.60 1.42 15.67
C GLY B 722 -28.35 2.26 15.92
N THR B 723 -27.76 2.26 17.13
CA THR B 723 -26.63 3.17 17.51
C THR B 723 -25.32 2.67 16.90
N ALA B 724 -24.32 3.53 16.81
CA ALA B 724 -22.89 3.24 16.49
C ALA B 724 -22.75 2.64 15.09
N GLU B 725 -21.85 1.67 14.93
CA GLU B 725 -21.66 0.95 13.65
C GLU B 725 -22.93 0.16 13.33
N ASN B 726 -23.80 -0.10 14.32
CA ASN B 726 -25.11 -0.80 14.18
C ASN B 726 -24.90 -2.15 13.46
N TYR B 727 -23.93 -2.93 13.92
CA TYR B 727 -23.55 -4.22 13.29
C TYR B 727 -24.41 -5.34 13.87
N TRP B 728 -24.52 -5.45 15.20
CA TRP B 728 -25.35 -6.48 15.90
C TRP B 728 -26.34 -5.79 16.83
N ARG B 729 -26.79 -4.59 16.45
CA ARG B 729 -27.61 -3.71 17.32
C ARG B 729 -28.97 -3.43 16.69
N SER B 730 -29.48 -4.32 15.81
CA SER B 730 -30.81 -4.22 15.15
C SER B 730 -31.01 -5.28 14.06
N PRO B 731 -30.06 -5.45 13.10
CA PRO B 731 -30.34 -6.24 11.90
C PRO B 731 -30.40 -7.77 12.08
N VAL B 732 -30.97 -8.39 11.05
CA VAL B 732 -31.30 -9.84 11.04
C VAL B 732 -30.05 -10.59 10.59
N TRP B 733 -29.57 -11.50 11.43
CA TRP B 733 -28.46 -12.43 11.09
C TRP B 733 -29.00 -13.84 10.93
N ILE B 734 -28.67 -14.51 9.83
CA ILE B 734 -29.23 -15.83 9.39
C ILE B 734 -28.74 -16.95 10.33
N ASN B 735 -27.52 -16.85 10.87
CA ASN B 735 -26.94 -17.95 11.68
C ASN B 735 -27.65 -18.04 13.04
N ILE B 736 -27.99 -16.91 13.66
CA ILE B 736 -28.65 -16.91 14.99
C ILE B 736 -30.16 -17.16 14.78
N ASN B 737 -30.69 -16.73 13.64
CA ASN B 737 -32.10 -17.04 13.28
C ASN B 737 -32.22 -18.54 13.02
N TYR B 738 -31.17 -19.16 12.45
CA TYR B 738 -31.11 -20.62 12.17
C TYR B 738 -31.16 -21.40 13.49
N LEU B 739 -30.39 -21.00 14.50
CA LEU B 739 -30.40 -21.69 15.84
C LEU B 739 -31.82 -21.61 16.43
N ALA B 740 -32.52 -20.48 16.21
CA ALA B 740 -33.86 -20.21 16.77
C ALA B 740 -34.86 -21.11 16.07
N ILE B 741 -34.77 -21.22 14.74
CA ILE B 741 -35.69 -22.05 13.92
C ILE B 741 -35.54 -23.51 14.38
N VAL B 742 -34.30 -23.99 14.55
CA VAL B 742 -33.98 -25.40 14.92
C VAL B 742 -34.59 -25.70 16.31
N GLN B 743 -34.41 -24.80 17.27
CA GLN B 743 -34.88 -25.02 18.67
C GLN B 743 -36.41 -24.80 18.78
N LEU B 744 -36.99 -23.90 17.97
CA LEU B 744 -38.47 -23.79 17.90
C LEU B 744 -39.03 -25.14 17.40
N TYR B 745 -38.38 -25.76 16.41
CA TYR B 745 -38.77 -27.07 15.80
C TYR B 745 -38.71 -28.18 16.86
N ASN B 746 -37.73 -28.12 17.76
CA ASN B 746 -37.50 -29.15 18.81
C ASN B 746 -38.64 -29.10 19.84
N ILE B 747 -39.12 -27.91 20.19
CA ILE B 747 -40.24 -27.74 21.17
C ILE B 747 -41.57 -28.11 20.50
N ALA B 748 -41.77 -27.69 19.25
CA ALA B 748 -42.98 -27.96 18.43
C ALA B 748 -43.24 -29.47 18.30
N THR B 749 -42.26 -30.33 18.55
CA THR B 749 -42.36 -31.79 18.25
C THR B 749 -42.17 -32.61 19.53
N GLN B 750 -42.56 -32.10 20.70
CA GLN B 750 -42.65 -32.93 21.93
C GLN B 750 -43.74 -32.33 22.84
N ASP B 751 -44.14 -33.10 23.85
CA ASP B 751 -45.28 -32.79 24.74
C ASP B 751 -44.86 -31.72 25.74
N GLY B 752 -45.64 -30.64 25.81
CA GLY B 752 -45.56 -29.64 26.89
C GLY B 752 -46.47 -28.44 26.62
N PRO B 753 -46.46 -27.43 27.51
CA PRO B 753 -47.35 -26.29 27.36
C PRO B 753 -47.01 -25.32 26.22
N TYR B 754 -45.80 -25.36 25.63
CA TYR B 754 -45.36 -24.38 24.60
C TYR B 754 -45.22 -25.06 23.23
N LYS B 755 -45.58 -26.35 23.13
CA LYS B 755 -45.57 -27.08 21.83
C LYS B 755 -46.28 -26.23 20.76
N GLU B 756 -47.53 -25.80 20.99
CA GLU B 756 -48.37 -25.08 20.00
C GLU B 756 -47.71 -23.75 19.68
N THR B 757 -47.28 -23.02 20.71
CA THR B 757 -46.62 -21.70 20.58
C THR B 757 -45.41 -21.84 19.66
N ALA B 758 -44.59 -22.87 19.90
CA ALA B 758 -43.37 -23.20 19.13
C ALA B 758 -43.73 -23.53 17.68
N ARG B 759 -44.79 -24.32 17.45
CA ARG B 759 -45.20 -24.74 16.07
C ARG B 759 -45.52 -23.47 15.27
N ASP B 760 -46.38 -22.62 15.83
CA ASP B 760 -46.83 -21.38 15.17
C ASP B 760 -45.59 -20.55 14.80
N LEU B 761 -44.71 -20.32 15.78
CA LEU B 761 -43.47 -19.51 15.64
C LEU B 761 -42.49 -20.13 14.62
N TYR B 762 -42.17 -21.42 14.74
CA TYR B 762 -41.30 -22.12 13.76
C TYR B 762 -41.82 -21.79 12.37
N THR B 763 -43.13 -21.98 12.17
CA THR B 763 -43.76 -21.89 10.83
C THR B 763 -43.52 -20.49 10.28
N ARG B 764 -43.80 -19.45 11.06
CA ARG B 764 -43.87 -18.06 10.54
C ARG B 764 -42.45 -17.55 10.33
N LEU B 765 -41.49 -17.97 11.17
CA LEU B 765 -40.09 -17.45 11.11
C LEU B 765 -39.34 -18.12 9.95
N ARG B 766 -39.49 -19.44 9.79
CA ARG B 766 -39.06 -20.15 8.57
C ARG B 766 -39.50 -19.34 7.35
N LYS B 767 -40.81 -19.12 7.16
CA LYS B 767 -41.42 -18.42 5.98
C LYS B 767 -40.77 -17.03 5.83
N ASN B 768 -40.71 -16.28 6.93
CA ASN B 768 -40.13 -14.91 6.97
C ASN B 768 -38.68 -14.95 6.46
N ILE B 769 -37.79 -15.76 7.06
CA ILE B 769 -36.32 -15.79 6.78
C ILE B 769 -36.07 -16.23 5.34
N VAL B 770 -36.58 -17.40 4.98
CA VAL B 770 -36.42 -17.95 3.60
C VAL B 770 -36.82 -16.87 2.59
N GLU B 771 -37.94 -16.18 2.84
CA GLU B 771 -38.53 -15.18 1.90
C GLU B 771 -37.53 -14.02 1.73
N THR B 772 -37.01 -13.49 2.83
CA THR B 772 -36.22 -12.24 2.76
C THR B 772 -34.89 -12.54 2.05
N VAL B 773 -34.30 -13.71 2.27
CA VAL B 773 -33.02 -14.09 1.59
C VAL B 773 -33.30 -14.36 0.10
N TYR B 774 -34.40 -15.03 -0.24
CA TYR B 774 -34.84 -15.29 -1.63
C TYR B 774 -35.19 -13.96 -2.34
N ARG B 775 -36.03 -13.10 -1.76
CA ARG B 775 -36.54 -11.86 -2.42
C ARG B 775 -35.35 -10.98 -2.84
N ASN B 776 -34.28 -10.92 -2.03
CA ASN B 776 -33.03 -10.17 -2.29
C ASN B 776 -32.18 -10.87 -3.36
N TRP B 777 -32.10 -12.20 -3.32
CA TRP B 777 -31.23 -12.96 -4.26
C TRP B 777 -31.77 -12.78 -5.68
N GLU B 778 -33.10 -12.64 -5.83
CA GLU B 778 -33.78 -12.41 -7.14
C GLU B 778 -33.41 -10.99 -7.60
N GLU B 779 -33.61 -9.99 -6.74
CA GLU B 779 -33.36 -8.56 -7.07
C GLU B 779 -31.87 -8.36 -7.35
N THR B 780 -31.00 -8.72 -6.41
CA THR B 780 -29.58 -8.26 -6.35
C THR B 780 -28.61 -9.34 -6.82
N GLY B 781 -29.04 -10.61 -6.82
CA GLY B 781 -28.21 -11.74 -7.24
C GLY B 781 -27.27 -12.24 -6.15
N PHE B 782 -27.35 -11.66 -4.94
CA PHE B 782 -26.38 -11.88 -3.83
C PHE B 782 -27.06 -12.46 -2.58
N ALA B 783 -26.28 -13.28 -1.88
CA ALA B 783 -26.42 -13.53 -0.43
C ALA B 783 -25.72 -12.39 0.31
N TRP B 784 -26.34 -11.86 1.36
CA TRP B 784 -25.73 -10.79 2.18
C TRP B 784 -25.36 -11.32 3.56
N GLU B 785 -24.53 -10.57 4.28
CA GLU B 785 -24.07 -10.83 5.67
C GLU B 785 -25.28 -10.81 6.63
N GLN B 786 -26.15 -9.82 6.46
CA GLN B 786 -27.20 -9.40 7.41
C GLN B 786 -28.29 -8.66 6.62
N TYR B 787 -29.49 -8.55 7.17
CA TYR B 787 -30.68 -8.01 6.47
C TYR B 787 -31.29 -6.92 7.35
N ASN B 788 -31.76 -5.85 6.71
CA ASN B 788 -32.44 -4.71 7.40
C ASN B 788 -33.77 -5.20 7.94
N PRO B 789 -34.13 -4.93 9.21
CA PRO B 789 -35.41 -5.38 9.76
C PRO B 789 -36.60 -4.44 9.55
N GLU B 790 -36.40 -3.31 8.85
CA GLU B 790 -37.47 -2.34 8.50
C GLU B 790 -37.90 -2.51 7.03
N THR B 791 -36.94 -2.74 6.12
CA THR B 791 -37.16 -2.89 4.65
C THR B 791 -37.07 -4.36 4.24
N GLY B 792 -36.19 -5.13 4.87
CA GLY B 792 -35.78 -6.50 4.48
C GLY B 792 -34.59 -6.50 3.52
N LYS B 793 -33.96 -5.36 3.25
CA LYS B 793 -32.91 -5.23 2.19
C LYS B 793 -31.56 -5.71 2.76
N GLY B 794 -30.84 -6.54 1.98
CA GLY B 794 -29.48 -7.01 2.31
C GLY B 794 -28.53 -5.84 2.51
N GLN B 795 -27.79 -5.82 3.62
CA GLN B 795 -26.81 -4.77 4.00
C GLN B 795 -25.42 -5.35 4.23
N ARG B 796 -24.42 -4.49 4.37
CA ARG B 796 -23.00 -4.89 4.55
C ARG B 796 -22.58 -5.68 3.32
N THR B 797 -21.72 -6.68 3.49
CA THR B 797 -20.91 -7.26 2.38
C THR B 797 -21.80 -8.21 1.58
N GLN B 798 -21.53 -8.31 0.29
CA GLN B 798 -22.16 -9.28 -0.65
C GLN B 798 -21.33 -10.56 -0.63
N HIS B 799 -21.78 -11.56 -1.38
CA HIS B 799 -21.11 -12.88 -1.53
C HIS B 799 -20.89 -13.53 -0.17
N PHE B 800 -21.80 -13.35 0.78
CA PHE B 800 -21.62 -13.90 2.15
C PHE B 800 -22.12 -15.34 2.17
N THR B 801 -21.25 -16.27 1.77
CA THR B 801 -21.58 -17.72 1.76
C THR B 801 -20.43 -18.50 2.33
N GLY B 802 -20.24 -18.46 3.65
CA GLY B 802 -20.98 -17.57 4.53
C GLY B 802 -22.20 -18.25 5.10
N TRP B 803 -22.49 -18.02 6.38
CA TRP B 803 -23.53 -18.81 7.08
C TRP B 803 -24.91 -18.41 6.57
N THR B 804 -25.00 -17.43 5.67
CA THR B 804 -26.31 -17.05 5.08
C THR B 804 -26.82 -18.21 4.20
N SER B 805 -25.90 -19.05 3.71
CA SER B 805 -26.22 -20.25 2.90
C SER B 805 -26.91 -21.31 3.76
N LEU B 806 -27.11 -21.07 5.06
CA LEU B 806 -27.88 -21.98 5.98
C LEU B 806 -29.33 -22.05 5.53
N VAL B 807 -29.81 -21.11 4.73
CA VAL B 807 -31.22 -21.07 4.24
C VAL B 807 -31.60 -22.39 3.54
N VAL B 808 -30.64 -23.08 2.90
CA VAL B 808 -30.89 -24.38 2.20
C VAL B 808 -31.45 -25.40 3.21
N LYS B 809 -30.87 -25.45 4.41
CA LYS B 809 -31.31 -26.39 5.48
C LYS B 809 -32.64 -25.90 6.05
N ILE B 810 -32.88 -24.59 6.09
CA ILE B 810 -34.16 -24.05 6.64
C ILE B 810 -35.30 -24.47 5.71
N MET B 811 -35.03 -24.65 4.41
CA MET B 811 -36.06 -24.99 3.39
C MET B 811 -36.39 -26.49 3.40
N SER B 812 -35.57 -27.35 4.00
CA SER B 812 -35.59 -28.83 3.84
C SER B 812 -36.24 -29.53 5.05
N GLY B 813 -36.71 -28.74 6.03
CA GLY B 813 -37.31 -29.25 7.29
C GLY B 813 -36.25 -29.87 8.19
N HIS B 814 -36.64 -30.38 9.37
CA HIS B 814 -35.67 -30.91 10.38
C HIS B 814 -36.10 -32.33 10.77
N HIS B 816 -33.46 -32.81 11.35
CA HIS B 816 -32.80 -33.67 12.39
C HIS B 816 -33.50 -33.44 13.74
C1 GOL C . 0.78 9.76 34.25
O1 GOL C . 0.35 9.46 32.92
C2 GOL C . 2.20 9.28 34.50
O2 GOL C . 3.04 10.41 34.77
C3 GOL C . 2.79 8.47 33.37
O3 GOL C . 4.12 8.06 33.64
N1 UGO D . 21.83 13.37 2.19
N3 UGO D . 24.51 9.10 -7.09
C4 UGO D . 19.66 14.27 1.47
C5 UGO D . 22.18 13.10 1.04
C6 UGO D . 21.58 11.74 0.53
C7 UGO D . 22.19 11.17 -0.82
C8 UGO D . 21.74 9.69 -1.17
C10 UGO D . 23.65 9.23 -2.92
C13 UGO D . 26.74 10.31 -6.89
C15 UGO D . 28.97 11.44 -6.85
C17 UGO D . 31.16 12.37 -8.13
C20 UGO D . 26.34 10.59 -4.08
C21 UGO D . 22.55 12.69 3.25
C22 UGO D . 22.23 13.30 4.61
O1 UGO D . 20.68 14.12 6.21
C1 UGO D . 20.83 13.33 4.92
C2 UGO D . 20.07 14.01 3.91
O2 UGO D . 18.68 13.93 4.28
C3 UGO D . 20.32 13.42 2.45
O3 UGO D . 20.18 15.56 1.52
C9 UGO D . 22.13 9.27 -2.67
N2 UGO D . 24.00 9.35 -4.31
C11 UGO D . 25.31 9.92 -4.87
C12 UGO D . 25.52 9.78 -6.24
O4 UGO D . 24.14 7.75 -6.81
O5 UGO D . 23.99 9.80 -8.15
C14 UGO D . 27.73 10.94 -6.14
N4 UGO D . 29.77 12.31 -6.24
C16 UGO D . 30.89 12.80 -6.85
C18 UGO D . 30.28 11.43 -8.77
N5 UGO D . 29.22 11.01 -8.10
C19 UGO D . 27.53 11.08 -4.69
O6 UGO D . 22.90 12.54 5.71
S SO4 E . 5.20 4.89 -13.13
O1 SO4 E . 5.93 4.38 -12.01
O2 SO4 E . 6.07 5.65 -13.98
O3 SO4 E . 4.13 5.74 -12.62
O4 SO4 E . 4.69 3.81 -13.89
S SO4 F . 8.69 27.21 -44.11
O1 SO4 F . 8.69 27.15 -42.67
O2 SO4 F . 8.74 28.61 -44.52
O3 SO4 F . 7.48 26.62 -44.62
O4 SO4 F . 9.82 26.49 -44.63
S SO4 G . 14.42 34.17 -33.84
O1 SO4 G . 13.71 35.26 -33.20
O2 SO4 G . 15.65 34.65 -34.40
O3 SO4 G . 14.69 33.16 -32.85
O4 SO4 G . 13.61 33.61 -34.90
S SO4 H . 4.12 7.96 0.87
O1 SO4 H . 3.69 8.79 -0.24
O2 SO4 H . 5.33 8.51 1.42
O3 SO4 H . 4.36 6.62 0.37
O4 SO4 H . 3.10 7.95 1.89
S SO4 I . 11.08 0.93 -13.49
O1 SO4 I . 10.08 1.19 -12.48
O2 SO4 I . 12.18 1.86 -13.35
O3 SO4 I . 11.58 -0.42 -13.33
O4 SO4 I . 10.47 1.05 -14.80
S SO4 J . 26.46 -1.16 9.01
O1 SO4 J . 26.59 -0.16 7.98
O2 SO4 J . 27.74 -1.42 9.59
O3 SO4 J . 25.93 -2.36 8.45
O4 SO4 J . 25.57 -0.66 10.04
S SO4 K . -3.65 13.81 20.65
O1 SO4 K . -4.67 14.41 21.47
O2 SO4 K . -2.94 14.85 19.95
O3 SO4 K . -2.72 13.09 21.47
O4 SO4 K . -4.25 12.91 19.69
S SO4 L . 26.79 10.74 34.46
O1 SO4 L . 27.18 9.58 35.22
O2 SO4 L . 27.57 11.86 34.89
O3 SO4 L . 25.39 11.01 34.66
O4 SO4 L . 27.04 10.49 33.05
C1 NAG M . -1.90 -36.74 1.81
C2 NAG M . -1.66 -35.70 2.96
C3 NAG M . -0.18 -35.32 3.13
C4 NAG M . 0.85 -36.46 2.95
C5 NAG M . 0.50 -37.22 1.62
C6 NAG M . 1.50 -38.35 1.28
C7 NAG M . -3.35 -33.85 3.44
C8 NAG M . -3.74 -32.44 3.08
N2 NAG M . -2.34 -34.40 2.74
O3 NAG M . -0.12 -34.79 4.45
O4 NAG M . 2.23 -35.96 2.99
O5 NAG M . -0.85 -37.72 1.67
O6 NAG M . 1.70 -39.30 2.34
O7 NAG M . -3.95 -34.43 4.32
C1 GOL N . -6.32 -7.33 -8.27
O1 GOL N . -6.67 -8.58 -8.88
C2 GOL N . -5.14 -7.43 -7.32
O2 GOL N . -4.20 -8.43 -7.71
C3 GOL N . -4.41 -6.10 -7.15
O3 GOL N . -3.00 -6.29 -7.12
C1 GOL O . 8.02 -6.99 -9.09
O1 GOL O . 7.84 -5.72 -8.49
C2 GOL O . 7.99 -8.09 -8.06
O2 GOL O . 6.66 -8.60 -7.94
C3 GOL O . 8.95 -9.23 -8.35
O3 GOL O . 9.92 -9.37 -7.32
C1 GOL P . -5.04 -43.00 -23.86
O1 GOL P . -5.89 -41.90 -24.20
C2 GOL P . -3.69 -42.88 -24.54
O2 GOL P . -3.01 -41.73 -24.05
C3 GOL P . -3.78 -42.82 -26.06
O3 GOL P . -2.54 -42.55 -26.67
C1 GOL Q . -18.32 -28.71 44.92
O1 GOL Q . -18.28 -28.26 46.27
C2 GOL Q . -18.46 -27.57 43.92
O2 GOL Q . -17.44 -26.60 44.16
C3 GOL Q . -19.81 -26.89 43.94
O3 GOL Q . -19.71 -25.49 43.73
N1 UGO R . -17.48 -11.34 10.50
N3 UGO R . -10.07 -7.10 7.64
C4 UGO R . -16.33 -13.46 10.08
C5 UGO R . -16.94 -10.72 9.61
C6 UGO R . -15.58 -10.03 10.00
C7 UGO R . -15.08 -8.91 8.98
C8 UGO R . -14.23 -7.77 9.68
C10 UGO R . -11.75 -7.25 10.37
C13 UGO R . -10.56 -5.05 6.32
C15 UGO R . -10.98 -3.13 4.85
C17 UGO R . -10.75 -1.99 2.41
C20 UGO R . -11.89 -3.84 8.55
C21 UGO R . -18.05 -10.48 11.50
C22 UGO R . -18.95 -11.25 12.44
O1 UGO R . -19.20 -13.16 13.87
C1 UGO R . -18.23 -12.33 13.06
C2 UGO R . -17.64 -13.22 12.10
O2 UGO R . -16.82 -14.12 12.84
C3 UGO R . -16.68 -12.49 11.08
O3 UGO R . -17.49 -13.68 9.29
C9 UGO R . -12.68 -7.93 9.37
N2 UGO R . -11.47 -5.84 10.09
C11 UGO R . -11.33 -5.16 8.72
C12 UGO R . -10.67 -5.75 7.61
O4 UGO R . -9.41 -7.59 8.80
O5 UGO R . -10.19 -7.86 6.51
C14 UGO R . -11.10 -3.80 6.18
N4 UGO R . -10.09 -3.60 3.98
C16 UGO R . -9.95 -3.04 2.75
C18 UGO R . -11.72 -1.52 3.37
N5 UGO R . -11.80 -2.11 4.55
C19 UGO R . -11.79 -3.16 7.31
O6 UGO R . -19.48 -10.31 13.47
S SO4 S . 4.78 -17.27 4.79
O1 SO4 S . 4.38 -16.60 3.58
O2 SO4 S . 5.94 -16.64 5.34
O3 SO4 S . 5.11 -18.64 4.53
O4 SO4 S . 3.73 -17.20 5.78
S SO4 T . -45.74 -12.50 10.51
O1 SO4 T . -46.01 -12.43 11.92
O2 SO4 T . -44.45 -11.91 10.24
O3 SO4 T . -45.75 -13.89 10.11
O4 SO4 T . -46.76 -11.78 9.79
S SO4 U . -3.20 -21.66 15.57
O1 SO4 U . -4.07 -20.75 16.27
O2 SO4 U . -2.51 -20.98 14.48
O3 SO4 U . -2.28 -22.26 16.51
O4 SO4 U . -4.04 -22.69 15.03
S SO4 V . -13.42 0.13 21.40
O1 SO4 V . -13.75 1.53 21.44
O2 SO4 V . -11.98 -0.04 21.33
O3 SO4 V . -13.94 -0.52 22.57
O4 SO4 V . -14.01 -0.45 20.22
S SO4 W . 2.77 -24.36 -33.34
O1 SO4 W . 3.75 -25.28 -32.76
O2 SO4 W . 3.43 -23.13 -33.64
O3 SO4 W . 1.68 -24.13 -32.41
O4 SO4 W . 2.21 -24.91 -34.55
#